data_4EPW
# 
_entry.id   4EPW 
# 
_audit_conform.dict_name       mmcif_pdbx.dic 
_audit_conform.dict_version    5.379 
_audit_conform.dict_location   http://mmcif.pdb.org/dictionaries/ascii/mmcif_pdbx.dic 
# 
loop_
_database_2.database_id 
_database_2.database_code 
_database_2.pdbx_database_accession 
_database_2.pdbx_DOI 
PDB   4EPW         pdb_00004epw 10.2210/pdb4epw/pdb 
RCSB  RCSB071924   ?            ?                   
WWPDB D_1000071924 ?            ?                   
# 
loop_
_pdbx_database_related.db_name 
_pdbx_database_related.db_id 
_pdbx_database_related.details 
_pdbx_database_related.content_type 
PDB 4EPR . unspecified 
PDB 4EPT . unspecified 
PDB 4EPV . unspecified 
PDB 4EPX . unspecified 
PDB 4EPY . unspecified 
# 
_pdbx_database_status.status_code                     REL 
_pdbx_database_status.entry_id                        4EPW 
_pdbx_database_status.recvd_initial_deposition_date   2012-04-17 
_pdbx_database_status.deposit_site                    RCSB 
_pdbx_database_status.process_site                    RCSB 
_pdbx_database_status.status_code_sf                  REL 
_pdbx_database_status.status_code_mr                  ? 
_pdbx_database_status.SG_entry                        ? 
_pdbx_database_status.status_code_cs                  ? 
_pdbx_database_status.methods_development_category    ? 
_pdbx_database_status.pdb_format_compatible           Y 
_pdbx_database_status.status_code_nmr_data            ? 
# 
loop_
_audit_author.name 
_audit_author.pdbx_ordinal 
'Sun, Q.'          1 
'Burke, J.P.'      2 
'Phan, J.'         3 
'Burns, M.C.'      4 
'Olejniczak, E.T.' 5 
'Waterson, A.G.'   6 
'Lee, T.'          7 
'Rossanese, O.W.'  8 
'Fesik, S.W.'      9 
# 
_citation.id                        primary 
_citation.title                     'Discovery of Small Molecules that Bind to K-Ras and Inhibit Sos-Mediated Activation.' 
_citation.journal_abbrev            Angew.Chem.Int.Ed.Engl. 
_citation.journal_volume            51 
_citation.page_first                6140 
_citation.page_last                 6143 
_citation.year                      2012 
_citation.journal_id_ASTM           ? 
_citation.country                   GE 
_citation.journal_id_ISSN           1433-7851 
_citation.journal_id_CSD            9999 
_citation.book_publisher            ? 
_citation.pdbx_database_id_PubMed   22566140 
_citation.pdbx_database_id_DOI      10.1002/anie.201201358 
# 
loop_
_citation_author.citation_id 
_citation_author.name 
_citation_author.ordinal 
_citation_author.identifier_ORCID 
primary 'Sun, Q.'          1 ? 
primary 'Burke, J.P.'      2 ? 
primary 'Phan, J.'         3 ? 
primary 'Burns, M.C.'      4 ? 
primary 'Olejniczak, E.T.' 5 ? 
primary 'Waterson, A.G.'   6 ? 
primary 'Lee, T.'          7 ? 
primary 'Rossanese, O.W.'  8 ? 
primary 'Fesik, S.W.'      9 ? 
# 
_cell.entry_id           4EPW 
_cell.length_a           39.219 
_cell.length_b           41.924 
_cell.length_c           91.448 
_cell.angle_alpha        90.00 
_cell.angle_beta         90.00 
_cell.angle_gamma        90.00 
_cell.Z_PDB              4 
_cell.pdbx_unique_axis   ? 
_cell.length_a_esd       ? 
_cell.length_b_esd       ? 
_cell.length_c_esd       ? 
_cell.angle_alpha_esd    ? 
_cell.angle_beta_esd     ? 
_cell.angle_gamma_esd    ? 
# 
_symmetry.entry_id                         4EPW 
_symmetry.space_group_name_H-M             'P 21 21 21' 
_symmetry.pdbx_full_space_group_name_H-M   ? 
_symmetry.cell_setting                     ? 
_symmetry.Int_Tables_number                19 
_symmetry.space_group_name_Hall            ? 
# 
loop_
_entity.id 
_entity.type 
_entity.src_method 
_entity.pdbx_description 
_entity.formula_weight 
_entity.pdbx_number_of_molecules 
_entity.pdbx_ec 
_entity.pdbx_mutation 
_entity.pdbx_fragment 
_entity.details 
1 polymer     man 'GTPase KRas'                                           19312.746 1   3.6.5.2 C118S Catalytic ? 
2 non-polymer syn "GUANOSINE-5'-DIPHOSPHATE"                              443.201   1   ?       ?     ?         ? 
3 non-polymer syn 'MAGNESIUM ION'                                         24.305    1   ?       ?     ?         ? 
4 non-polymer syn '(4-hydroxypiperidin-1-yl)(1H-indol-3-yl)methanethione' 260.355   1   ?       ?     ?         ? 
5 water       nat water                                                   18.015    162 ?       ?     ?         ? 
# 
_entity_name_com.entity_id   1 
_entity_name_com.name        'K-Ras 2, Ki-Ras, c-K-ras, c-Ki-ras, GTPase KRas, N-terminally processed' 
# 
_entity_poly.entity_id                      1 
_entity_poly.type                           'polypeptide(L)' 
_entity_poly.nstd_linkage                   no 
_entity_poly.nstd_monomer                   no 
_entity_poly.pdbx_seq_one_letter_code       
;GMTEYKLVVVGAGGVGKSALTIQLIQNHFVDEYDPTIEDSYRKQVVIDGETCLLDILDTAGQEEYSAMRDQYMRTGEGFL
CVFAINNTKSFEDIHHYREQIKRVKDSEDVPMVLVGNKSDLPSRTVDTKQAQDLARSYGIPFIETSAKTRQGVDDAFYTL
VREIRKHKEK
;
_entity_poly.pdbx_seq_one_letter_code_can   
;GMTEYKLVVVGAGGVGKSALTIQLIQNHFVDEYDPTIEDSYRKQVVIDGETCLLDILDTAGQEEYSAMRDQYMRTGEGFL
CVFAINNTKSFEDIHHYREQIKRVKDSEDVPMVLVGNKSDLPSRTVDTKQAQDLARSYGIPFIETSAKTRQGVDDAFYTL
VREIRKHKEK
;
_entity_poly.pdbx_strand_id                 A 
_entity_poly.pdbx_target_identifier         ? 
# 
loop_
_entity_poly_seq.entity_id 
_entity_poly_seq.num 
_entity_poly_seq.mon_id 
_entity_poly_seq.hetero 
1 1   GLY n 
1 2   MET n 
1 3   THR n 
1 4   GLU n 
1 5   TYR n 
1 6   LYS n 
1 7   LEU n 
1 8   VAL n 
1 9   VAL n 
1 10  VAL n 
1 11  GLY n 
1 12  ALA n 
1 13  GLY n 
1 14  GLY n 
1 15  VAL n 
1 16  GLY n 
1 17  LYS n 
1 18  SER n 
1 19  ALA n 
1 20  LEU n 
1 21  THR n 
1 22  ILE n 
1 23  GLN n 
1 24  LEU n 
1 25  ILE n 
1 26  GLN n 
1 27  ASN n 
1 28  HIS n 
1 29  PHE n 
1 30  VAL n 
1 31  ASP n 
1 32  GLU n 
1 33  TYR n 
1 34  ASP n 
1 35  PRO n 
1 36  THR n 
1 37  ILE n 
1 38  GLU n 
1 39  ASP n 
1 40  SER n 
1 41  TYR n 
1 42  ARG n 
1 43  LYS n 
1 44  GLN n 
1 45  VAL n 
1 46  VAL n 
1 47  ILE n 
1 48  ASP n 
1 49  GLY n 
1 50  GLU n 
1 51  THR n 
1 52  CYS n 
1 53  LEU n 
1 54  LEU n 
1 55  ASP n 
1 56  ILE n 
1 57  LEU n 
1 58  ASP n 
1 59  THR n 
1 60  ALA n 
1 61  GLY n 
1 62  GLN n 
1 63  GLU n 
1 64  GLU n 
1 65  TYR n 
1 66  SER n 
1 67  ALA n 
1 68  MET n 
1 69  ARG n 
1 70  ASP n 
1 71  GLN n 
1 72  TYR n 
1 73  MET n 
1 74  ARG n 
1 75  THR n 
1 76  GLY n 
1 77  GLU n 
1 78  GLY n 
1 79  PHE n 
1 80  LEU n 
1 81  CYS n 
1 82  VAL n 
1 83  PHE n 
1 84  ALA n 
1 85  ILE n 
1 86  ASN n 
1 87  ASN n 
1 88  THR n 
1 89  LYS n 
1 90  SER n 
1 91  PHE n 
1 92  GLU n 
1 93  ASP n 
1 94  ILE n 
1 95  HIS n 
1 96  HIS n 
1 97  TYR n 
1 98  ARG n 
1 99  GLU n 
1 100 GLN n 
1 101 ILE n 
1 102 LYS n 
1 103 ARG n 
1 104 VAL n 
1 105 LYS n 
1 106 ASP n 
1 107 SER n 
1 108 GLU n 
1 109 ASP n 
1 110 VAL n 
1 111 PRO n 
1 112 MET n 
1 113 VAL n 
1 114 LEU n 
1 115 VAL n 
1 116 GLY n 
1 117 ASN n 
1 118 LYS n 
1 119 SER n 
1 120 ASP n 
1 121 LEU n 
1 122 PRO n 
1 123 SER n 
1 124 ARG n 
1 125 THR n 
1 126 VAL n 
1 127 ASP n 
1 128 THR n 
1 129 LYS n 
1 130 GLN n 
1 131 ALA n 
1 132 GLN n 
1 133 ASP n 
1 134 LEU n 
1 135 ALA n 
1 136 ARG n 
1 137 SER n 
1 138 TYR n 
1 139 GLY n 
1 140 ILE n 
1 141 PRO n 
1 142 PHE n 
1 143 ILE n 
1 144 GLU n 
1 145 THR n 
1 146 SER n 
1 147 ALA n 
1 148 LYS n 
1 149 THR n 
1 150 ARG n 
1 151 GLN n 
1 152 GLY n 
1 153 VAL n 
1 154 ASP n 
1 155 ASP n 
1 156 ALA n 
1 157 PHE n 
1 158 TYR n 
1 159 THR n 
1 160 LEU n 
1 161 VAL n 
1 162 ARG n 
1 163 GLU n 
1 164 ILE n 
1 165 ARG n 
1 166 LYS n 
1 167 HIS n 
1 168 LYS n 
1 169 GLU n 
1 170 LYS n 
# 
_entity_src_gen.entity_id                          1 
_entity_src_gen.pdbx_src_id                        1 
_entity_src_gen.pdbx_alt_source_flag               sample 
_entity_src_gen.pdbx_seq_type                      ? 
_entity_src_gen.pdbx_beg_seq_num                   ? 
_entity_src_gen.pdbx_end_seq_num                   ? 
_entity_src_gen.gene_src_common_name               human 
_entity_src_gen.gene_src_genus                     ? 
_entity_src_gen.pdbx_gene_src_gene                 'KRAS, KRAS2, RASK2' 
_entity_src_gen.gene_src_species                   ? 
_entity_src_gen.gene_src_strain                    ? 
_entity_src_gen.gene_src_tissue                    ? 
_entity_src_gen.gene_src_tissue_fraction           ? 
_entity_src_gen.gene_src_details                   ? 
_entity_src_gen.pdbx_gene_src_fragment             ? 
_entity_src_gen.pdbx_gene_src_scientific_name      'Homo sapiens' 
_entity_src_gen.pdbx_gene_src_ncbi_taxonomy_id     9606 
_entity_src_gen.pdbx_gene_src_variant              ? 
_entity_src_gen.pdbx_gene_src_cell_line            ? 
_entity_src_gen.pdbx_gene_src_atcc                 ? 
_entity_src_gen.pdbx_gene_src_organ                ? 
_entity_src_gen.pdbx_gene_src_organelle            ? 
_entity_src_gen.pdbx_gene_src_cell                 ? 
_entity_src_gen.pdbx_gene_src_cellular_location    ? 
_entity_src_gen.host_org_common_name               ? 
_entity_src_gen.pdbx_host_org_scientific_name      'Escherichia coli' 
_entity_src_gen.pdbx_host_org_ncbi_taxonomy_id     562 
_entity_src_gen.host_org_genus                     ? 
_entity_src_gen.pdbx_host_org_gene                 ? 
_entity_src_gen.pdbx_host_org_organ                ? 
_entity_src_gen.host_org_species                   ? 
_entity_src_gen.pdbx_host_org_tissue               ? 
_entity_src_gen.pdbx_host_org_tissue_fraction      ? 
_entity_src_gen.pdbx_host_org_strain               ? 
_entity_src_gen.pdbx_host_org_variant              ? 
_entity_src_gen.pdbx_host_org_cell_line            ? 
_entity_src_gen.pdbx_host_org_atcc                 ? 
_entity_src_gen.pdbx_host_org_culture_collection   ? 
_entity_src_gen.pdbx_host_org_cell                 ? 
_entity_src_gen.pdbx_host_org_organelle            ? 
_entity_src_gen.pdbx_host_org_cellular_location    ? 
_entity_src_gen.pdbx_host_org_vector_type          ? 
_entity_src_gen.pdbx_host_org_vector               ? 
_entity_src_gen.host_org_details                   ? 
_entity_src_gen.expression_system_id               ? 
_entity_src_gen.plasmid_name                       ? 
_entity_src_gen.plasmid_details                    ? 
_entity_src_gen.pdbx_description                   ? 
# 
_struct_ref.id                         1 
_struct_ref.db_name                    UNP 
_struct_ref.db_code                    RASK_HUMAN 
_struct_ref.pdbx_db_accession          P01116 
_struct_ref.entity_id                  1 
_struct_ref.pdbx_seq_one_letter_code   
;MTEYKLVVVGAGGVGKSALTIQLIQNHFVDEYDPTIEDSYRKQVVIDGETCLLDILDTAGQEEYSAMRDQYMRTGEGFLC
VFAINNTKSFEDIHHYREQIKRVKDSEDVPMVLVGNKCDLPSRTVDTKQAQDLARSYGIPFIETSAKTRQGVDDAFYTLV
REIRKHKEK
;
_struct_ref.pdbx_align_begin           1 
_struct_ref.pdbx_db_isoform            ? 
# 
_struct_ref_seq.align_id                      1 
_struct_ref_seq.ref_id                        1 
_struct_ref_seq.pdbx_PDB_id_code              4EPW 
_struct_ref_seq.pdbx_strand_id                A 
_struct_ref_seq.seq_align_beg                 2 
_struct_ref_seq.pdbx_seq_align_beg_ins_code   ? 
_struct_ref_seq.seq_align_end                 170 
_struct_ref_seq.pdbx_seq_align_end_ins_code   ? 
_struct_ref_seq.pdbx_db_accession             P01116 
_struct_ref_seq.db_align_beg                  1 
_struct_ref_seq.pdbx_db_align_beg_ins_code    ? 
_struct_ref_seq.db_align_end                  169 
_struct_ref_seq.pdbx_db_align_end_ins_code    ? 
_struct_ref_seq.pdbx_auth_seq_align_beg       1 
_struct_ref_seq.pdbx_auth_seq_align_end       169 
# 
loop_
_struct_ref_seq_dif.align_id 
_struct_ref_seq_dif.pdbx_pdb_id_code 
_struct_ref_seq_dif.mon_id 
_struct_ref_seq_dif.pdbx_pdb_strand_id 
_struct_ref_seq_dif.seq_num 
_struct_ref_seq_dif.pdbx_pdb_ins_code 
_struct_ref_seq_dif.pdbx_seq_db_name 
_struct_ref_seq_dif.pdbx_seq_db_accession_code 
_struct_ref_seq_dif.db_mon_id 
_struct_ref_seq_dif.pdbx_seq_db_seq_num 
_struct_ref_seq_dif.details 
_struct_ref_seq_dif.pdbx_auth_seq_num 
_struct_ref_seq_dif.pdbx_ordinal 
1 4EPW GLY A 1   ? UNP P01116 ?   ?   'expression tag'      0   1 
1 4EPW SER A 119 ? UNP P01116 CYS 118 'engineered mutation' 118 2 
# 
loop_
_chem_comp.id 
_chem_comp.type 
_chem_comp.mon_nstd_flag 
_chem_comp.name 
_chem_comp.pdbx_synonyms 
_chem_comp.formula 
_chem_comp.formula_weight 
0QV non-polymer         . '(4-hydroxypiperidin-1-yl)(1H-indol-3-yl)methanethione' ? 'C14 H16 N2 O S'    260.355 
ALA 'L-peptide linking' y ALANINE                                                 ? 'C3 H7 N O2'        89.093  
ARG 'L-peptide linking' y ARGININE                                                ? 'C6 H15 N4 O2 1'    175.209 
ASN 'L-peptide linking' y ASPARAGINE                                              ? 'C4 H8 N2 O3'       132.118 
ASP 'L-peptide linking' y 'ASPARTIC ACID'                                         ? 'C4 H7 N O4'        133.103 
CYS 'L-peptide linking' y CYSTEINE                                                ? 'C3 H7 N O2 S'      121.158 
GDP 'RNA linking'       n "GUANOSINE-5'-DIPHOSPHATE"                              ? 'C10 H15 N5 O11 P2' 443.201 
GLN 'L-peptide linking' y GLUTAMINE                                               ? 'C5 H10 N2 O3'      146.144 
GLU 'L-peptide linking' y 'GLUTAMIC ACID'                                         ? 'C5 H9 N O4'        147.129 
GLY 'peptide linking'   y GLYCINE                                                 ? 'C2 H5 N O2'        75.067  
HIS 'L-peptide linking' y HISTIDINE                                               ? 'C6 H10 N3 O2 1'    156.162 
HOH non-polymer         . WATER                                                   ? 'H2 O'              18.015  
ILE 'L-peptide linking' y ISOLEUCINE                                              ? 'C6 H13 N O2'       131.173 
LEU 'L-peptide linking' y LEUCINE                                                 ? 'C6 H13 N O2'       131.173 
LYS 'L-peptide linking' y LYSINE                                                  ? 'C6 H15 N2 O2 1'    147.195 
MET 'L-peptide linking' y METHIONINE                                              ? 'C5 H11 N O2 S'     149.211 
MG  non-polymer         . 'MAGNESIUM ION'                                         ? 'Mg 2'              24.305  
PHE 'L-peptide linking' y PHENYLALANINE                                           ? 'C9 H11 N O2'       165.189 
PRO 'L-peptide linking' y PROLINE                                                 ? 'C5 H9 N O2'        115.130 
SER 'L-peptide linking' y SERINE                                                  ? 'C3 H7 N O3'        105.093 
THR 'L-peptide linking' y THREONINE                                               ? 'C4 H9 N O3'        119.119 
TYR 'L-peptide linking' y TYROSINE                                                ? 'C9 H11 N O3'       181.189 
VAL 'L-peptide linking' y VALINE                                                  ? 'C5 H11 N O2'       117.146 
# 
_exptl.entry_id          4EPW 
_exptl.method            'X-RAY DIFFRACTION' 
_exptl.crystals_number   1 
# 
_exptl_crystal.id                    1 
_exptl_crystal.density_meas          ? 
_exptl_crystal.density_Matthews      1.95 
_exptl_crystal.density_percent_sol   36.81 
_exptl_crystal.description           ? 
_exptl_crystal.F_000                 ? 
_exptl_crystal.preparation           ? 
# 
_exptl_crystal_grow.crystal_id      1 
_exptl_crystal_grow.method          'VAPOR DIFFUSION, SITTING DROP' 
_exptl_crystal_grow.temp            291 
_exptl_crystal_grow.temp_details    ? 
_exptl_crystal_grow.pH              ? 
_exptl_crystal_grow.pdbx_details    '32% PEG1500, 0.7% 1-Butanol, pH 6.1-8.7, VAPOR DIFFUSION, SITTING DROP, temperature 291K' 
_exptl_crystal_grow.pdbx_pH_range   6.1-8.7 
# 
_diffrn.id                     1 
_diffrn.ambient_temp           100 
_diffrn.ambient_temp_details   ? 
_diffrn.crystal_id             1 
# 
_diffrn_detector.diffrn_id              1 
_diffrn_detector.detector               CCD 
_diffrn_detector.type                   'Bruker Platinum 135' 
_diffrn_detector.pdbx_collection_date   2010-04-01 
_diffrn_detector.details                ? 
# 
_diffrn_radiation.diffrn_id                        1 
_diffrn_radiation.wavelength_id                    1 
_diffrn_radiation.pdbx_monochromatic_or_laue_m_l   M 
_diffrn_radiation.monochromator                    'Montel confocal, multi-layer mirrors' 
_diffrn_radiation.pdbx_diffrn_protocol             'SINGLE WAVELENGTH' 
_diffrn_radiation.pdbx_scattering_type             x-ray 
# 
_diffrn_radiation_wavelength.id           1 
_diffrn_radiation_wavelength.wavelength   1.5418 
_diffrn_radiation_wavelength.wt           1.0 
# 
_diffrn_source.diffrn_id                   1 
_diffrn_source.source                      'ROTATING ANODE' 
_diffrn_source.type                        'BRUKER AXS MICROSTAR' 
_diffrn_source.pdbx_synchrotron_site       ? 
_diffrn_source.pdbx_synchrotron_beamline   ? 
_diffrn_source.pdbx_wavelength             ? 
_diffrn_source.pdbx_wavelength_list        1.5418 
# 
_reflns.entry_id                     4EPW 
_reflns.observed_criterion_sigma_I   -3 
_reflns.observed_criterion_sigma_F   0 
_reflns.d_resolution_low             45.72 
_reflns.d_resolution_high            1.7 
_reflns.number_obs                   16370 
_reflns.number_all                   17334 
_reflns.percent_possible_obs         94.4 
_reflns.pdbx_Rmerge_I_obs            0.106 
_reflns.pdbx_Rsym_value              ? 
_reflns.pdbx_netI_over_sigmaI        8.6 
_reflns.B_iso_Wilson_estimate        ? 
_reflns.pdbx_redundancy              ? 
_reflns.R_free_details               ? 
_reflns.limit_h_max                  ? 
_reflns.limit_h_min                  ? 
_reflns.limit_k_max                  ? 
_reflns.limit_k_min                  ? 
_reflns.limit_l_max                  ? 
_reflns.limit_l_min                  ? 
_reflns.observed_criterion_F_max     ? 
_reflns.observed_criterion_F_min     ? 
_reflns.pdbx_chi_squared             ? 
_reflns.pdbx_scaling_rejects         ? 
_reflns.pdbx_ordinal                 1 
_reflns.pdbx_diffrn_id               1 
# 
_reflns_shell.d_res_high             1.7 
_reflns_shell.d_res_low              1.73 
_reflns_shell.percent_possible_all   83.8 
_reflns_shell.Rmerge_I_obs           0.151 
_reflns_shell.pdbx_Rsym_value        ? 
_reflns_shell.meanI_over_sigI_obs    4.3 
_reflns_shell.pdbx_redundancy        1.8 
_reflns_shell.percent_possible_obs   ? 
_reflns_shell.number_unique_all      ? 
_reflns_shell.number_measured_all    ? 
_reflns_shell.number_measured_obs    ? 
_reflns_shell.number_unique_obs      ? 
_reflns_shell.pdbx_chi_squared       ? 
_reflns_shell.pdbx_ordinal           1 
_reflns_shell.pdbx_diffrn_id         1 
# 
_refine.entry_id                                 4EPW 
_refine.ls_number_reflns_obs                     15325 
_refine.ls_number_reflns_all                     17334 
_refine.pdbx_ls_sigma_I                          ? 
_refine.pdbx_ls_sigma_F                          . 
_refine.pdbx_data_cutoff_high_absF               ? 
_refine.pdbx_data_cutoff_low_absF                ? 
_refine.pdbx_data_cutoff_high_rms_absF           ? 
_refine.ls_d_res_low                             45.72 
_refine.ls_d_res_high                            1.70 
_refine.ls_percent_reflns_obs                    93.31 
_refine.ls_R_factor_obs                          0.18830 
_refine.ls_R_factor_all                          ? 
_refine.ls_R_factor_R_work                       0.18565 
_refine.ls_R_factor_R_free                       0.24000 
_refine.ls_R_factor_R_free_error                 ? 
_refine.ls_R_factor_R_free_error_details         ? 
_refine.ls_percent_reflns_R_free                 5.0 
_refine.ls_number_reflns_R_free                  810 
_refine.ls_number_parameters                     ? 
_refine.ls_number_restraints                     ? 
_refine.occupancy_min                            ? 
_refine.occupancy_max                            ? 
_refine.correlation_coeff_Fo_to_Fc               0.954 
_refine.correlation_coeff_Fo_to_Fc_free          0.932 
_refine.B_iso_mean                               17.211 
_refine.aniso_B[1][1]                            -0.84 
_refine.aniso_B[2][2]                            1.29 
_refine.aniso_B[3][3]                            -0.44 
_refine.aniso_B[1][2]                            0.00 
_refine.aniso_B[1][3]                            0.00 
_refine.aniso_B[2][3]                            0.00 
_refine.solvent_model_details                    MASK 
_refine.solvent_model_param_ksol                 ? 
_refine.solvent_model_param_bsol                 ? 
_refine.pdbx_solvent_vdw_probe_radii             1.40 
_refine.pdbx_solvent_ion_probe_radii             0.80 
_refine.pdbx_solvent_shrinkage_radii             0.80 
_refine.pdbx_ls_cross_valid_method               THROUGHOUT 
_refine.details                                  'HYDROGENS HAVE BEEN ADDED IN THE RIDING POSITIONS' 
_refine.pdbx_starting_model                      4EPV 
_refine.pdbx_method_to_determine_struct          'MOLECULAR REPLACEMENT' 
_refine.pdbx_isotropic_thermal_model             ? 
_refine.pdbx_stereochemistry_target_values       'MAXIMUM LIKELIHOOD' 
_refine.pdbx_stereochem_target_val_spec_case     ? 
_refine.pdbx_R_Free_selection_details            RANDOM 
_refine.pdbx_overall_ESU_R                       0.136 
_refine.pdbx_overall_ESU_R_Free                  0.136 
_refine.overall_SU_ML                            0.090 
_refine.pdbx_overall_phase_error                 ? 
_refine.overall_SU_B                             2.684 
_refine.overall_SU_R_Cruickshank_DPI             ? 
_refine.ls_redundancy_reflns_obs                 ? 
_refine.B_iso_min                                ? 
_refine.B_iso_max                                ? 
_refine.overall_SU_R_free                        ? 
_refine.ls_wR_factor_R_free                      ? 
_refine.ls_wR_factor_R_work                      ? 
_refine.overall_FOM_free_R_set                   ? 
_refine.overall_FOM_work_R_set                   ? 
_refine.pdbx_diffrn_id                           1 
_refine.pdbx_refine_id                           'X-RAY DIFFRACTION' 
_refine.pdbx_TLS_residual_ADP_flag               ? 
_refine.pdbx_overall_SU_R_free_Cruickshank_DPI   ? 
_refine.pdbx_overall_SU_R_Blow_DPI               ? 
_refine.pdbx_overall_SU_R_free_Blow_DPI          ? 
# 
_refine_hist.pdbx_refine_id                   'X-RAY DIFFRACTION' 
_refine_hist.cycle_id                         LAST 
_refine_hist.pdbx_number_atoms_protein        1355 
_refine_hist.pdbx_number_atoms_nucleic_acid   0 
_refine_hist.pdbx_number_atoms_ligand         47 
_refine_hist.number_atoms_solvent             162 
_refine_hist.number_atoms_total               1564 
_refine_hist.d_res_high                       1.70 
_refine_hist.d_res_low                        45.72 
# 
loop_
_refine_ls_restr.type 
_refine_ls_restr.dev_ideal 
_refine_ls_restr.dev_ideal_target 
_refine_ls_restr.weight 
_refine_ls_restr.number 
_refine_ls_restr.pdbx_restraint_function 
_refine_ls_restr.pdbx_refine_id 
r_bond_refined_d             0.026  0.022  ? 1426 ? 'X-RAY DIFFRACTION' 
r_bond_other_d               ?      ?      ? ?    ? 'X-RAY DIFFRACTION' 
r_angle_refined_deg          2.078  2.001  ? 1930 ? 'X-RAY DIFFRACTION' 
r_angle_other_deg            ?      ?      ? ?    ? 'X-RAY DIFFRACTION' 
r_dihedral_angle_1_deg       6.017  5.000  ? 169  ? 'X-RAY DIFFRACTION' 
r_dihedral_angle_2_deg       36.962 24.493 ? 69   ? 'X-RAY DIFFRACTION' 
r_dihedral_angle_3_deg       14.616 15.000 ? 253  ? 'X-RAY DIFFRACTION' 
r_dihedral_angle_4_deg       21.373 15.000 ? 10   ? 'X-RAY DIFFRACTION' 
r_chiral_restr               0.132  0.200  ? 212  ? 'X-RAY DIFFRACTION' 
r_gen_planes_refined         0.012  0.021  ? 1068 ? 'X-RAY DIFFRACTION' 
r_gen_planes_other           ?      ?      ? ?    ? 'X-RAY DIFFRACTION' 
r_nbd_refined                ?      ?      ? ?    ? 'X-RAY DIFFRACTION' 
r_nbd_other                  ?      ?      ? ?    ? 'X-RAY DIFFRACTION' 
r_nbtor_refined              ?      ?      ? ?    ? 'X-RAY DIFFRACTION' 
r_nbtor_other                ?      ?      ? ?    ? 'X-RAY DIFFRACTION' 
r_xyhbond_nbd_refined        ?      ?      ? ?    ? 'X-RAY DIFFRACTION' 
r_xyhbond_nbd_other          ?      ?      ? ?    ? 'X-RAY DIFFRACTION' 
r_metal_ion_refined          ?      ?      ? ?    ? 'X-RAY DIFFRACTION' 
r_metal_ion_other            ?      ?      ? ?    ? 'X-RAY DIFFRACTION' 
r_symmetry_vdw_refined       ?      ?      ? ?    ? 'X-RAY DIFFRACTION' 
r_symmetry_vdw_other         ?      ?      ? ?    ? 'X-RAY DIFFRACTION' 
r_symmetry_hbond_refined     ?      ?      ? ?    ? 'X-RAY DIFFRACTION' 
r_symmetry_hbond_other       ?      ?      ? ?    ? 'X-RAY DIFFRACTION' 
r_symmetry_metal_ion_refined ?      ?      ? ?    ? 'X-RAY DIFFRACTION' 
r_symmetry_metal_ion_other   ?      ?      ? ?    ? 'X-RAY DIFFRACTION' 
r_mcbond_it                  1.272  1.500  ? 842  ? 'X-RAY DIFFRACTION' 
r_mcbond_other               ?      ?      ? ?    ? 'X-RAY DIFFRACTION' 
r_mcangle_it                 1.986  2.000  ? 1364 ? 'X-RAY DIFFRACTION' 
r_scbond_it                  3.148  3.000  ? 584  ? 'X-RAY DIFFRACTION' 
r_scangle_it                 4.826  4.500  ? 566  ? 'X-RAY DIFFRACTION' 
r_rigid_bond_restr           ?      ?      ? ?    ? 'X-RAY DIFFRACTION' 
r_sphericity_free            ?      ?      ? ?    ? 'X-RAY DIFFRACTION' 
r_sphericity_bonded          ?      ?      ? ?    ? 'X-RAY DIFFRACTION' 
# 
_refine_ls_shell.pdbx_total_number_of_bins_used   20 
_refine_ls_shell.d_res_high                       1.698 
_refine_ls_shell.d_res_low                        1.742 
_refine_ls_shell.number_reflns_R_work             1013 
_refine_ls_shell.R_factor_R_work                  0.202 
_refine_ls_shell.percent_reflns_obs               84.24 
_refine_ls_shell.R_factor_R_free                  0.295 
_refine_ls_shell.R_factor_R_free_error            ? 
_refine_ls_shell.percent_reflns_R_free            ? 
_refine_ls_shell.number_reflns_R_free             56 
_refine_ls_shell.number_reflns_all                ? 
_refine_ls_shell.R_factor_all                     ? 
_refine_ls_shell.number_reflns_obs                ? 
_refine_ls_shell.redundancy_reflns_obs            ? 
_refine_ls_shell.pdbx_refine_id                   'X-RAY DIFFRACTION' 
# 
_struct.entry_id                  4EPW 
_struct.title                     'Discovery of Small Molecules that Bind to K-Ras and Inhibit Sos-mediated Activation' 
_struct.pdbx_model_details        ? 
_struct.pdbx_CASP_flag            ? 
_struct.pdbx_model_type_details   ? 
# 
_struct_keywords.entry_id        4EPW 
_struct_keywords.pdbx_keywords   'PROTEIN BINDING' 
_struct_keywords.text            
'small GTPase, Signaling Transduction, SOS, Raf, Ral, PI3K, cytosol, binder, PROTEIN BINDING, Inhibitor of Sos-mediated activation' 
# 
loop_
_struct_asym.id 
_struct_asym.pdbx_blank_PDB_chainid_flag 
_struct_asym.pdbx_modified 
_struct_asym.entity_id 
_struct_asym.details 
A N N 1 ? 
B N N 2 ? 
C N N 3 ? 
D N N 4 ? 
E N N 5 ? 
# 
_struct_biol.id        1 
_struct_biol.details   ? 
# 
loop_
_struct_conf.conf_type_id 
_struct_conf.id 
_struct_conf.pdbx_PDB_helix_id 
_struct_conf.beg_label_comp_id 
_struct_conf.beg_label_asym_id 
_struct_conf.beg_label_seq_id 
_struct_conf.pdbx_beg_PDB_ins_code 
_struct_conf.end_label_comp_id 
_struct_conf.end_label_asym_id 
_struct_conf.end_label_seq_id 
_struct_conf.pdbx_end_PDB_ins_code 
_struct_conf.beg_auth_comp_id 
_struct_conf.beg_auth_asym_id 
_struct_conf.beg_auth_seq_id 
_struct_conf.end_auth_comp_id 
_struct_conf.end_auth_asym_id 
_struct_conf.end_auth_seq_id 
_struct_conf.pdbx_PDB_helix_class 
_struct_conf.details 
_struct_conf.pdbx_PDB_helix_length 
HELX_P HELX_P1 1 GLY A 16  ? ASN A 27  ? GLY A 15  ASN A 26  1 ? 12 
HELX_P HELX_P2 2 TYR A 65  ? GLY A 76  ? TYR A 64  GLY A 75  1 ? 12 
HELX_P HELX_P3 3 ASN A 87  ? ASP A 93  ? ASN A 86  ASP A 92  1 ? 7  
HELX_P HELX_P4 4 ASP A 93  ? ASP A 106 ? ASP A 92  ASP A 105 1 ? 14 
HELX_P HELX_P5 5 ASP A 127 ? GLY A 139 ? ASP A 126 GLY A 138 1 ? 13 
HELX_P HELX_P6 6 GLY A 152 ? GLU A 169 ? GLY A 151 GLU A 168 1 ? 18 
# 
_struct_conf_type.id          HELX_P 
_struct_conf_type.criteria    ? 
_struct_conf_type.reference   ? 
# 
loop_
_struct_conn.id 
_struct_conn.conn_type_id 
_struct_conn.pdbx_leaving_atom_flag 
_struct_conn.pdbx_PDB_id 
_struct_conn.ptnr1_label_asym_id 
_struct_conn.ptnr1_label_comp_id 
_struct_conn.ptnr1_label_seq_id 
_struct_conn.ptnr1_label_atom_id 
_struct_conn.pdbx_ptnr1_label_alt_id 
_struct_conn.pdbx_ptnr1_PDB_ins_code 
_struct_conn.pdbx_ptnr1_standard_comp_id 
_struct_conn.ptnr1_symmetry 
_struct_conn.ptnr2_label_asym_id 
_struct_conn.ptnr2_label_comp_id 
_struct_conn.ptnr2_label_seq_id 
_struct_conn.ptnr2_label_atom_id 
_struct_conn.pdbx_ptnr2_label_alt_id 
_struct_conn.pdbx_ptnr2_PDB_ins_code 
_struct_conn.ptnr1_auth_asym_id 
_struct_conn.ptnr1_auth_comp_id 
_struct_conn.ptnr1_auth_seq_id 
_struct_conn.ptnr2_auth_asym_id 
_struct_conn.ptnr2_auth_comp_id 
_struct_conn.ptnr2_auth_seq_id 
_struct_conn.ptnr2_symmetry 
_struct_conn.pdbx_ptnr3_label_atom_id 
_struct_conn.pdbx_ptnr3_label_seq_id 
_struct_conn.pdbx_ptnr3_label_comp_id 
_struct_conn.pdbx_ptnr3_label_asym_id 
_struct_conn.pdbx_ptnr3_label_alt_id 
_struct_conn.pdbx_ptnr3_PDB_ins_code 
_struct_conn.details 
_struct_conn.pdbx_dist_value 
_struct_conn.pdbx_value_order 
_struct_conn.pdbx_role 
metalc1 metalc ? ? A SER 18 OG  ? ? ? 1_555 C MG  . MG ? ? A SER 17  A MG  202 1_555 ? ? ? ? ? ? ? 2.113 ? ? 
metalc2 metalc ? ? B GDP .  O2B ? ? ? 1_555 C MG  . MG ? ? A GDP 201 A MG  202 1_555 ? ? ? ? ? ? ? 2.014 ? ? 
metalc3 metalc ? ? C MG  .  MG  ? ? ? 1_555 E HOH . O  ? ? A MG  202 A HOH 313 1_555 ? ? ? ? ? ? ? 2.114 ? ? 
metalc4 metalc ? ? C MG  .  MG  ? ? ? 1_555 E HOH . O  ? ? A MG  202 A HOH 315 1_555 ? ? ? ? ? ? ? 2.005 ? ? 
metalc5 metalc ? ? C MG  .  MG  ? ? ? 1_555 E HOH . O  ? ? A MG  202 A HOH 326 1_555 ? ? ? ? ? ? ? 2.207 ? ? 
metalc6 metalc ? ? C MG  .  MG  ? ? ? 1_555 E HOH . O  ? ? A MG  202 A HOH 332 1_555 ? ? ? ? ? ? ? 2.092 ? ? 
# 
_struct_conn_type.id          metalc 
_struct_conn_type.criteria    ? 
_struct_conn_type.reference   ? 
# 
_struct_sheet.id               A 
_struct_sheet.type             ? 
_struct_sheet.number_strands   6 
_struct_sheet.details          ? 
# 
loop_
_struct_sheet_order.sheet_id 
_struct_sheet_order.range_id_1 
_struct_sheet_order.range_id_2 
_struct_sheet_order.offset 
_struct_sheet_order.sense 
A 1 2 ? anti-parallel 
A 2 3 ? parallel      
A 3 4 ? parallel      
A 4 5 ? parallel      
A 5 6 ? parallel      
# 
loop_
_struct_sheet_range.sheet_id 
_struct_sheet_range.id 
_struct_sheet_range.beg_label_comp_id 
_struct_sheet_range.beg_label_asym_id 
_struct_sheet_range.beg_label_seq_id 
_struct_sheet_range.pdbx_beg_PDB_ins_code 
_struct_sheet_range.end_label_comp_id 
_struct_sheet_range.end_label_asym_id 
_struct_sheet_range.end_label_seq_id 
_struct_sheet_range.pdbx_end_PDB_ins_code 
_struct_sheet_range.beg_auth_comp_id 
_struct_sheet_range.beg_auth_asym_id 
_struct_sheet_range.beg_auth_seq_id 
_struct_sheet_range.end_auth_comp_id 
_struct_sheet_range.end_auth_asym_id 
_struct_sheet_range.end_auth_seq_id 
A 1 ASP A 39  ? ILE A 47  ? ASP A 38  ILE A 46  
A 2 GLU A 50  ? ASP A 58  ? GLU A 49  ASP A 57  
A 3 GLU A 4   ? VAL A 10  ? GLU A 3   VAL A 9   
A 4 GLY A 78  ? ALA A 84  ? GLY A 77  ALA A 83  
A 5 MET A 112 ? ASN A 117 ? MET A 111 ASN A 116 
A 6 PHE A 142 ? GLU A 144 ? PHE A 141 GLU A 143 
# 
loop_
_pdbx_struct_sheet_hbond.sheet_id 
_pdbx_struct_sheet_hbond.range_id_1 
_pdbx_struct_sheet_hbond.range_id_2 
_pdbx_struct_sheet_hbond.range_1_label_atom_id 
_pdbx_struct_sheet_hbond.range_1_label_comp_id 
_pdbx_struct_sheet_hbond.range_1_label_asym_id 
_pdbx_struct_sheet_hbond.range_1_label_seq_id 
_pdbx_struct_sheet_hbond.range_1_PDB_ins_code 
_pdbx_struct_sheet_hbond.range_1_auth_atom_id 
_pdbx_struct_sheet_hbond.range_1_auth_comp_id 
_pdbx_struct_sheet_hbond.range_1_auth_asym_id 
_pdbx_struct_sheet_hbond.range_1_auth_seq_id 
_pdbx_struct_sheet_hbond.range_2_label_atom_id 
_pdbx_struct_sheet_hbond.range_2_label_comp_id 
_pdbx_struct_sheet_hbond.range_2_label_asym_id 
_pdbx_struct_sheet_hbond.range_2_label_seq_id 
_pdbx_struct_sheet_hbond.range_2_PDB_ins_code 
_pdbx_struct_sheet_hbond.range_2_auth_atom_id 
_pdbx_struct_sheet_hbond.range_2_auth_comp_id 
_pdbx_struct_sheet_hbond.range_2_auth_asym_id 
_pdbx_struct_sheet_hbond.range_2_auth_seq_id 
A 1 2 N ASP A 39  ? N ASP A 38  O ASP A 58  ? O ASP A 57  
A 2 3 O LEU A 53  ? O LEU A 52  N TYR A 5   ? N TYR A 4   
A 3 4 N VAL A 8   ? N VAL A 7   O LEU A 80  ? O LEU A 79  
A 4 5 N PHE A 83  ? N PHE A 82  O ASN A 117 ? O ASN A 116 
A 5 6 N LEU A 114 ? N LEU A 113 O ILE A 143 ? O ILE A 142 
# 
loop_
_struct_site.id 
_struct_site.pdbx_evidence_code 
_struct_site.pdbx_auth_asym_id 
_struct_site.pdbx_auth_comp_id 
_struct_site.pdbx_auth_seq_id 
_struct_site.pdbx_auth_ins_code 
_struct_site.pdbx_num_residues 
_struct_site.details 
AC1 Software A GDP 201 ? 23 'BINDING SITE FOR RESIDUE GDP A 201' 
AC2 Software A MG  202 ? 6  'BINDING SITE FOR RESIDUE MG A 202'  
AC3 Software A 0QV 203 ? 9  'BINDING SITE FOR RESIDUE 0QV A 203' 
# 
loop_
_struct_site_gen.id 
_struct_site_gen.site_id 
_struct_site_gen.pdbx_num_res 
_struct_site_gen.label_comp_id 
_struct_site_gen.label_asym_id 
_struct_site_gen.label_seq_id 
_struct_site_gen.pdbx_auth_ins_code 
_struct_site_gen.auth_comp_id 
_struct_site_gen.auth_asym_id 
_struct_site_gen.auth_seq_id 
_struct_site_gen.label_atom_id 
_struct_site_gen.label_alt_id 
_struct_site_gen.symmetry 
_struct_site_gen.details 
1  AC1 23 GLY A 13  ? GLY A 12  . ? 1_555 ? 
2  AC1 23 GLY A 14  ? GLY A 13  . ? 1_555 ? 
3  AC1 23 VAL A 15  ? VAL A 14  . ? 1_555 ? 
4  AC1 23 GLY A 16  ? GLY A 15  . ? 1_555 ? 
5  AC1 23 LYS A 17  ? LYS A 16  . ? 1_555 ? 
6  AC1 23 SER A 18  ? SER A 17  . ? 1_555 ? 
7  AC1 23 ALA A 19  ? ALA A 18  . ? 1_555 ? 
8  AC1 23 PHE A 29  ? PHE A 28  . ? 1_555 ? 
9  AC1 23 VAL A 30  ? VAL A 29  . ? 1_555 ? 
10 AC1 23 ASP A 31  ? ASP A 30  . ? 1_555 ? 
11 AC1 23 ASN A 117 ? ASN A 116 . ? 1_555 ? 
12 AC1 23 LYS A 118 ? LYS A 117 . ? 1_555 ? 
13 AC1 23 ASP A 120 ? ASP A 119 . ? 1_555 ? 
14 AC1 23 LEU A 121 ? LEU A 120 . ? 1_555 ? 
15 AC1 23 SER A 146 ? SER A 145 . ? 1_555 ? 
16 AC1 23 ALA A 147 ? ALA A 146 . ? 1_555 ? 
17 AC1 23 LYS A 148 ? LYS A 147 . ? 1_555 ? 
18 AC1 23 MG  C .   ? MG  A 202 . ? 1_555 ? 
19 AC1 23 HOH E .   ? HOH A 315 . ? 1_555 ? 
20 AC1 23 HOH E .   ? HOH A 326 . ? 1_555 ? 
21 AC1 23 HOH E .   ? HOH A 332 . ? 1_555 ? 
22 AC1 23 HOH E .   ? HOH A 380 . ? 1_555 ? 
23 AC1 23 HOH E .   ? HOH A 385 . ? 1_555 ? 
24 AC2 6  SER A 18  ? SER A 17  . ? 1_555 ? 
25 AC2 6  GDP B .   ? GDP A 201 . ? 1_555 ? 
26 AC2 6  HOH E .   ? HOH A 313 . ? 1_555 ? 
27 AC2 6  HOH E .   ? HOH A 315 . ? 1_555 ? 
28 AC2 6  HOH E .   ? HOH A 326 . ? 1_555 ? 
29 AC2 6  HOH E .   ? HOH A 332 . ? 1_555 ? 
30 AC3 9  LEU A 7   ? LEU A 6   . ? 1_555 ? 
31 AC3 9  VAL A 8   ? VAL A 7   . ? 1_555 ? 
32 AC3 9  GLU A 38  ? GLU A 37  . ? 1_555 ? 
33 AC3 9  SER A 40  ? SER A 39  . ? 1_555 ? 
34 AC3 9  ASP A 55  ? ASP A 54  . ? 1_555 ? 
35 AC3 9  MET A 68  ? MET A 67  . ? 1_555 ? 
36 AC3 9  THR A 75  ? THR A 74  . ? 1_555 ? 
37 AC3 9  HOH E .   ? HOH A 360 . ? 1_555 ? 
38 AC3 9  HOH E .   ? HOH A 456 . ? 1_555 ? 
# 
_atom_sites.entry_id                    4EPW 
_atom_sites.fract_transf_matrix[1][1]   -0.01155818 
_atom_sites.fract_transf_matrix[1][2]   0.02204187 
_atom_sites.fract_transf_matrix[1][3]   0.00554189 
_atom_sites.fract_transf_matrix[2][1]   -0.01881950 
_atom_sites.fract_transf_matrix[2][2]   -0.00657528 
_atom_sites.fract_transf_matrix[2][3]   -0.01309801 
_atom_sites.fract_transf_matrix[3][1]   -0.00453552 
_atom_sites.fract_transf_matrix[3][2]   -0.00459700 
_atom_sites.fract_transf_matrix[3][3]   0.00882445 
_atom_sites.fract_transf_vector[1]      -0.288710 
_atom_sites.fract_transf_vector[2]      0.054034 
_atom_sites.fract_transf_vector[3]      -0.117839 
# 
loop_
_atom_type.symbol 
C  
MG 
N  
O  
P  
S  
# 
loop_
_atom_site.group_PDB 
_atom_site.id 
_atom_site.type_symbol 
_atom_site.label_atom_id 
_atom_site.label_alt_id 
_atom_site.label_comp_id 
_atom_site.label_asym_id 
_atom_site.label_entity_id 
_atom_site.label_seq_id 
_atom_site.pdbx_PDB_ins_code 
_atom_site.Cartn_x 
_atom_site.Cartn_y 
_atom_site.Cartn_z 
_atom_site.occupancy 
_atom_site.B_iso_or_equiv 
_atom_site.pdbx_formal_charge 
_atom_site.auth_seq_id 
_atom_site.auth_comp_id 
_atom_site.auth_asym_id 
_atom_site.auth_atom_id 
_atom_site.pdbx_PDB_model_num 
ATOM   1    N  N     . GLY A 1 1   ? -1.475  -23.701 9.923   1.00 11.19 ? 0   GLY A N     1 
ATOM   2    C  CA    . GLY A 1 1   ? -1.157  -22.270 10.305  1.00 10.72 ? 0   GLY A CA    1 
ATOM   3    C  C     . GLY A 1 1   ? -2.354  -21.401 10.092  1.00 13.00 ? 0   GLY A C     1 
ATOM   4    O  O     . GLY A 1 1   ? -3.242  -21.703 9.253   1.00 12.97 ? 0   GLY A O     1 
ATOM   5    N  N     . MET A 1 2   ? -2.401  -20.326 10.860  1.00 12.63 ? 1   MET A N     1 
ATOM   6    C  CA    . MET A 1 2   ? -3.393  -19.257 10.624  1.00 12.19 ? 1   MET A CA    1 
ATOM   7    C  C     . MET A 1 2   ? -3.156  -18.673 9.228   1.00 13.22 ? 1   MET A C     1 
ATOM   8    O  O     . MET A 1 2   ? -2.088  -18.849 8.587   1.00 12.04 ? 1   MET A O     1 
ATOM   9    C  CB    . MET A 1 2   ? -3.230  -18.161 11.707  1.00 12.73 ? 1   MET A CB    1 
ATOM   10   C  CG    . MET A 1 2   ? -1.872  -17.421 11.527  1.00 14.05 ? 1   MET A CG    1 
ATOM   11   S  SD    . MET A 1 2   ? -1.728  -16.068 12.811  1.00 17.39 ? 1   MET A SD    1 
ATOM   12   C  CE    . MET A 1 2   ? -1.727  -17.213 14.245  1.00 19.50 ? 1   MET A CE    1 
ATOM   13   N  N     . THR A 1 3   ? -4.207  -18.103 8.677   1.00 13.70 ? 2   THR A N     1 
ATOM   14   C  CA    . THR A 1 3   ? -4.048  -17.573 7.357   1.00 14.19 ? 2   THR A CA    1 
ATOM   15   C  C     . THR A 1 3   ? -3.064  -16.385 7.370   1.00 13.98 ? 2   THR A C     1 
ATOM   16   O  O     . THR A 1 3   ? -3.037  -15.573 8.327   1.00 12.12 ? 2   THR A O     1 
ATOM   17   C  CB    . THR A 1 3   ? -5.400  -17.068 6.937   1.00 15.25 ? 2   THR A CB    1 
ATOM   18   O  OG1   . THR A 1 3   ? -6.287  -18.214 6.811   1.00 17.07 ? 2   THR A OG1   1 
ATOM   19   C  CG2   . THR A 1 3   ? -5.292  -16.202 5.662   1.00 14.25 ? 2   THR A CG2   1 
ATOM   20   N  N     . GLU A 1 4   ? -2.247  -16.352 6.331   1.00 14.45 ? 3   GLU A N     1 
ATOM   21   C  CA    . GLU A 1 4   ? -1.296  -15.329 6.064   1.00 15.29 ? 3   GLU A CA    1 
ATOM   22   C  C     . GLU A 1 4   ? -1.721  -14.507 4.808   1.00 14.88 ? 3   GLU A C     1 
ATOM   23   O  O     . GLU A 1 4   ? -2.133  -15.074 3.810   1.00 15.39 ? 3   GLU A O     1 
ATOM   24   C  CB    . GLU A 1 4   ? 0.075   -15.988 5.871   1.00 15.14 ? 3   GLU A CB    1 
ATOM   25   C  CG    . GLU A 1 4   ? 1.115   -14.950 5.623   1.00 17.98 ? 3   GLU A CG    1 
ATOM   26   C  CD    . GLU A 1 4   ? 2.549   -15.484 5.541   1.00 23.01 ? 3   GLU A CD    1 
ATOM   27   O  OE1   . GLU A 1 4   ? 2.751   -16.538 4.919   1.00 27.63 ? 3   GLU A OE1   1 
ATOM   28   O  OE2   . GLU A 1 4   ? 3.442   -14.771 6.035   1.00 28.71 ? 3   GLU A OE2   1 
ATOM   29   N  N     . TYR A 1 5   ? -1.724  -13.171 4.926   1.00 14.76 ? 4   TYR A N     1 
ATOM   30   C  CA    . TYR A 1 5   ? -2.019  -12.274 3.776   1.00 13.06 ? 4   TYR A CA    1 
ATOM   31   C  C     . TYR A 1 5   ? -0.734  -11.613 3.361   1.00 13.20 ? 4   TYR A C     1 
ATOM   32   O  O     . TYR A 1 5   ? -0.072  -10.966 4.182   1.00 12.51 ? 4   TYR A O     1 
ATOM   33   C  CB    . TYR A 1 5   ? -3.048  -11.219 4.210   1.00 13.53 ? 4   TYR A CB    1 
ATOM   34   C  CG    . TYR A 1 5   ? -4.374  -11.828 4.660   1.00 13.26 ? 4   TYR A CG    1 
ATOM   35   C  CD1   . TYR A 1 5   ? -5.304  -12.269 3.686   1.00 11.19 ? 4   TYR A CD1   1 
ATOM   36   C  CD2   . TYR A 1 5   ? -4.701  -11.933 6.024   1.00 14.51 ? 4   TYR A CD2   1 
ATOM   37   C  CE1   . TYR A 1 5   ? -6.567  -12.770 4.067   1.00 13.85 ? 4   TYR A CE1   1 
ATOM   38   C  CE2   . TYR A 1 5   ? -5.926  -12.405 6.428   1.00 11.71 ? 4   TYR A CE2   1 
ATOM   39   C  CZ    . TYR A 1 5   ? -6.819  -12.858 5.442   1.00 13.37 ? 4   TYR A CZ    1 
ATOM   40   O  OH    . TYR A 1 5   ? -8.013  -13.316 5.864   1.00 11.16 ? 4   TYR A OH    1 
ATOM   41   N  N     . LYS A 1 6   ? -0.399  -11.750 2.083   1.00 13.41 ? 5   LYS A N     1 
ATOM   42   C  CA    . LYS A 1 6   ? 0.791   -11.090 1.507   1.00 12.54 ? 5   LYS A CA    1 
ATOM   43   C  C     . LYS A 1 6   ? 0.453   -9.741  0.910   1.00 11.43 ? 5   LYS A C     1 
ATOM   44   O  O     . LYS A 1 6   ? -0.280  -9.622  -0.089  1.00 10.53 ? 5   LYS A O     1 
ATOM   45   C  CB    . LYS A 1 6   ? 1.486   -12.009 0.516   1.00 13.14 ? 5   LYS A CB    1 
ATOM   46   C  CG    . LYS A 1 6   ? 2.059   -13.236 1.186   1.00 16.67 ? 5   LYS A CG    1 
ATOM   47   C  CD    . LYS A 1 6   ? 2.601   -14.200 0.137   1.00 22.46 ? 5   LYS A CD    1 
ATOM   48   C  CE    . LYS A 1 6   ? 3.243   -15.378 0.839   1.00 27.98 ? 5   LYS A CE    1 
ATOM   49   N  NZ    . LYS A 1 6   ? 4.257   -14.739 1.742   1.00 30.12 ? 5   LYS A NZ    1 
ATOM   50   N  N     . LEU A 1 7   ? 0.937   -8.693  1.565   1.00 9.74  ? 6   LEU A N     1 
ATOM   51   C  CA    . LEU A 1 7   ? 0.566   -7.344  1.213   1.00 9.32  ? 6   LEU A CA    1 
ATOM   52   C  C     . LEU A 1 7   ? 1.785   -6.612  0.694   1.00 11.44 ? 6   LEU A C     1 
ATOM   53   O  O     . LEU A 1 7   ? 2.915   -6.751  1.246   1.00 12.14 ? 6   LEU A O     1 
ATOM   54   C  CB    . LEU A 1 7   ? 0.081   -6.606  2.472   1.00 10.49 ? 6   LEU A CB    1 
ATOM   55   C  CG    . LEU A 1 7   ? -1.022  -7.229  3.339   1.00 10.98 ? 6   LEU A CG    1 
ATOM   56   C  CD1   . LEU A 1 7   ? -1.480  -6.213  4.405   1.00 12.63 ? 6   LEU A CD1   1 
ATOM   57   C  CD2   . LEU A 1 7   ? -2.285  -7.668  2.462   1.00 13.55 ? 6   LEU A CD2   1 
ATOM   58   N  N     . VAL A 1 8   ? 1.572   -5.836  -0.366  1.00 10.33 ? 7   VAL A N     1 
ATOM   59   C  CA    . VAL A 1 8   ? 2.664   -5.098  -0.987  1.00 10.03 ? 7   VAL A CA    1 
ATOM   60   C  C     . VAL A 1 8   ? 2.367   -3.621  -1.002  1.00 9.60  ? 7   VAL A C     1 
ATOM   61   O  O     . VAL A 1 8   ? 1.304   -3.206  -1.447  1.00 9.68  ? 7   VAL A O     1 
ATOM   62   C  CB    . VAL A 1 8   ? 3.000   -5.619  -2.389  1.00 8.56  ? 7   VAL A CB    1 
ATOM   63   C  CG1   . VAL A 1 8   ? 4.186   -4.883  -2.956  1.00 8.98  ? 7   VAL A CG1   1 
ATOM   64   C  CG2   . VAL A 1 8   ? 3.401   -7.164  -2.344  1.00 9.21  ? 7   VAL A CG2   1 
ATOM   65   N  N     . VAL A 1 9   ? 3.317   -2.820  -0.474  1.00 9.05  ? 8   VAL A N     1 
ATOM   66   C  CA    . VAL A 1 9   ? 3.192   -1.378  -0.439  1.00 8.97  ? 8   VAL A CA    1 
ATOM   67   C  C     . VAL A 1 9   ? 4.086   -0.792  -1.576  1.00 9.63  ? 8   VAL A C     1 
ATOM   68   O  O     . VAL A 1 9   ? 5.324   -0.926  -1.542  1.00 11.82 ? 8   VAL A O     1 
ATOM   69   C  CB    . VAL A 1 9   ? 3.646   -0.763  0.937   1.00 9.32  ? 8   VAL A CB    1 
ATOM   70   C  CG1   . VAL A 1 9   ? 3.339   0.733   0.971   1.00 11.80 ? 8   VAL A CG1   1 
ATOM   71   C  CG2   . VAL A 1 9   ? 3.010   -1.554  2.165   1.00 7.18  ? 8   VAL A CG2   1 
ATOM   72   N  N     . VAL A 1 10  ? 3.435   -0.104  -2.539  1.00 8.66  ? 9   VAL A N     1 
ATOM   73   C  CA    . VAL A 1 10  ? 4.121   0.431   -3.753  1.00 8.20  ? 9   VAL A CA    1 
ATOM   74   C  C     . VAL A 1 10  ? 3.815   1.912   -3.841  1.00 9.50  ? 9   VAL A C     1 
ATOM   75   O  O     . VAL A 1 10  ? 2.828   2.412   -3.185  1.00 12.24 ? 9   VAL A O     1 
ATOM   76   C  CB    . VAL A 1 10  ? 3.668   -0.294  -5.059  1.00 9.39  ? 9   VAL A CB    1 
ATOM   77   C  CG1   . VAL A 1 10  ? 3.944   -1.836  -4.949  1.00 11.95 ? 9   VAL A CG1   1 
ATOM   78   C  CG2   . VAL A 1 10  ? 2.163   -0.052  -5.335  1.00 9.63  ? 9   VAL A CG2   1 
ATOM   79   N  N     . GLY A 1 11  ? 4.645   2.639   -4.588  1.00 11.69 ? 10  GLY A N     1 
ATOM   80   C  CA    . GLY A 1 11  ? 4.534   4.121   -4.680  1.00 12.76 ? 10  GLY A CA    1 
ATOM   81   C  C     . GLY A 1 11  ? 5.875   4.753   -4.916  1.00 11.91 ? 10  GLY A C     1 
ATOM   82   O  O     . GLY A 1 11  ? 6.925   4.148   -4.632  1.00 14.39 ? 10  GLY A O     1 
ATOM   83   N  N     . ALA A 1 12  ? 5.845   5.983   -5.403  1.00 14.41 ? 11  ALA A N     1 
ATOM   84   C  CA    . ALA A 1 12  ? 7.066   6.748   -5.614  1.00 14.56 ? 11  ALA A CA    1 
ATOM   85   C  C     . ALA A 1 12  ? 7.921   6.859   -4.369  1.00 15.18 ? 11  ALA A C     1 
ATOM   86   O  O     . ALA A 1 12  ? 7.431   6.843   -3.203  1.00 15.91 ? 11  ALA A O     1 
ATOM   87   C  CB    . ALA A 1 12  ? 6.718   8.097   -6.083  1.00 16.26 ? 11  ALA A CB    1 
ATOM   88   N  N     . GLY A 1 13  ? 9.205   7.011   -4.630  1.00 15.15 ? 12  GLY A N     1 
ATOM   89   C  CA    . GLY A 1 13  ? 10.152  7.298   -3.506  1.00 14.55 ? 12  GLY A CA    1 
ATOM   90   C  C     . GLY A 1 13  ? 9.673   8.497   -2.709  1.00 15.45 ? 12  GLY A C     1 
ATOM   91   O  O     . GLY A 1 13  ? 9.232   9.476   -3.283  1.00 18.44 ? 12  GLY A O     1 
ATOM   92   N  N     . GLY A 1 14  ? 9.733   8.406   -1.383  1.00 14.76 ? 13  GLY A N     1 
ATOM   93   C  CA    . GLY A 1 14  ? 9.453   9.528   -0.537  1.00 15.71 ? 13  GLY A CA    1 
ATOM   94   C  C     . GLY A 1 14  ? 8.007   9.689   -0.097  1.00 16.00 ? 13  GLY A C     1 
ATOM   95   O  O     . GLY A 1 14  ? 7.692   10.601  0.657   1.00 17.49 ? 13  GLY A O     1 
ATOM   96   N  N     . VAL A 1 15  ? 7.107   8.819   -0.583  1.00 13.72 ? 14  VAL A N     1 
ATOM   97   C  CA    . VAL A 1 15  ? 5.744   9.012   -0.270  1.00 13.45 ? 14  VAL A CA    1 
ATOM   98   C  C     . VAL A 1 15  ? 5.360   8.561   1.137   1.00 13.18 ? 14  VAL A C     1 
ATOM   99   O  O     . VAL A 1 15  ? 4.270   8.905   1.597   1.00 15.37 ? 14  VAL A O     1 
ATOM   100  C  CB    . VAL A 1 15  ? 4.716   8.261   -1.313  1.00 14.23 ? 14  VAL A CB    1 
ATOM   101  C  CG1   . VAL A 1 15  ? 4.832   8.835   -2.655  1.00 15.61 ? 14  VAL A CG1   1 
ATOM   102  C  CG2   . VAL A 1 15  ? 4.834   6.729   -1.352  1.00 11.50 ? 14  VAL A CG2   1 
ATOM   103  N  N     . GLY A 1 16  ? 6.220   7.806   1.805   1.00 14.09 ? 15  GLY A N     1 
ATOM   104  C  CA    . GLY A 1 16  ? 5.895   7.208   3.104   1.00 12.81 ? 15  GLY A CA    1 
ATOM   105  C  C     . GLY A 1 16  ? 5.707   5.718   3.186   1.00 12.64 ? 15  GLY A C     1 
ATOM   106  O  O     . GLY A 1 16  ? 5.116   5.266   4.172   1.00 14.18 ? 15  GLY A O     1 
ATOM   107  N  N     . LYS A 1 17  ? 6.091   4.980   2.156   1.00 10.84 ? 16  LYS A N     1 
ATOM   108  C  CA    . LYS A 1 17  ? 5.925   3.466   2.200   1.00 12.87 ? 16  LYS A CA    1 
ATOM   109  C  C     . LYS A 1 17  ? 6.584   2.859   3.460   1.00 13.09 ? 16  LYS A C     1 
ATOM   110  O  O     . LYS A 1 17  ? 5.985   2.098   4.218   1.00 11.19 ? 16  LYS A O     1 
ATOM   111  C  CB    . LYS A 1 17  ? 6.570   2.859   1.010   1.00 13.71 ? 16  LYS A CB    1 
ATOM   112  C  CG    . LYS A 1 17  ? 5.906   3.282   -0.292  1.00 13.70 ? 16  LYS A CG    1 
ATOM   113  C  CD    . LYS A 1 17  ? 6.545   2.506   -1.417  1.00 17.26 ? 16  LYS A CD    1 
ATOM   114  C  CE    . LYS A 1 17  ? 8.054   2.826   -1.597  1.00 12.89 ? 16  LYS A CE    1 
ATOM   115  N  NZ    . LYS A 1 17  ? 8.288   4.284   -1.988  1.00 15.45 ? 16  LYS A NZ    1 
ATOM   116  N  N     . SER A 1 18  ? 7.826   3.272   3.708   1.00 13.59 ? 17  SER A N     1 
ATOM   117  C  CA    . SER A 1 18  ? 8.520   2.756   4.891   1.00 12.22 ? 17  SER A CA    1 
ATOM   118  C  C     . SER A 1 18  ? 7.881   3.225   6.178   1.00 11.04 ? 17  SER A C     1 
ATOM   119  O  O     . SER A 1 18  ? 7.698   2.453   7.158   1.00 11.83 ? 17  SER A O     1 
ATOM   120  C  CB    . SER A 1 18  ? 9.998   3.236   4.797   1.00 10.06 ? 17  SER A CB    1 
ATOM   121  O  OG    . SER A 1 18  ? 10.660  2.536   3.735   1.00 12.67 ? 17  SER A OG    1 
ATOM   122  N  N     . ALA A 1 19  ? 7.586   4.510   6.259   1.00 13.73 ? 18  ALA A N     1 
ATOM   123  C  CA    . ALA A 1 19  ? 6.960   5.078   7.439   1.00 13.27 ? 18  ALA A CA    1 
ATOM   124  C  C     . ALA A 1 19  ? 5.608   4.414   7.780   1.00 13.78 ? 18  ALA A C     1 
ATOM   125  O  O     . ALA A 1 19  ? 5.422   4.016   8.884   1.00 11.91 ? 18  ALA A O     1 
ATOM   126  C  CB    . ALA A 1 19  ? 6.784   6.593   7.292   1.00 13.36 ? 18  ALA A CB    1 
ATOM   127  N  N     . LEU A 1 20  ? 4.731   4.244   6.760   1.00 13.09 ? 19  LEU A N     1 
ATOM   128  C  CA    . LEU A 1 20  ? 3.485   3.522   6.966   1.00 12.56 ? 19  LEU A CA    1 
ATOM   129  C  C     . LEU A 1 20  ? 3.705   2.070   7.516   1.00 12.34 ? 19  LEU A C     1 
ATOM   130  O  O     . LEU A 1 20  ? 2.961   1.634   8.414   1.00 11.43 ? 19  LEU A O     1 
ATOM   131  C  CB    . LEU A 1 20  ? 2.697   3.420   5.633   1.00 11.98 ? 19  LEU A CB    1 
ATOM   132  C  CG    . LEU A 1 20  ? 2.004   4.727   5.232   1.00 11.73 ? 19  LEU A CG    1 
ATOM   133  C  CD1   . LEU A 1 20  ? 1.494   4.575   3.795   1.00 13.56 ? 19  LEU A CD1   1 
ATOM   134  C  CD2   . LEU A 1 20  ? 0.839   5.039   6.207   1.00 12.64 ? 19  LEU A CD2   1 
ATOM   135  N  N     . THR A 1 21  ? 4.655   1.363   6.914   1.00 11.90 ? 20  THR A N     1 
ATOM   136  C  CA    . THR A 1 21  ? 4.898   -0.076  7.209   1.00 13.34 ? 20  THR A CA    1 
ATOM   137  C  C     . THR A 1 21  ? 5.410   -0.190  8.629   1.00 13.34 ? 20  THR A C     1 
ATOM   138  O  O     . THR A 1 21  ? 4.918   -0.966  9.422   1.00 12.85 ? 20  THR A O     1 
ATOM   139  C  CB    . THR A 1 21  ? 5.907   -0.749  6.147   1.00 12.97 ? 20  THR A CB    1 
ATOM   140  O  OG1   . THR A 1 21  ? 5.378   -0.696  4.781   1.00 14.78 ? 20  THR A OG1   1 
ATOM   141  C  CG2   . THR A 1 21  ? 6.235   -2.191  6.500   1.00 14.92 ? 20  THR A CG2   1 
ATOM   142  N  N     . ILE A 1 22  ? 6.368   0.644   8.993   1.00 15.05 ? 21  ILE A N     1 
ATOM   143  C  CA    . ILE A 1 22  ? 6.884   0.587   10.360  1.00 16.01 ? 21  ILE A CA    1 
ATOM   144  C  C     . ILE A 1 22  ? 5.872   1.047   11.440  1.00 16.97 ? 21  ILE A C     1 
ATOM   145  O  O     . ILE A 1 22  ? 5.856   0.538   12.580  1.00 16.27 ? 21  ILE A O     1 
ATOM   146  C  CB    . ILE A 1 22  ? 8.143   1.405   10.437  1.00 17.41 ? 21  ILE A CB    1 
ATOM   147  C  CG1   . ILE A 1 22  ? 9.226   0.756   9.551   1.00 16.45 ? 21  ILE A CG1   1 
ATOM   148  C  CG2   . ILE A 1 22  ? 8.608   1.569   11.891  1.00 20.05 ? 21  ILE A CG2   1 
ATOM   149  C  CD1   . ILE A 1 22  ? 10.523  1.578   9.480   1.00 24.89 ? 21  ILE A CD1   1 
ATOM   150  N  N     . GLN A 1 23  ? 5.006   1.980   11.072  1.00 14.70 ? 22  GLN A N     1 
ATOM   151  C  CA    . GLN A 1 23  ? 3.895   2.349   11.973  1.00 16.64 ? 22  GLN A CA    1 
ATOM   152  C  C     . GLN A 1 23  ? 2.994   1.144   12.253  1.00 15.46 ? 22  GLN A C     1 
ATOM   153  O  O     . GLN A 1 23  ? 2.533   0.950   13.395  1.00 16.94 ? 22  GLN A O     1 
ATOM   154  C  CB    . GLN A 1 23  ? 3.100   3.494   11.281  1.00 15.52 ? 22  GLN A CB    1 
ATOM   155  C  CG    . GLN A 1 23  ? 2.482   4.642   12.088  1.00 19.77 ? 22  GLN A CG    1 
ATOM   156  C  CD    . GLN A 1 23  ? 2.960   4.887   13.551  1.00 18.29 ? 22  GLN A CD    1 
ATOM   157  O  OE1   . GLN A 1 23  ? 2.784   4.043   14.432  1.00 18.47 ? 22  GLN A OE1   1 
ATOM   158  N  NE2   . GLN A 1 23  ? 3.337   6.102   13.824  1.00 15.79 ? 22  GLN A NE2   1 
ATOM   159  N  N     . LEU A 1 24  ? 2.665   0.391   11.205  1.00 15.91 ? 23  LEU A N     1 
ATOM   160  C  CA    . LEU A 1 24  ? 1.761   -0.718  11.322  1.00 17.87 ? 23  LEU A CA    1 
ATOM   161  C  C     . LEU A 1 24  ? 2.457   -1.820  12.133  1.00 18.11 ? 23  LEU A C     1 
ATOM   162  O  O     . LEU A 1 24  ? 1.879   -2.320  13.070  1.00 21.89 ? 23  LEU A O     1 
ATOM   163  C  CB    . LEU A 1 24  ? 1.396   -1.249  9.915   1.00 16.57 ? 23  LEU A CB    1 
ATOM   164  C  CG    . LEU A 1 24  ? 0.398   -2.381  10.023  1.00 18.45 ? 23  LEU A CG    1 
ATOM   165  C  CD1   . LEU A 1 24  ? -1.029  -1.928  10.366  1.00 15.12 ? 23  LEU A CD1   1 
ATOM   166  C  CD2   . LEU A 1 24  ? 0.452   -3.039  8.714   1.00 24.66 ? 23  LEU A CD2   1 
ATOM   167  N  N     . ILE A 1 25  ? 3.689   -2.140  11.807  1.00 18.32 ? 24  ILE A N     1 
ATOM   168  C  CA    . ILE A 1 25  ? 4.388   -3.307  12.422  1.00 18.78 ? 24  ILE A CA    1 
ATOM   169  C  C     . ILE A 1 25  ? 4.899   -2.950  13.832  1.00 20.23 ? 24  ILE A C     1 
ATOM   170  O  O     . ILE A 1 25  ? 4.728   -3.708  14.785  1.00 21.11 ? 24  ILE A O     1 
ATOM   171  C  CB    . ILE A 1 25  ? 5.584   -3.793  11.539  1.00 19.02 ? 24  ILE A CB    1 
ATOM   172  C  CG1   . ILE A 1 25  ? 5.144   -4.198  10.144  1.00 19.35 ? 24  ILE A CG1   1 
ATOM   173  C  CG2   . ILE A 1 25  ? 6.421   -4.954  12.236  1.00 20.00 ? 24  ILE A CG2   1 
ATOM   174  C  CD1   . ILE A 1 25  ? 4.307   -5.477  10.057  1.00 22.70 ? 24  ILE A CD1   1 
ATOM   175  N  N     . GLN A 1 26  ? 5.496   -1.780  13.965  1.00 20.69 ? 25  GLN A N     1 
ATOM   176  C  CA    . GLN A 1 26  ? 6.206   -1.485  15.232  1.00 23.20 ? 25  GLN A CA    1 
ATOM   177  C  C     . GLN A 1 26  ? 5.627   -0.355  16.044  1.00 24.63 ? 25  GLN A C     1 
ATOM   178  O  O     . GLN A 1 26  ? 6.153   -0.028  17.154  1.00 24.31 ? 25  GLN A O     1 
ATOM   179  C  CB    . GLN A 1 26  ? 7.656   -1.177  14.951  1.00 22.25 ? 25  GLN A CB    1 
ATOM   180  C  CG    . GLN A 1 26  ? 8.502   -2.363  14.542  1.00 26.47 ? 25  GLN A CG    1 
ATOM   181  C  CD    . GLN A 1 26  ? 9.871   -1.951  14.019  1.00 30.43 ? 25  GLN A CD    1 
ATOM   182  O  OE1   . GLN A 1 26  ? 10.360  -0.857  14.272  1.00 29.27 ? 25  GLN A OE1   1 
ATOM   183  N  NE2   . GLN A 1 26  ? 10.497  -2.850  13.269  1.00 33.48 ? 25  GLN A NE2   1 
ATOM   184  N  N     . ASN A 1 27  ? 4.544   0.254   15.550  1.00 23.24 ? 26  ASN A N     1 
ATOM   185  C  CA    . ASN A 1 27  ? 3.856   1.288   16.317  1.00 23.97 ? 26  ASN A CA    1 
ATOM   186  C  C     . ASN A 1 27  ? 4.739   2.486   16.728  1.00 25.77 ? 26  ASN A C     1 
ATOM   187  O  O     . ASN A 1 27  ? 4.721   2.983   17.862  1.00 26.87 ? 26  ASN A O     1 
ATOM   188  C  CB    . ASN A 1 27  ? 3.104   0.637   17.484  1.00 23.71 ? 26  ASN A CB    1 
ATOM   189  C  CG    . ASN A 1 27  ? 1.941   -0.229  16.988  1.00 26.91 ? 26  ASN A CG    1 
ATOM   190  O  OD1   . ASN A 1 27  ? 0.832   0.281   16.733  1.00 24.65 ? 26  ASN A OD1   1 
ATOM   191  N  ND2   . ASN A 1 27  ? 2.191   -1.498  16.828  1.00 29.44 ? 26  ASN A ND2   1 
ATOM   192  N  N     . HIS A 1 28  ? 5.554   2.955   15.795  1.00 25.38 ? 27  HIS A N     1 
ATOM   193  C  CA    . HIS A 1 28  ? 6.224   4.236   15.987  1.00 25.37 ? 27  HIS A CA    1 
ATOM   194  C  C     . HIS A 1 28  ? 6.491   4.836   14.628  1.00 23.93 ? 27  HIS A C     1 
ATOM   195  O  O     . HIS A 1 28  ? 6.495   4.117   13.611  1.00 21.37 ? 27  HIS A O     1 
ATOM   196  C  CB    . HIS A 1 28  ? 7.555   4.128   16.805  1.00 27.09 ? 27  HIS A CB    1 
ATOM   197  C  CG    . HIS A 1 28  ? 8.550   3.207   16.200  1.00 30.41 ? 27  HIS A CG    1 
ATOM   198  N  ND1   . HIS A 1 28  ? 9.512   3.620   15.303  1.00 35.27 ? 27  HIS A ND1   1 
ATOM   199  C  CD2   . HIS A 1 28  ? 8.702   1.862   16.323  1.00 36.21 ? 27  HIS A CD2   1 
ATOM   200  C  CE1   . HIS A 1 28  ? 10.227  2.576   14.912  1.00 32.91 ? 27  HIS A CE1   1 
ATOM   201  N  NE2   . HIS A 1 28  ? 9.761   1.498   15.523  1.00 35.27 ? 27  HIS A NE2   1 
ATOM   202  N  N     . PHE A 1 29  ? 6.690   6.155   14.625  1.00 23.71 ? 28  PHE A N     1 
ATOM   203  C  CA    . PHE A 1 29  ? 6.970   6.892   13.405  1.00 22.86 ? 28  PHE A CA    1 
ATOM   204  C  C     . PHE A 1 29  ? 8.477   7.087   13.268  1.00 25.49 ? 28  PHE A C     1 
ATOM   205  O  O     . PHE A 1 29  ? 9.158   7.506   14.232  1.00 26.43 ? 28  PHE A O     1 
ATOM   206  C  CB    . PHE A 1 29  ? 6.239   8.229   13.412  1.00 21.87 ? 28  PHE A CB    1 
ATOM   207  C  CG    . PHE A 1 29  ? 6.629   9.156   12.274  1.00 21.32 ? 28  PHE A CG    1 
ATOM   208  C  CD1   . PHE A 1 29  ? 6.299   8.836   10.955  1.00 18.13 ? 28  PHE A CD1   1 
ATOM   209  C  CD2   . PHE A 1 29  ? 7.364   10.345  12.510  1.00 21.96 ? 28  PHE A CD2   1 
ATOM   210  C  CE1   . PHE A 1 29  ? 6.628   9.677   9.879   1.00 18.74 ? 28  PHE A CE1   1 
ATOM   211  C  CE2   . PHE A 1 29  ? 7.686   11.181  11.467  1.00 23.79 ? 28  PHE A CE2   1 
ATOM   212  C  CZ    . PHE A 1 29  ? 7.334   10.857  10.147  1.00 24.69 ? 28  PHE A CZ    1 
ATOM   213  N  N     . VAL A 1 30  ? 9.000   6.787   12.080  1.00 28.10 ? 29  VAL A N     1 
ATOM   214  C  CA    . VAL A 1 30  ? 10.434  6.919   11.744  1.00 30.79 ? 29  VAL A CA    1 
ATOM   215  C  C     . VAL A 1 30  ? 10.704  8.100   10.774  1.00 32.83 ? 29  VAL A C     1 
ATOM   216  O  O     . VAL A 1 30  ? 10.147  8.144   9.636   1.00 33.09 ? 29  VAL A O     1 
ATOM   217  C  CB    . VAL A 1 30  ? 11.013  5.551   11.231  1.00 30.08 ? 29  VAL A CB    1 
ATOM   218  C  CG1   . VAL A 1 30  ? 12.401  5.682   10.746  1.00 30.34 ? 29  VAL A CG1   1 
ATOM   219  C  CG2   . VAL A 1 30  ? 11.009  4.562   12.323  1.00 31.67 ? 29  VAL A CG2   1 
ATOM   220  N  N     . ASP A 1 31  ? 11.516  9.059   11.263  1.00 34.74 ? 30  ASP A N     1 
ATOM   221  C  CA    . ASP A 1 31  ? 11.895  10.311  10.548  1.00 37.21 ? 30  ASP A CA    1 
ATOM   222  C  C     . ASP A 1 31  ? 12.738  10.087  9.299   1.00 36.66 ? 30  ASP A C     1 
ATOM   223  O  O     . ASP A 1 31  ? 12.606  10.804  8.302   1.00 36.76 ? 30  ASP A O     1 
ATOM   224  C  CB    . ASP A 1 31  ? 12.735  11.222  11.460  1.00 38.48 ? 30  ASP A CB    1 
ATOM   225  C  CG    . ASP A 1 31  ? 11.921  12.322  12.135  1.00 42.64 ? 30  ASP A CG    1 
ATOM   226  O  OD1   . ASP A 1 31  ? 10.795  12.665  11.667  1.00 46.83 ? 30  ASP A OD1   1 
ATOM   227  O  OD2   . ASP A 1 31  ? 12.442  12.868  13.150  1.00 47.36 ? 30  ASP A OD2   1 
ATOM   228  N  N     . GLU A 1 32  ? 13.609  9.090   9.371   1.00 35.80 ? 31  GLU A N     1 
ATOM   229  C  CA    . GLU A 1 32  ? 14.506  8.771   8.287   1.00 35.40 ? 31  GLU A CA    1 
ATOM   230  C  C     . GLU A 1 32  ? 14.674  7.275   8.265   1.00 33.88 ? 31  GLU A C     1 
ATOM   231  O  O     . GLU A 1 32  ? 14.870  6.633   9.306   1.00 34.94 ? 31  GLU A O     1 
ATOM   232  C  CB    . GLU A 1 32  ? 15.888  9.398   8.532   1.00 36.54 ? 31  GLU A CB    1 
ATOM   233  C  CG    . GLU A 1 32  ? 16.282  10.489  7.539   1.00 40.99 ? 31  GLU A CG    1 
ATOM   234  C  CD    . GLU A 1 32  ? 16.976  11.680  8.223   1.00 47.65 ? 31  GLU A CD    1 
ATOM   235  O  OE1   . GLU A 1 32  ? 18.029  11.460  8.893   1.00 47.28 ? 31  GLU A OE1   1 
ATOM   236  O  OE2   . GLU A 1 32  ? 16.452  12.823  8.088   1.00 48.61 ? 31  GLU A OE2   1 
ATOM   237  N  N     . TYR A 1 33  ? 14.551  6.721   7.073   1.00 30.80 ? 32  TYR A N     1 
ATOM   238  C  CA    . TYR A 1 33  ? 14.810  5.317   6.828   1.00 28.25 ? 32  TYR A CA    1 
ATOM   239  C  C     . TYR A 1 33  ? 15.310  5.302   5.413   1.00 26.56 ? 32  TYR A C     1 
ATOM   240  O  O     . TYR A 1 33  ? 14.665  5.845   4.485   1.00 25.24 ? 32  TYR A O     1 
ATOM   241  C  CB    . TYR A 1 33  ? 13.533  4.513   7.004   1.00 29.11 ? 32  TYR A CB    1 
ATOM   242  C  CG    . TYR A 1 33  ? 13.635  3.031   6.748   1.00 28.63 ? 32  TYR A CG    1 
ATOM   243  C  CD1   . TYR A 1 33  ? 14.202  2.160   7.684   1.00 33.33 ? 32  TYR A CD1   1 
ATOM   244  C  CD2   . TYR A 1 33  ? 13.144  2.501   5.581   1.00 27.37 ? 32  TYR A CD2   1 
ATOM   245  C  CE1   . TYR A 1 33  ? 14.253  0.773   7.439   1.00 32.79 ? 32  TYR A CE1   1 
ATOM   246  C  CE2   . TYR A 1 33  ? 13.187  1.136   5.329   1.00 28.03 ? 32  TYR A CE2   1 
ATOM   247  C  CZ    . TYR A 1 33  ? 13.733  0.273   6.243   1.00 32.51 ? 32  TYR A CZ    1 
ATOM   248  O  OH    . TYR A 1 33  ? 13.714  -1.087  5.945   1.00 29.45 ? 32  TYR A OH    1 
ATOM   249  N  N     . ASP A 1 34  ? 16.500  4.723   5.253   1.00 25.86 ? 33  ASP A N     1 
ATOM   250  C  CA    . ASP A 1 34  ? 17.156  4.659   3.919   1.00 23.29 ? 33  ASP A CA    1 
ATOM   251  C  C     . ASP A 1 34  ? 16.149  4.393   2.796   1.00 20.74 ? 33  ASP A C     1 
ATOM   252  O  O     . ASP A 1 34  ? 15.475  3.338   2.784   1.00 21.55 ? 33  ASP A O     1 
ATOM   253  C  CB    . ASP A 1 34  ? 18.253  3.597   3.929   1.00 24.17 ? 33  ASP A CB    1 
ATOM   254  C  CG    . ASP A 1 34  ? 19.177  3.710   2.747   1.00 24.30 ? 33  ASP A CG    1 
ATOM   255  O  OD1   . ASP A 1 34  ? 18.674  3.964   1.623   1.00 16.98 ? 33  ASP A OD1   1 
ATOM   256  O  OD2   . ASP A 1 34  ? 20.426  3.569   2.959   1.00 20.74 ? 33  ASP A OD2   1 
ATOM   257  N  N     . PRO A 1 35  ? 16.047  5.338   1.837   1.00 20.52 ? 34  PRO A N     1 
ATOM   258  C  CA    . PRO A 1 35  ? 15.018  5.163   0.778   1.00 20.16 ? 34  PRO A CA    1 
ATOM   259  C  C     . PRO A 1 35  ? 15.298  4.000   -0.176  1.00 19.07 ? 34  PRO A C     1 
ATOM   260  O  O     . PRO A 1 35  ? 14.414  3.569   -1.025  1.00 19.06 ? 34  PRO A O     1 
ATOM   261  C  CB    . PRO A 1 35  ? 15.001  6.517   0.053   1.00 21.13 ? 34  PRO A CB    1 
ATOM   262  C  CG    . PRO A 1 35  ? 16.359  7.213   0.436   1.00 20.27 ? 34  PRO A CG    1 
ATOM   263  C  CD    . PRO A 1 35  ? 16.742  6.644   1.792   1.00 20.02 ? 34  PRO A CD    1 
ATOM   264  N  N     . THR A 1 36  ? 16.486  3.431   -0.038  1.00 17.85 ? 35  THR A N     1 
ATOM   265  C  CA    . THR A 1 36  ? 16.933  2.347   -0.929  1.00 16.53 ? 35  THR A CA    1 
ATOM   266  C  C     . THR A 1 36  ? 16.778  0.917   -0.333  1.00 17.42 ? 35  THR A C     1 
ATOM   267  O  O     . THR A 1 36  ? 17.083  -0.086  -0.978  1.00 21.21 ? 35  THR A O     1 
ATOM   268  C  CB    . THR A 1 36  ? 18.369  2.557   -1.447  1.00 18.20 ? 35  THR A CB    1 
ATOM   269  O  OG1   . THR A 1 36  ? 19.292  2.321   -0.385  1.00 16.59 ? 35  THR A OG1   1 
ATOM   270  C  CG2   . THR A 1 36  ? 18.606  3.965   -2.077  1.00 12.37 ? 35  THR A CG2   1 
ATOM   271  N  N     . ILE A 1 37  ? 16.347  0.818   0.924   1.00 18.32 ? 36  ILE A N     1 
ATOM   272  C  CA    . ILE A 1 37  ? 16.221  -0.516  1.517   1.00 18.01 ? 36  ILE A CA    1 
ATOM   273  C  C     . ILE A 1 37  ? 14.814  -1.078  1.239   1.00 14.74 ? 36  ILE A C     1 
ATOM   274  O  O     . ILE A 1 37  ? 13.830  -0.375  1.503   1.00 16.50 ? 36  ILE A O     1 
ATOM   275  C  CB    . ILE A 1 37  ? 16.461  -0.456  3.032   1.00 18.43 ? 36  ILE A CB    1 
ATOM   276  C  CG1   . ILE A 1 37  ? 17.899  -0.017  3.316   1.00 21.23 ? 36  ILE A CG1   1 
ATOM   277  C  CG2   . ILE A 1 37  ? 16.171  -1.823  3.697   1.00 19.81 ? 36  ILE A CG2   1 
ATOM   278  C  CD1   . ILE A 1 37  ? 18.185  0.050   4.824   1.00 24.54 ? 36  ILE A CD1   1 
ATOM   279  N  N     . GLU A 1 38  ? 14.758  -2.306  0.738   1.00 13.56 ? 37  GLU A N     1 
ATOM   280  C  CA    . GLU A 1 38  ? 13.479  -3.014  0.478   1.00 15.17 ? 37  GLU A CA    1 
ATOM   281  C  C     . GLU A 1 38  ? 13.437  -4.291  1.367   1.00 16.16 ? 37  GLU A C     1 
ATOM   282  O  O     . GLU A 1 38  ? 14.193  -5.278  1.081   1.00 18.30 ? 37  GLU A O     1 
ATOM   283  C  CB    . GLU A 1 38  ? 13.391  -3.450  -0.952  1.00 13.91 ? 37  GLU A CB    1 
ATOM   284  C  CG    . GLU A 1 38  ? 12.182  -4.441  -1.301  1.00 17.29 ? 37  GLU A CG    1 
ATOM   285  C  CD    . GLU A 1 38  ? 11.959  -4.482  -2.801  1.00 18.82 ? 37  GLU A CD    1 
ATOM   286  O  OE1   . GLU A 1 38  ? 11.597  -3.470  -3.431  1.00 21.52 ? 37  GLU A OE1   1 
ATOM   287  O  OE2   . GLU A 1 38  ? 12.204  -5.542  -3.410  1.00 18.21 ? 37  GLU A OE2   1 
ATOM   288  N  N     . ASP A 1 39  ? 12.598  -4.264  2.389   1.00 14.96 ? 38  ASP A N     1 
ATOM   289  C  CA    . ASP A 1 39  ? 12.450  -5.364  3.362   1.00 17.40 ? 38  ASP A CA    1 
ATOM   290  C  C     . ASP A 1 39  ? 10.980  -5.823  3.470   1.00 17.47 ? 38  ASP A C     1 
ATOM   291  O  O     . ASP A 1 39  ? 10.055  -5.062  3.135   1.00 15.52 ? 38  ASP A O     1 
ATOM   292  C  CB    . ASP A 1 39  ? 12.905  -4.884  4.720   1.00 20.10 ? 38  ASP A CB    1 
ATOM   293  C  CG    . ASP A 1 39  ? 14.466  -4.723  4.858   1.00 27.47 ? 38  ASP A CG    1 
ATOM   294  O  OD1   . ASP A 1 39  ? 15.268  -5.140  3.963   1.00 37.69 ? 38  ASP A OD1   1 
ATOM   295  O  OD2   . ASP A 1 39  ? 14.900  -4.163  5.926   1.00 33.55 ? 38  ASP A OD2   1 
ATOM   296  N  N     . SER A 1 40  ? 10.769  -7.031  3.974   1.00 15.88 ? 39  SER A N     1 
ATOM   297  C  CA    . SER A 1 40  ? 9.435   -7.426  4.388   1.00 17.17 ? 39  SER A CA    1 
ATOM   298  C  C     . SER A 1 40  ? 9.368   -7.714  5.906   1.00 17.26 ? 39  SER A C     1 
ATOM   299  O  O     . SER A 1 40  ? 10.400  -7.974  6.565   1.00 14.98 ? 39  SER A O     1 
ATOM   300  C  CB    . SER A 1 40  ? 8.854   -8.582  3.524   1.00 18.04 ? 39  SER A CB    1 
ATOM   301  O  OG    . SER A 1 40  ? 9.616   -9.786  3.624   1.00 18.31 ? 39  SER A OG    1 
ATOM   302  N  N     . TYR A 1 41  ? 8.164   -7.625  6.451   1.00 16.94 ? 40  TYR A N     1 
ATOM   303  C  CA    . TYR A 1 41  ? 7.931   -7.777  7.898   1.00 18.22 ? 40  TYR A CA    1 
ATOM   304  C  C     . TYR A 1 41  ? 6.691   -8.609  8.165   1.00 18.45 ? 40  TYR A C     1 
ATOM   305  O  O     . TYR A 1 41  ? 5.743   -8.547  7.397   1.00 19.07 ? 40  TYR A O     1 
ATOM   306  C  CB    . TYR A 1 41  ? 7.658   -6.433  8.486   1.00 19.40 ? 40  TYR A CB    1 
ATOM   307  C  CG    . TYR A 1 41  ? 8.727   -5.446  8.266   1.00 22.81 ? 40  TYR A CG    1 
ATOM   308  C  CD1   . TYR A 1 41  ? 8.703   -4.592  7.174   1.00 23.18 ? 40  TYR A CD1   1 
ATOM   309  C  CD2   . TYR A 1 41  ? 9.771   -5.348  9.160   1.00 25.02 ? 40  TYR A CD2   1 
ATOM   310  C  CE1   . TYR A 1 41  ? 9.705   -3.660  6.957   1.00 29.03 ? 40  TYR A CE1   1 
ATOM   311  C  CE2   . TYR A 1 41  ? 10.765  -4.386  8.981   1.00 28.88 ? 40  TYR A CE2   1 
ATOM   312  C  CZ    . TYR A 1 41  ? 10.733  -3.549  7.877   1.00 27.26 ? 40  TYR A CZ    1 
ATOM   313  O  OH    . TYR A 1 41  ? 11.767  -2.612  7.731   1.00 30.29 ? 40  TYR A OH    1 
ATOM   314  N  N     . ARG A 1 42  ? 6.694   -9.363  9.262   1.00 19.03 ? 41  ARG A N     1 
ATOM   315  C  CA    . ARG A 1 42  ? 5.508   -10.134 9.718   1.00 21.30 ? 41  ARG A CA    1 
ATOM   316  C  C     . ARG A 1 42  ? 4.955   -9.536  11.016  1.00 20.76 ? 41  ARG A C     1 
ATOM   317  O  O     . ARG A 1 42  ? 5.716   -9.036  11.894  1.00 21.60 ? 41  ARG A O     1 
ATOM   318  C  CB    . ARG A 1 42  ? 5.814   -11.638 9.941   1.00 22.16 ? 41  ARG A CB    1 
ATOM   319  C  CG    . ARG A 1 42  ? 5.982   -12.482 8.719   1.00 23.15 ? 41  ARG A CG    1 
ATOM   320  C  CD    . ARG A 1 42  ? 7.521   -12.734 8.515   1.00 32.28 ? 41  ARG A CD    1 
ATOM   321  N  NE    . ARG A 1 42  ? 7.779   -12.200 7.211   1.00 32.06 ? 41  ARG A NE    1 
ATOM   322  C  CZ    . ARG A 1 42  ? 8.929   -11.759 6.700   1.00 33.21 ? 41  ARG A CZ    1 
ATOM   323  N  NH1   . ARG A 1 42  ? 10.123  -11.807 7.349   1.00 26.41 ? 41  ARG A NH1   1 
ATOM   324  N  NH2   . ARG A 1 42  ? 8.839   -11.274 5.468   1.00 32.47 ? 41  ARG A NH2   1 
ATOM   325  N  N     . LYS A 1 43  ? 3.632   -9.500  11.113  1.00 18.14 ? 42  LYS A N     1 
ATOM   326  C  CA    . LYS A 1 43  ? 2.954   -9.123  12.348  1.00 17.32 ? 42  LYS A CA    1 
ATOM   327  C  C     . LYS A 1 43  ? 1.709   -9.991  12.433  1.00 16.90 ? 42  LYS A C     1 
ATOM   328  O  O     . LYS A 1 43  ? 0.920   -10.018 11.479  1.00 14.99 ? 42  LYS A O     1 
ATOM   329  C  CB    . LYS A 1 43  ? 2.603   -7.637  12.335  1.00 19.60 ? 42  LYS A CB    1 
ATOM   330  C  CG    . LYS A 1 43  ? 2.371   -7.048  13.716  1.00 21.41 ? 42  LYS A CG    1 
ATOM   331  C  CD    . LYS A 1 43  ? 1.493   -5.773  13.644  1.00 30.13 ? 42  LYS A CD    1 
ATOM   332  C  CE    . LYS A 1 43  ? 1.212   -5.202  15.050  1.00 33.39 ? 42  LYS A CE    1 
ATOM   333  N  NZ    . LYS A 1 43  ? 0.298   -3.992  14.855  1.00 38.77 ? 42  LYS A NZ    1 
ATOM   334  N  N     . GLN A 1 44  ? 1.527   -10.694 13.557  1.00 16.32 ? 43  GLN A N     1 
ATOM   335  C  CA    . GLN A 1 44  ? 0.186   -11.274 13.871  1.00 15.14 ? 43  GLN A CA    1 
ATOM   336  C  C     . GLN A 1 44  ? -0.791  -10.216 14.401  1.00 15.57 ? 43  GLN A C     1 
ATOM   337  O  O     . GLN A 1 44  ? -0.455  -9.365  15.272  1.00 16.00 ? 43  GLN A O     1 
ATOM   338  C  CB    . GLN A 1 44  ? 0.330   -12.424 14.870  1.00 16.42 ? 43  GLN A CB    1 
ATOM   339  C  CG    . GLN A 1 44  ? -0.939  -13.238 15.182  1.00 19.52 ? 43  GLN A CG    1 
ATOM   340  C  CD    . GLN A 1 44  ? -0.630  -14.341 16.200  1.00 24.36 ? 43  GLN A CD    1 
ATOM   341  O  OE1   . GLN A 1 44  ? 0.266   -15.150 15.978  1.00 28.72 ? 43  GLN A OE1   1 
ATOM   342  N  NE2   . GLN A 1 44  ? -1.343  -14.345 17.334  1.00 29.72 ? 43  GLN A NE2   1 
ATOM   343  N  N     . VAL A 1 45  ? -2.009  -10.219 13.824  1.00 13.99 ? 44  VAL A N     1 
ATOM   344  C  CA    . VAL A 1 45  ? -3.041  -9.230  14.173  1.00 13.91 ? 44  VAL A CA    1 
ATOM   345  C  C     . VAL A 1 45  ? -4.410  -9.907  14.220  1.00 15.76 ? 44  VAL A C     1 
ATOM   346  O  O     . VAL A 1 45  ? -4.501  -11.031 13.808  1.00 13.65 ? 44  VAL A O     1 
ATOM   347  C  CB    . VAL A 1 45  ? -3.128  -8.079  13.140  1.00 14.52 ? 44  VAL A CB    1 
ATOM   348  C  CG1   . VAL A 1 45  ? -1.834  -7.287  13.088  1.00 15.61 ? 44  VAL A CG1   1 
ATOM   349  C  CG2   . VAL A 1 45  ? -3.424  -8.569  11.724  1.00 14.33 ? 44  VAL A CG2   1 
ATOM   350  N  N     . VAL A 1 46  ? -5.454  -9.180  14.680  1.00 14.31 ? 45  VAL A N     1 
ATOM   351  C  CA    . VAL A 1 46  ? -6.793  -9.698  14.668  1.00 16.15 ? 45  VAL A CA    1 
ATOM   352  C  C     . VAL A 1 46  ? -7.535  -8.705  13.820  1.00 15.17 ? 45  VAL A C     1 
ATOM   353  O  O     . VAL A 1 46  ? -7.517  -7.510  14.094  1.00 14.22 ? 45  VAL A O     1 
ATOM   354  C  CB    . VAL A 1 46  ? -7.407  -9.782  16.127  1.00 16.05 ? 45  VAL A CB    1 
ATOM   355  C  CG1   . VAL A 1 46  ? -8.837  -10.245 16.024  1.00 19.25 ? 45  VAL A CG1   1 
ATOM   356  C  CG2   . VAL A 1 46  ? -6.623  -10.745 17.001  1.00 17.31 ? 45  VAL A CG2   1 
ATOM   357  N  N     . ILE A 1 47  ? -8.172  -9.185  12.765  1.00 15.02 ? 46  ILE A N     1 
ATOM   358  C  CA    . ILE A 1 47  ? -8.959  -8.348  11.872  1.00 12.56 ? 46  ILE A CA    1 
ATOM   359  C  C     . ILE A 1 47  ? -10.350 -8.879  11.720  1.00 13.67 ? 46  ILE A C     1 
ATOM   360  O  O     . ILE A 1 47  ? -10.484 -10.029 11.259  1.00 14.07 ? 46  ILE A O     1 
ATOM   361  C  CB    . ILE A 1 47  ? -8.301  -8.240  10.460  1.00 10.70 ? 46  ILE A CB    1 
ATOM   362  C  CG1   . ILE A 1 47  ? -6.865  -7.648  10.566  1.00 11.68 ? 46  ILE A CG1   1 
ATOM   363  C  CG2   . ILE A 1 47  ? -9.253  -7.388  9.512   1.00 12.75 ? 46  ILE A CG2   1 
ATOM   364  C  CD1   . ILE A 1 47  ? -6.031  -7.822  9.246   1.00 10.28 ? 46  ILE A CD1   1 
ATOM   365  N  N     . ASP A 1 48  ? -11.383 -8.114  12.194  1.00 11.91 ? 47  ASP A N     1 
ATOM   366  C  CA    . ASP A 1 48  ? -12.763 -8.650  12.278  1.00 13.70 ? 47  ASP A CA    1 
ATOM   367  C  C     . ASP A 1 48  ? -12.869 -10.074 12.907  1.00 14.96 ? 47  ASP A C     1 
ATOM   368  O  O     . ASP A 1 48  ? -13.649 -10.929 12.429  1.00 13.87 ? 47  ASP A O     1 
ATOM   369  C  CB    . ASP A 1 48  ? -13.316 -8.683  10.861  1.00 15.08 ? 47  ASP A CB    1 
ATOM   370  C  CG    . ASP A 1 48  ? -13.102 -7.398  10.141  1.00 15.63 ? 47  ASP A CG    1 
ATOM   371  O  OD1   . ASP A 1 48  ? -13.380 -6.328  10.775  1.00 16.95 ? 47  ASP A OD1   1 
ATOM   372  O  OD2   . ASP A 1 48  ? -12.626 -7.422  8.951   1.00 15.15 ? 47  ASP A OD2   1 
ATOM   373  N  N     . GLY A 1 49  ? -12.134 -10.318 13.972  1.00 12.82 ? 48  GLY A N     1 
ATOM   374  C  CA    . GLY A 1 49  ? -12.260 -11.546 14.781  1.00 13.00 ? 48  GLY A CA    1 
ATOM   375  C  C     . GLY A 1 49  ? -11.338 -12.651 14.326  1.00 11.02 ? 48  GLY A C     1 
ATOM   376  O  O     . GLY A 1 49  ? -11.154 -13.671 15.011  1.00 13.37 ? 48  GLY A O     1 
ATOM   377  N  N     . GLU A 1 50  ? -10.686 -12.408 13.212  1.00 9.72  ? 49  GLU A N     1 
ATOM   378  C  CA    . GLU A 1 50  ? -9.785  -13.415 12.611  1.00 11.79 ? 49  GLU A CA    1 
ATOM   379  C  C     . GLU A 1 50  ? -8.368  -13.129 13.005  1.00 12.31 ? 49  GLU A C     1 
ATOM   380  O  O     . GLU A 1 50  ? -7.772  -12.122 12.541  1.00 14.60 ? 49  GLU A O     1 
ATOM   381  C  CB    . GLU A 1 50  ? -9.872  -13.455 11.070  1.00 11.44 ? 49  GLU A CB    1 
ATOM   382  C  CG    . GLU A 1 50  ? -8.912  -14.487 10.441  1.00 14.36 ? 49  GLU A CG    1 
ATOM   383  C  CD    . GLU A 1 50  ? -8.960  -14.466 8.925   1.00 15.41 ? 49  GLU A CD    1 
ATOM   384  O  OE1   . GLU A 1 50  ? -8.609  -13.423 8.339   1.00 13.02 ? 49  GLU A OE1   1 
ATOM   385  O  OE2   . GLU A 1 50  ? -9.403  -15.491 8.309   1.00 15.40 ? 49  GLU A OE2   1 
ATOM   386  N  N     . THR A 1 51  ? -7.785  -14.086 13.723  1.00 13.77 ? 50  THR A N     1 
ATOM   387  C  CA    . THR A 1 51  ? -6.317  -14.040 14.043  1.00 12.51 ? 50  THR A CA    1 
ATOM   388  C  C     . THR A 1 51  ? -5.554  -14.519 12.809  1.00 11.42 ? 50  THR A C     1 
ATOM   389  O  O     . THR A 1 51  ? -5.794  -15.616 12.292  1.00 12.30 ? 50  THR A O     1 
ATOM   390  C  CB    . THR A 1 51  ? -5.996  -14.914 15.238  1.00 13.01 ? 50  THR A CB    1 
ATOM   391  O  OG1   . THR A 1 51  ? -6.568  -14.284 16.403  1.00 15.38 ? 50  THR A OG1   1 
ATOM   392  C  CG2   . THR A 1 51  ? -4.445  -15.089 15.407  1.00 16.69 ? 50  THR A CG2   1 
ATOM   393  N  N     . CYS A 1 52  ? -4.685  -13.663 12.297  1.00 12.95 ? 51  CYS A N     1 
ATOM   394  C  CA    . CYS A 1 52  ? -3.987  -13.880 10.984  1.00 11.27 ? 51  CYS A CA    1 
ATOM   395  C  C     . CYS A 1 52  ? -2.609  -13.242 10.987  1.00 12.22 ? 51  CYS A C     1 
ATOM   396  O  O     . CYS A 1 52  ? -2.286  -12.473 11.888  1.00 12.69 ? 51  CYS A O     1 
ATOM   397  C  CB    . CYS A 1 52  ? -4.810  -13.328 9.804   1.00 12.12 ? 51  CYS A CB    1 
ATOM   398  S  SG    . CYS A 1 52  ? -5.135  -11.537 9.895   1.00 13.75 ? 51  CYS A SG    1 
ATOM   399  N  N     . LEU A 1 53  ? -1.828  -13.607 9.979   1.00 12.02 ? 52  LEU A N     1 
ATOM   400  C  CA    . LEU A 1 53  ? -0.448  -13.159 9.846   1.00 12.15 ? 52  LEU A CA    1 
ATOM   401  C  C     . LEU A 1 53  ? -0.435  -12.196 8.626   1.00 12.43 ? 52  LEU A C     1 
ATOM   402  O  O     . LEU A 1 53  ? -0.925  -12.506 7.529   1.00 13.83 ? 52  LEU A O     1 
ATOM   403  C  CB    . LEU A 1 53  ? 0.502   -14.331 9.660   1.00 11.88 ? 52  LEU A CB    1 
ATOM   404  C  CG    . LEU A 1 53  ? 1.977   -13.909 9.668   1.00 16.94 ? 52  LEU A CG    1 
ATOM   405  C  CD1   . LEU A 1 53  ? 2.396   -13.301 10.972  1.00 17.59 ? 52  LEU A CD1   1 
ATOM   406  C  CD2   . LEU A 1 53  ? 2.821   -15.186 9.369   1.00 18.07 ? 52  LEU A CD2   1 
ATOM   407  N  N     . LEU A 1 54  ? 0.095   -11.012 8.840   1.00 11.69 ? 53  LEU A N     1 
ATOM   408  C  CA    . LEU A 1 54  ? 0.377   -10.103 7.748   1.00 13.68 ? 53  LEU A CA    1 
ATOM   409  C  C     . LEU A 1 54  ? 1.831   -10.232 7.345   1.00 14.68 ? 53  LEU A C     1 
ATOM   410  O  O     . LEU A 1 54  ? 2.692   -10.124 8.198   1.00 13.77 ? 53  LEU A O     1 
ATOM   411  C  CB    . LEU A 1 54  ? 0.049   -8.639  8.151   1.00 14.05 ? 53  LEU A CB    1 
ATOM   412  C  CG    . LEU A 1 54  ? -1.412  -8.369  8.607   1.00 13.35 ? 53  LEU A CG    1 
ATOM   413  C  CD1   . LEU A 1 54  ? -1.743  -6.854  8.917   1.00 16.60 ? 53  LEU A CD1   1 
ATOM   414  C  CD2   . LEU A 1 54  ? -2.413  -8.994  7.654   1.00 15.41 ? 53  LEU A CD2   1 
ATOM   415  N  N     . ASP A 1 55  ? 2.097   -10.417 6.037   1.00 14.64 ? 54  ASP A N     1 
ATOM   416  C  CA    . ASP A 1 55  ? 3.478   -10.456 5.517   1.00 14.82 ? 54  ASP A CA    1 
ATOM   417  C  C     . ASP A 1 55  ? 3.538   -9.272  4.585   1.00 13.66 ? 54  ASP A C     1 
ATOM   418  O  O     . ASP A 1 55  ? 2.896   -9.312  3.552   1.00 14.01 ? 54  ASP A O     1 
ATOM   419  C  CB    . ASP A 1 55  ? 3.697   -11.732 4.728   1.00 14.77 ? 54  ASP A CB    1 
ATOM   420  C  CG    . ASP A 1 55  ? 5.127   -11.911 4.282   1.00 17.74 ? 54  ASP A CG    1 
ATOM   421  O  OD1   . ASP A 1 55  ? 5.998   -11.058 4.575   1.00 18.46 ? 54  ASP A OD1   1 
ATOM   422  O  OD2   . ASP A 1 55  ? 5.376   -12.955 3.695   1.00 20.32 ? 54  ASP A OD2   1 
ATOM   423  N  N     . ILE A 1 56  ? 4.273   -8.204  4.972   1.00 12.90 ? 55  ILE A N     1 
ATOM   424  C  CA    . ILE A 1 56  ? 4.197   -6.953  4.176   1.00 13.22 ? 55  ILE A CA    1 
ATOM   425  C  C     . ILE A 1 56  ? 5.543   -6.640  3.591   1.00 13.25 ? 55  ILE A C     1 
ATOM   426  O  O     . ILE A 1 56  ? 6.553   -6.464  4.332   1.00 14.54 ? 55  ILE A O     1 
ATOM   427  C  CB    . ILE A 1 56  ? 3.724   -5.777  5.103   1.00 13.19 ? 55  ILE A CB    1 
ATOM   428  C  CG1   . ILE A 1 56  ? 2.359   -6.106  5.705   1.00 12.13 ? 55  ILE A CG1   1 
ATOM   429  C  CG2   . ILE A 1 56  ? 3.803   -4.450  4.437   1.00 10.81 ? 55  ILE A CG2   1 
ATOM   430  C  CD1   . ILE A 1 56  ? 1.977   -5.263  6.851   1.00 17.31 ? 55  ILE A CD1   1 
ATOM   431  N  N     . LEU A 1 57  ? 5.563   -6.479  2.280   1.00 12.33 ? 56  LEU A N     1 
ATOM   432  C  CA    . LEU A 1 57  ? 6.750   -6.031  1.508   1.00 10.73 ? 56  LEU A CA    1 
ATOM   433  C  C     . LEU A 1 57  ? 6.754   -4.467  1.375   1.00 11.63 ? 56  LEU A C     1 
ATOM   434  O  O     . LEU A 1 57  ? 5.879   -3.883  0.733   1.00 11.70 ? 56  LEU A O     1 
ATOM   435  C  CB    . LEU A 1 57  ? 6.712   -6.712  0.116   1.00 10.31 ? 56  LEU A CB    1 
ATOM   436  C  CG    . LEU A 1 57  ? 7.935   -6.360  -0.764  1.00 11.63 ? 56  LEU A CG    1 
ATOM   437  C  CD1   . LEU A 1 57  ? 9.263   -6.780  -0.004  1.00 9.24  ? 56  LEU A CD1   1 
ATOM   438  C  CD2   . LEU A 1 57  ? 7.862   -6.909  -2.215  1.00 10.26 ? 56  LEU A CD2   1 
ATOM   439  N  N     . ASP A 1 58  ? 7.755   -3.808  1.966   1.00 10.12 ? 57  ASP A N     1 
ATOM   440  C  CA    . ASP A 1 58  ? 7.933   -2.412  1.851   1.00 13.21 ? 57  ASP A CA    1 
ATOM   441  C  C     . ASP A 1 58  ? 8.890   -2.217  0.624   1.00 13.02 ? 57  ASP A C     1 
ATOM   442  O  O     . ASP A 1 58  ? 10.123  -2.406  0.710   1.00 13.61 ? 57  ASP A O     1 
ATOM   443  C  CB    . ASP A 1 58  ? 8.614   -1.908  3.149   1.00 14.34 ? 57  ASP A CB    1 
ATOM   444  C  CG    . ASP A 1 58  ? 9.053   -0.497  3.059   1.00 15.14 ? 57  ASP A CG    1 
ATOM   445  O  OD1   . ASP A 1 58  ? 8.449   0.270   2.272   1.00 11.15 ? 57  ASP A OD1   1 
ATOM   446  O  OD2   . ASP A 1 58  ? 9.956   -0.040  3.834   1.00 11.39 ? 57  ASP A OD2   1 
ATOM   447  N  N     . THR A 1 59  ? 8.330   -1.941  -0.559  1.00 11.93 ? 58  THR A N     1 
ATOM   448  C  CA    . THR A 1 59  ? 9.151   -1.901  -1.796  1.00 12.83 ? 58  THR A CA    1 
ATOM   449  C  C     . THR A 1 59  ? 10.020  -0.651  -1.866  1.00 12.72 ? 58  THR A C     1 
ATOM   450  O  O     . THR A 1 59  ? 9.691   0.357   -1.215  1.00 13.36 ? 58  THR A O     1 
ATOM   451  C  CB    . THR A 1 59  ? 8.246   -2.000  -3.053  1.00 10.29 ? 58  THR A CB    1 
ATOM   452  O  OG1   . THR A 1 59  ? 7.466   -0.784  -3.212  1.00 9.83  ? 58  THR A OG1   1 
ATOM   453  C  CG2   . THR A 1 59  ? 7.380   -3.340  -2.957  1.00 10.12 ? 58  THR A CG2   1 
ATOM   454  N  N     . ALA A 1 60  ? 11.091  -0.733  -2.668  1.00 13.01 ? 59  ALA A N     1 
ATOM   455  C  CA    . ALA A 1 60  ? 11.993  0.403   -2.852  1.00 13.59 ? 59  ALA A CA    1 
ATOM   456  C  C     . ALA A 1 60  ? 12.234  0.721   -4.315  1.00 14.83 ? 59  ALA A C     1 
ATOM   457  O  O     . ALA A 1 60  ? 13.152  1.512   -4.630  1.00 15.35 ? 59  ALA A O     1 
ATOM   458  C  CB    . ALA A 1 60  ? 13.326  0.222   -2.063  1.00 14.28 ? 59  ALA A CB    1 
ATOM   459  N  N     . GLY A 1 61  ? 11.334  0.252   -5.188  1.00 14.91 ? 60  GLY A N     1 
ATOM   460  C  CA    . GLY A 1 61  ? 11.323  0.553   -6.603  1.00 16.11 ? 60  GLY A CA    1 
ATOM   461  C  C     . GLY A 1 61  ? 12.178  -0.416  -7.423  1.00 17.28 ? 60  GLY A C     1 
ATOM   462  O  O     . GLY A 1 61  ? 11.940  -1.651  -7.457  1.00 17.46 ? 60  GLY A O     1 
ATOM   463  N  N     . GLN A 1 62  ? 13.184  0.092   -8.126  1.00 16.50 ? 61  GLN A N     1 
ATOM   464  C  CA    . GLN A 1 62  ? 13.952  -0.797  -9.026  1.00 15.45 ? 61  GLN A CA    1 
ATOM   465  C  C     . GLN A 1 62  ? 14.569  -2.009  -8.287  1.00 15.78 ? 61  GLN A C     1 
ATOM   466  O  O     . GLN A 1 62  ? 14.903  -1.948  -7.100  1.00 17.11 ? 61  GLN A O     1 
ATOM   467  C  CB    . GLN A 1 62  ? 15.029  -0.033  -9.876  1.00 15.27 ? 61  GLN A CB    1 
ATOM   468  C  CG    . GLN A 1 62  ? 14.492  1.107   -10.785 1.00 15.55 ? 61  GLN A CG    1 
ATOM   469  C  CD    . GLN A 1 62  ? 13.561  0.616   -11.953 1.00 24.77 ? 61  GLN A CD    1 
ATOM   470  O  OE1   . GLN A 1 62  ? 13.664  -0.514  -12.409 1.00 24.66 ? 61  GLN A OE1   1 
ATOM   471  N  NE2   . GLN A 1 62  ? 12.690  1.514   -12.458 1.00 25.35 ? 61  GLN A NE2   1 
ATOM   472  N  N     . GLU A 1 63  ? 14.748  -3.100  -8.991  1.00 16.34 ? 62  GLU A N     1 
ATOM   473  C  CA    . GLU A 1 63  ? 15.358  -4.279  -8.387  1.00 17.28 ? 62  GLU A CA    1 
ATOM   474  C  C     . GLU A 1 63  ? 16.665  -4.605  -9.142  1.00 16.63 ? 62  GLU A C     1 
ATOM   475  O  O     . GLU A 1 63  ? 16.869  -4.149  -10.304 1.00 15.68 ? 62  GLU A O     1 
ATOM   476  C  CB    . GLU A 1 63  ? 14.419  -5.493  -8.535  1.00 16.75 ? 62  GLU A CB    1 
ATOM   477  C  CG    . GLU A 1 63  ? 13.101  -5.349  -7.865  1.00 17.56 ? 62  GLU A CG    1 
ATOM   478  C  CD    . GLU A 1 63  ? 13.161  -5.536  -6.424  1.00 15.65 ? 62  GLU A CD    1 
ATOM   479  O  OE1   . GLU A 1 63  ? 14.286  -5.579  -5.786  1.00 15.96 ? 62  GLU A OE1   1 
ATOM   480  O  OE2   . GLU A 1 63  ? 12.063  -5.676  -5.819  1.00 17.47 ? 62  GLU A OE2   1 
ATOM   481  N  N     . GLU A 1 64  ? 17.489  -5.438  -8.527  1.00 16.35 ? 63  GLU A N     1 
ATOM   482  C  CA    . GLU A 1 64  ? 18.732  -5.880  -9.218  1.00 16.06 ? 63  GLU A CA    1 
ATOM   483  C  C     . GLU A 1 64  ? 18.333  -6.425  -10.616 1.00 16.27 ? 63  GLU A C     1 
ATOM   484  O  O     . GLU A 1 64  ? 18.961  -6.078  -11.651 1.00 16.53 ? 63  GLU A O     1 
ATOM   485  C  CB    . GLU A 1 64  ? 19.426  -6.972  -8.339  1.00 16.66 ? 63  GLU A CB    1 
ATOM   486  C  CG    . GLU A 1 64  ? 20.807  -7.359  -8.847  1.00 16.98 ? 63  GLU A CG    1 
ATOM   487  C  CD    . GLU A 1 64  ? 21.365  -8.656  -8.205  1.00 19.91 ? 63  GLU A CD    1 
ATOM   488  O  OE1   . GLU A 1 64  ? 20.813  -9.278  -7.234  1.00 20.05 ? 63  GLU A OE1   1 
ATOM   489  O  OE2   . GLU A 1 64  ? 22.391  -9.093  -8.710  1.00 15.10 ? 63  GLU A OE2   1 
ATOM   490  N  N     . TYR A 1 65  ? 17.306  -7.262  -10.648 1.00 15.07 ? 64  TYR A N     1 
ATOM   491  C  CA    . TYR A 1 65  ? 16.725  -7.779  -11.897 1.00 14.46 ? 64  TYR A CA    1 
ATOM   492  C  C     . TYR A 1 65  ? 15.241  -7.564  -11.966 1.00 15.41 ? 64  TYR A C     1 
ATOM   493  O  O     . TYR A 1 65  ? 14.529  -7.791  -10.989 1.00 15.61 ? 64  TYR A O     1 
ATOM   494  C  CB    . TYR A 1 65  ? 16.871  -9.309  -11.952 1.00 14.64 ? 64  TYR A CB    1 
ATOM   495  C  CG    . TYR A 1 65  ? 18.331  -9.783  -11.904 1.00 14.38 ? 64  TYR A CG    1 
ATOM   496  C  CD1   . TYR A 1 65  ? 19.160  -9.728  -13.066 1.00 13.80 ? 64  TYR A CD1   1 
ATOM   497  C  CD2   . TYR A 1 65  ? 18.821  -10.335 -10.740 1.00 16.24 ? 64  TYR A CD2   1 
ATOM   498  C  CE1   . TYR A 1 65  ? 20.532  -10.217 -13.043 1.00 12.72 ? 64  TYR A CE1   1 
ATOM   499  C  CE2   . TYR A 1 65  ? 20.166  -10.867 -10.704 1.00 11.99 ? 64  TYR A CE2   1 
ATOM   500  C  CZ    . TYR A 1 65  ? 20.999  -10.763 -11.856 1.00 10.43 ? 64  TYR A CZ    1 
ATOM   501  O  OH    . TYR A 1 65  ? 22.256  -11.246 -11.724 1.00 13.59 ? 64  TYR A OH    1 
ATOM   502  N  N     . SER A 1 66  ? 14.748  -7.172  -13.113 1.00 16.28 ? 65  SER A N     1 
ATOM   503  C  CA    . SER A 1 66  ? 13.340  -6.921  -13.219 1.00 17.23 ? 65  SER A CA    1 
ATOM   504  C  C     . SER A 1 66  ? 12.476  -8.164  -12.871 1.00 16.53 ? 65  SER A C     1 
ATOM   505  O  O     . SER A 1 66  ? 11.344  -8.015  -12.340 1.00 14.86 ? 65  SER A O     1 
ATOM   506  C  CB    . SER A 1 66  ? 12.995  -6.306  -14.581 1.00 18.23 ? 65  SER A CB    1 
ATOM   507  O  OG    . SER A 1 66  ? 12.685  -7.294  -15.502 1.00 23.12 ? 65  SER A OG    1 
ATOM   508  N  N     . ALA A 1 67  ? 13.014  -9.372  -13.073 1.00 18.00 ? 66  ALA A N     1 
ATOM   509  C  CA    . ALA A 1 67  ? 12.324  -10.607 -12.661 1.00 16.25 ? 66  ALA A CA    1 
ATOM   510  C  C     . ALA A 1 67  ? 11.963  -10.571 -11.182 1.00 16.54 ? 66  ALA A C     1 
ATOM   511  O  O     . ALA A 1 67  ? 10.955  -11.202 -10.765 1.00 14.53 ? 66  ALA A O     1 
ATOM   512  C  CB    . ALA A 1 67  ? 13.173  -11.900 -12.988 1.00 18.31 ? 66  ALA A CB    1 
ATOM   513  N  N     . MET A 1 68  ? 12.782  -9.891  -10.340 1.00 12.66 ? 67  MET A N     1 
ATOM   514  C  CA    . MET A 1 68  ? 12.372  -9.851  -8.934  1.00 11.15 ? 67  MET A CA    1 
ATOM   515  C  C     . MET A 1 68  ? 11.062  -9.053  -8.662  1.00 11.86 ? 67  MET A C     1 
ATOM   516  O  O     . MET A 1 68  ? 10.260  -9.410  -7.723  1.00 13.50 ? 67  MET A O     1 
ATOM   517  C  CB    . MET A 1 68  ? 13.496  -9.261  -8.097  1.00 11.25 ? 67  MET A CB    1 
ATOM   518  C  CG    . MET A 1 68  ? 14.691  -10.164 -8.290  1.00 11.36 ? 67  MET A CG    1 
ATOM   519  S  SD    . MET A 1 68  ? 16.326  -9.399  -7.769  1.00 13.02 ? 67  MET A SD    1 
ATOM   520  C  CE    . MET A 1 68  ? 15.995  -8.887  -6.106  1.00 8.99  ? 67  MET A CE    1 
ATOM   521  N  N     . ARG A 1 69  ? 10.879  -7.994  -9.436  1.00 11.71 ? 68  ARG A N     1 
ATOM   522  C  CA    . ARG A 1 69  ? 9.696   -7.140  -9.330  1.00 12.69 ? 68  ARG A CA    1 
ATOM   523  C  C     . ARG A 1 69  ? 8.501   -8.011  -9.729  1.00 12.54 ? 68  ARG A C     1 
ATOM   524  O  O     . ARG A 1 69  ? 7.522   -8.087  -9.013  1.00 11.86 ? 68  ARG A O     1 
ATOM   525  C  CB    . ARG A 1 69  ? 9.775   -6.005  -10.339 1.00 13.90 ? 68  ARG A CB    1 
ATOM   526  C  CG    . ARG A 1 69  ? 8.502   -5.126  -10.377 1.00 12.38 ? 68  ARG A CG    1 
ATOM   527  C  CD    . ARG A 1 69  ? 8.486   -4.327  -11.724 1.00 13.49 ? 68  ARG A CD    1 
ATOM   528  N  NE    . ARG A 1 69  ? 8.448   -5.254  -12.887 1.00 17.21 ? 68  ARG A NE    1 
ATOM   529  C  CZ    . ARG A 1 69  ? 8.850   -4.944  -14.133 1.00 22.20 ? 68  ARG A CZ    1 
ATOM   530  N  NH1   . ARG A 1 69  ? 9.310   -3.722  -14.422 1.00 25.14 ? 68  ARG A NH1   1 
ATOM   531  N  NH2   . ARG A 1 69  ? 8.816   -5.844  -15.128 1.00 20.23 ? 68  ARG A NH2   1 
ATOM   532  N  N     . ASP A 1 70  ? 8.644   -8.701  -10.854 1.00 14.30 ? 69  ASP A N     1 
ATOM   533  C  CA    . ASP A 1 70  ? 7.621   -9.605  -11.296 1.00 13.91 ? 69  ASP A CA    1 
ATOM   534  C  C     . ASP A 1 70  ? 7.288   -10.689 -10.284 1.00 13.52 ? 69  ASP A C     1 
ATOM   535  O  O     . ASP A 1 70  ? 6.119   -10.981 -10.083 1.00 13.21 ? 69  ASP A O     1 
ATOM   536  C  CB    . ASP A 1 70  ? 7.980   -10.246 -12.645 1.00 13.38 ? 69  ASP A CB    1 
ATOM   537  C  CG    . ASP A 1 70  ? 8.049   -9.245  -13.762 1.00 13.45 ? 69  ASP A CG    1 
ATOM   538  O  OD1   . ASP A 1 70  ? 7.658   -8.074  -13.619 1.00 14.64 ? 69  ASP A OD1   1 
ATOM   539  O  OD2   . ASP A 1 70  ? 8.425   -9.648  -14.863 1.00 17.17 ? 69  ASP A OD2   1 
ATOM   540  N  N     . GLN A 1 71  ? 8.289   -11.160 -9.542  1.00 12.55 ? 70  GLN A N     1 
ATOM   541  C  CA    . GLN A 1 71  ? 8.088   -12.214 -8.571  1.00 10.78 ? 70  GLN A CA    1 
ATOM   542  C  C     . GLN A 1 71  ? 7.226   -11.716 -7.400  1.00 11.54 ? 70  GLN A C     1 
ATOM   543  O  O     . GLN A 1 71  ? 6.286   -12.415 -7.015  1.00 11.92 ? 70  GLN A O     1 
ATOM   544  C  CB    . GLN A 1 71  ? 9.474   -12.709 -8.041  1.00 12.40 ? 70  GLN A CB    1 
ATOM   545  C  CG    . GLN A 1 71  ? 9.422   -13.800 -6.993  1.00 10.51 ? 70  GLN A CG    1 
ATOM   546  C  CD    . GLN A 1 71  ? 9.061   -15.181 -7.572  1.00 13.27 ? 70  GLN A CD    1 
ATOM   547  O  OE1   . GLN A 1 71  ? 9.028   -15.411 -8.810  1.00 15.35 ? 70  GLN A OE1   1 
ATOM   548  N  NE2   . GLN A 1 71  ? 8.731   -16.068 -6.691  1.00 13.92 ? 70  GLN A NE2   1 
ATOM   549  N  N     . TYR A 1 72  ? 7.547   -10.525 -6.844  1.00 11.87 ? 71  TYR A N     1 
ATOM   550  C  CA    . TYR A 1 72  ? 6.725   -10.002 -5.731  1.00 11.66 ? 71  TYR A CA    1 
ATOM   551  C  C     . TYR A 1 72  ? 5.331   -9.617  -6.177  1.00 12.52 ? 71  TYR A C     1 
ATOM   552  O  O     . TYR A 1 72  ? 4.394   -9.706  -5.425  1.00 12.77 ? 71  TYR A O     1 
ATOM   553  C  CB    . TYR A 1 72  ? 7.394   -8.904  -4.919  1.00 9.04  ? 71  TYR A CB    1 
ATOM   554  C  CG    . TYR A 1 72  ? 7.493   -7.513  -5.457  1.00 11.12 ? 71  TYR A CG    1 
ATOM   555  C  CD1   . TYR A 1 72  ? 6.367   -6.692  -5.600  1.00 11.24 ? 71  TYR A CD1   1 
ATOM   556  C  CD2   . TYR A 1 72  ? 8.746   -6.960  -5.713  1.00 11.18 ? 71  TYR A CD2   1 
ATOM   557  C  CE1   . TYR A 1 72  ? 6.469   -5.343  -6.032  1.00 12.01 ? 71  TYR A CE1   1 
ATOM   558  C  CE2   . TYR A 1 72  ? 8.876   -5.598  -6.109  1.00 14.61 ? 71  TYR A CE2   1 
ATOM   559  C  CZ    . TYR A 1 72  ? 7.755   -4.795  -6.234  1.00 15.38 ? 71  TYR A CZ    1 
ATOM   560  O  OH    . TYR A 1 72  ? 7.933   -3.499  -6.717  1.00 15.88 ? 71  TYR A OH    1 
ATOM   561  N  N     . MET A 1 73  ? 5.204   -9.176  -7.389  1.00 12.26 ? 72  MET A N     1 
ATOM   562  C  CA    . MET A 1 73  ? 3.855   -8.815  -7.883  1.00 13.87 ? 72  MET A CA    1 
ATOM   563  C  C     . MET A 1 73  ? 2.982   -10.004 -8.112  1.00 14.35 ? 72  MET A C     1 
ATOM   564  O  O     . MET A 1 73  ? 1.772   -9.965  -7.818  1.00 12.37 ? 72  MET A O     1 
ATOM   565  C  CB    . MET A 1 73  ? 3.985   -7.988  -9.158  1.00 13.23 ? 72  MET A CB    1 
ATOM   566  C  CG    . MET A 1 73  ? 4.339   -6.513  -8.816  1.00 14.56 ? 72  MET A CG    1 
ATOM   567  S  SD    . MET A 1 73  ? 4.428   -5.497  -10.352 1.00 13.47 ? 72  MET A SD    1 
ATOM   568  C  CE    . MET A 1 73  ? 5.083   -3.987  -9.586  1.00 11.95 ? 72  MET A CE    1 
ATOM   569  N  N     . ARG A 1 74  ? 3.573   -11.116 -8.554  1.00 14.34 ? 73  ARG A N     1 
ATOM   570  C  CA    . ARG A 1 74  ? 2.695   -12.307 -8.654  1.00 14.07 ? 73  ARG A CA    1 
ATOM   571  C  C     . ARG A 1 74  ? 2.411   -12.885 -7.267  1.00 14.05 ? 73  ARG A C     1 
ATOM   572  O  O     . ARG A 1 74  ? 1.394   -13.517 -7.049  1.00 13.31 ? 73  ARG A O     1 
ATOM   573  C  CB    . ARG A 1 74  ? 3.339   -13.423 -9.484  1.00 15.06 ? 73  ARG A CB    1 
ATOM   574  C  CG    . ARG A 1 74  ? 3.254   -13.126 -10.987 1.00 17.23 ? 73  ARG A CG    1 
ATOM   575  C  CD    . ARG A 1 74  ? 3.651   -14.357 -11.827 1.00 23.54 ? 73  ARG A CD    1 
ATOM   576  N  NE    . ARG A 1 74  ? 4.099   -13.890 -13.162 1.00 21.60 ? 73  ARG A NE    1 
ATOM   577  C  CZ    . ARG A 1 74  ? 5.384   -13.652 -13.449 1.00 23.69 ? 73  ARG A CZ    1 
ATOM   578  N  NH1   . ARG A 1 74  ? 6.328   -13.840 -12.538 1.00 29.15 ? 73  ARG A NH1   1 
ATOM   579  N  NH2   . ARG A 1 74  ? 5.758   -13.193 -14.629 1.00 23.59 ? 73  ARG A NH2   1 
ATOM   580  N  N     . THR A 1 75  ? 3.348   -12.722 -6.314  1.00 12.58 ? 74  THR A N     1 
ATOM   581  C  CA    . THR A 1 75  ? 3.166   -13.429 -5.062  1.00 12.08 ? 74  THR A CA    1 
ATOM   582  C  C     . THR A 1 75  ? 2.203   -12.637 -4.190  1.00 12.72 ? 74  THR A C     1 
ATOM   583  O  O     . THR A 1 75  ? 1.416   -13.193 -3.400  1.00 13.66 ? 74  THR A O     1 
ATOM   584  C  CB    . THR A 1 75  ? 4.585   -13.571 -4.336  1.00 11.92 ? 74  THR A CB    1 
ATOM   585  O  OG1   . THR A 1 75  ? 5.506   -14.297 -5.197  1.00 15.96 ? 74  THR A OG1   1 
ATOM   586  C  CG2   . THR A 1 75  ? 4.490   -14.227 -2.952  1.00 15.32 ? 74  THR A CG2   1 
ATOM   587  N  N     . GLY A 1 76  ? 2.317   -11.319 -4.285  1.00 13.09 ? 75  GLY A N     1 
ATOM   588  C  CA    . GLY A 1 76  ? 1.542   -10.489 -3.371  1.00 11.22 ? 75  GLY A CA    1 
ATOM   589  C  C     . GLY A 1 76  ? 0.089   -10.632 -3.697  1.00 12.37 ? 75  GLY A C     1 
ATOM   590  O  O     . GLY A 1 76  ? -0.273  -10.744 -4.846  1.00 11.29 ? 75  GLY A O     1 
ATOM   591  N  N     . GLU A 1 77  ? -0.755  -10.617 -2.671  1.00 10.57 ? 76  GLU A N     1 
ATOM   592  C  CA    . GLU A 1 77  ? -2.189  -10.792 -2.897  1.00 9.93  ? 76  GLU A CA    1 
ATOM   593  C  C     . GLU A 1 77  ? -2.959  -9.480  -2.966  1.00 11.04 ? 76  GLU A C     1 
ATOM   594  O  O     . GLU A 1 77  ? -4.051  -9.458  -3.588  1.00 11.71 ? 76  GLU A O     1 
ATOM   595  C  CB    . GLU A 1 77  ? -2.802  -11.601 -1.751  1.00 10.50 ? 76  GLU A CB    1 
ATOM   596  C  CG    . GLU A 1 77  ? -2.210  -13.000 -1.600  1.00 13.19 ? 76  GLU A CG    1 
ATOM   597  C  CD    . GLU A 1 77  ? -2.704  -13.619 -0.290  1.00 19.34 ? 76  GLU A CD    1 
ATOM   598  O  OE1   . GLU A 1 77  ? -2.062  -13.453 0.743   1.00 16.33 ? 76  GLU A OE1   1 
ATOM   599  O  OE2   . GLU A 1 77  ? -3.760  -14.234 -0.269  1.00 18.06 ? 76  GLU A OE2   1 
ATOM   600  N  N     . GLY A 1 78  ? -2.398  -8.447  -2.353  1.00 9.31  ? 77  GLY A N     1 
ATOM   601  C  CA    . GLY A 1 78  ? -3.046  -7.099  -2.379  1.00 10.18 ? 77  GLY A CA    1 
ATOM   602  C  C     . GLY A 1 78  ? -1.997  -6.038  -2.334  1.00 10.29 ? 77  GLY A C     1 
ATOM   603  O  O     . GLY A 1 78  ? -0.885  -6.282  -1.827  1.00 9.89  ? 77  GLY A O     1 
ATOM   604  N  N     . PHE A 1 79  ? -2.332  -4.837  -2.809  1.00 10.68 ? 78  PHE A N     1 
ATOM   605  C  CA    . PHE A 1 79  ? -1.347  -3.768  -3.033  1.00 10.34 ? 78  PHE A CA    1 
ATOM   606  C  C     . PHE A 1 79  ? -1.848  -2.483  -2.487  1.00 11.42 ? 78  PHE A C     1 
ATOM   607  O  O     . PHE A 1 79  ? -2.910  -2.041  -2.807  1.00 10.01 ? 78  PHE A O     1 
ATOM   608  C  CB    . PHE A 1 79  ? -0.968  -3.642  -4.557  1.00 12.02 ? 78  PHE A CB    1 
ATOM   609  C  CG    . PHE A 1 79  ? -0.365  -4.938  -5.082  1.00 9.18  ? 78  PHE A CG    1 
ATOM   610  C  CD1   . PHE A 1 79  ? -1.207  -5.998  -5.426  1.00 8.96  ? 78  PHE A CD1   1 
ATOM   611  C  CD2   . PHE A 1 79  ? 0.996   -5.093  -5.140  1.00 14.06 ? 78  PHE A CD2   1 
ATOM   612  C  CE1   . PHE A 1 79  ? -0.662  -7.230  -5.840  1.00 9.90  ? 78  PHE A CE1   1 
ATOM   613  C  CE2   . PHE A 1 79  ? 1.577   -6.314  -5.526  1.00 14.71 ? 78  PHE A CE2   1 
ATOM   614  C  CZ    . PHE A 1 79  ? 0.705   -7.413  -5.879  1.00 14.19 ? 78  PHE A CZ    1 
ATOM   615  N  N     . LEU A 1 80  ? -1.035  -1.875  -1.631  1.00 8.94  ? 79  LEU A N     1 
ATOM   616  C  CA    . LEU A 1 80  ? -1.313  -0.539  -1.203  1.00 12.23 ? 79  LEU A CA    1 
ATOM   617  C  C     . LEU A 1 80  ? -0.612  0.394   -2.159  1.00 11.68 ? 79  LEU A C     1 
ATOM   618  O  O     . LEU A 1 80  ? 0.618   0.343   -2.295  1.00 12.52 ? 79  LEU A O     1 
ATOM   619  C  CB    . LEU A 1 80  ? -0.835  -0.281  0.221   1.00 12.10 ? 79  LEU A CB    1 
ATOM   620  C  CG    . LEU A 1 80  ? -1.578  -0.726  1.458   1.00 16.49 ? 79  LEU A CG    1 
ATOM   621  C  CD1   . LEU A 1 80  ? -0.927  0.065   2.650   1.00 17.13 ? 79  LEU A CD1   1 
ATOM   622  C  CD2   . LEU A 1 80  ? -3.109  -0.567  1.437   1.00 14.45 ? 79  LEU A CD2   1 
ATOM   623  N  N     . CYS A 1 81  ? -1.406  1.228   -2.873  1.00 9.39  ? 80  CYS A N     1 
ATOM   624  C  CA    . CYS A 1 81  ? -0.872  2.127   -3.879  1.00 9.91  ? 80  CYS A CA    1 
ATOM   625  C  C     . CYS A 1 81  ? -0.791  3.481   -3.206  1.00 10.12 ? 80  CYS A C     1 
ATOM   626  O  O     . CYS A 1 81  ? -1.793  4.170   -3.054  1.00 10.36 ? 80  CYS A O     1 
ATOM   627  C  CB    . CYS A 1 81  ? -1.841  2.136   -5.099  1.00 11.90 ? 80  CYS A CB    1 
ATOM   628  S  SG    . CYS A 1 81  ? -1.793  0.567   -6.018  1.00 15.20 ? 80  CYS A SG    1 
ATOM   629  N  N     . VAL A 1 82  ? 0.420   3.865   -2.763  1.00 9.08  ? 81  VAL A N     1 
ATOM   630  C  CA    . VAL A 1 82  ? 0.599   5.055   -1.981  1.00 8.93  ? 81  VAL A CA    1 
ATOM   631  C  C     . VAL A 1 82  ? 1.085   6.259   -2.805  1.00 9.36  ? 81  VAL A C     1 
ATOM   632  O  O     . VAL A 1 82  ? 2.038   6.179   -3.535  1.00 9.83  ? 81  VAL A O     1 
ATOM   633  C  CB    . VAL A 1 82  ? 1.594   4.755   -0.783  1.00 8.36  ? 81  VAL A CB    1 
ATOM   634  C  CG1   . VAL A 1 82  ? 1.547   5.893   0.219   1.00 8.72  ? 81  VAL A CG1   1 
ATOM   635  C  CG2   . VAL A 1 82  ? 1.154   3.443   -0.035  1.00 10.38 ? 81  VAL A CG2   1 
ATOM   636  N  N     . PHE A 1 83  ? 0.427   7.399   -2.603  1.00 10.40 ? 82  PHE A N     1 
ATOM   637  C  CA    . PHE A 1 83  ? 1.005   8.716   -3.042  1.00 11.06 ? 82  PHE A CA    1 
ATOM   638  C  C     . PHE A 1 83  ? 1.056   9.604   -1.794  1.00 11.47 ? 82  PHE A C     1 
ATOM   639  O  O     . PHE A 1 83  ? 0.504   9.255   -0.735  1.00 12.78 ? 82  PHE A O     1 
ATOM   640  C  CB    . PHE A 1 83  ? 0.197   9.293   -4.169  1.00 12.00 ? 82  PHE A CB    1 
ATOM   641  C  CG    . PHE A 1 83  ? -1.195  9.727   -3.761  1.00 13.37 ? 82  PHE A CG    1 
ATOM   642  C  CD1   . PHE A 1 83  ? -2.265  8.807   -3.789  1.00 13.72 ? 82  PHE A CD1   1 
ATOM   643  C  CD2   . PHE A 1 83  ? -1.452  11.085  -3.387  1.00 11.71 ? 82  PHE A CD2   1 
ATOM   644  C  CE1   . PHE A 1 83  ? -3.562  9.184   -3.398  1.00 9.21  ? 82  PHE A CE1   1 
ATOM   645  C  CE2   . PHE A 1 83  ? -2.735  11.503  -2.995  1.00 14.03 ? 82  PHE A CE2   1 
ATOM   646  C  CZ    . PHE A 1 83  ? -3.827  10.567  -3.013  1.00 14.24 ? 82  PHE A CZ    1 
ATOM   647  N  N     . ALA A 1 84  ? 1.801   10.715  -1.895  1.00 11.02 ? 83  ALA A N     1 
ATOM   648  C  CA    . ALA A 1 84  ? 1.729   11.729  -0.868  1.00 9.16  ? 83  ALA A CA    1 
ATOM   649  C  C     . ALA A 1 84  ? 0.921   12.921  -1.330  1.00 10.55 ? 83  ALA A C     1 
ATOM   650  O  O     . ALA A 1 84  ? 0.997   13.349  -2.495  1.00 12.06 ? 83  ALA A O     1 
ATOM   651  C  CB    . ALA A 1 84  ? 3.187   12.156  -0.470  1.00 10.72 ? 83  ALA A CB    1 
ATOM   652  N  N     . ILE A 1 85  ? 0.136   13.484  -0.416  1.00 13.84 ? 84  ILE A N     1 
ATOM   653  C  CA    . ILE A 1 85  ? -0.889  14.510  -0.792  1.00 14.59 ? 84  ILE A CA    1 
ATOM   654  C  C     . ILE A 1 85  ? -0.231  15.808  -1.222  1.00 14.88 ? 84  ILE A C     1 
ATOM   655  O  O     . ILE A 1 85  ? -0.883  16.665  -1.813  1.00 13.55 ? 84  ILE A O     1 
ATOM   656  C  CB    . ILE A 1 85  ? -1.909  14.796  0.385   1.00 15.14 ? 84  ILE A CB    1 
ATOM   657  C  CG1   . ILE A 1 85  ? -1.166  15.317  1.610   1.00 19.83 ? 84  ILE A CG1   1 
ATOM   658  C  CG2   . ILE A 1 85  ? -2.719  13.532  0.704   1.00 15.54 ? 84  ILE A CG2   1 
ATOM   659  C  CD1   . ILE A 1 85  ? -1.990  16.265  2.546   1.00 21.77 ? 84  ILE A CD1   1 
ATOM   660  N  N     . ASN A 1 86  ? 1.090   15.900  -0.962  1.00 14.13 ? 85  ASN A N     1 
ATOM   661  C  CA    . ASN A 1 86  ? 1.874   17.096  -1.296  1.00 15.06 ? 85  ASN A CA    1 
ATOM   662  C  C     . ASN A 1 86  ? 2.786   16.889  -2.516  1.00 15.49 ? 85  ASN A C     1 
ATOM   663  O  O     . ASN A 1 86  ? 3.670   17.759  -2.771  1.00 17.61 ? 85  ASN A O     1 
ATOM   664  C  CB    . ASN A 1 86  ? 2.726   17.590  -0.076  1.00 14.41 ? 85  ASN A CB    1 
ATOM   665  C  CG    . ASN A 1 86  ? 3.762   16.587  0.334   1.00 20.16 ? 85  ASN A CG    1 
ATOM   666  O  OD1   . ASN A 1 86  ? 3.704   15.408  -0.084  1.00 22.38 ? 85  ASN A OD1   1 
ATOM   667  N  ND2   . ASN A 1 86  ? 4.739   17.022  1.124   1.00 26.54 ? 85  ASN A ND2   1 
ATOM   668  N  N     . ASN A 1 87  ? 2.604   15.755  -3.233  1.00 14.37 ? 86  ASN A N     1 
ATOM   669  C  CA    . ASN A 1 87  ? 3.479   15.381  -4.337  1.00 14.64 ? 86  ASN A CA    1 
ATOM   670  C  C     . ASN A 1 87  ? 2.604   14.919  -5.493  1.00 15.07 ? 86  ASN A C     1 
ATOM   671  O  O     . ASN A 1 87  ? 2.251   13.716  -5.625  1.00 14.89 ? 86  ASN A O     1 
ATOM   672  C  CB    . ASN A 1 87  ? 4.553   14.338  -3.868  1.00 15.77 ? 86  ASN A CB    1 
ATOM   673  C  CG    . ASN A 1 87  ? 5.475   13.816  -4.985  1.00 17.21 ? 86  ASN A CG    1 
ATOM   674  O  OD1   . ASN A 1 87  ? 5.287   13.999  -6.208  1.00 16.32 ? 86  ASN A OD1   1 
ATOM   675  N  ND2   . ASN A 1 87  ? 6.491   13.068  -4.528  1.00 26.59 ? 86  ASN A ND2   1 
ATOM   676  N  N     . THR A 1 88  ? 2.250   15.889  -6.324  1.00 14.02 ? 87  THR A N     1 
ATOM   677  C  CA    . THR A 1 88  ? 1.406   15.594  -7.522  1.00 13.67 ? 87  THR A CA    1 
ATOM   678  C  C     . THR A 1 88  ? 1.994   14.490  -8.389  1.00 13.75 ? 87  THR A C     1 
ATOM   679  O  O     . THR A 1 88  ? 1.242   13.642  -8.939  1.00 15.97 ? 87  THR A O     1 
ATOM   680  C  CB    . THR A 1 88  ? 1.167   16.886  -8.379  1.00 16.47 ? 87  THR A CB    1 
ATOM   681  O  OG1   . THR A 1 88  ? 0.359   17.780  -7.611  1.00 15.97 ? 87  THR A OG1   1 
ATOM   682  C  CG2   . THR A 1 88  ? 0.424   16.560  -9.679  1.00 14.10 ? 87  THR A CG2   1 
ATOM   683  N  N     . LYS A 1 89  ? 3.307   14.514  -8.567  1.00 12.08 ? 88  LYS A N     1 
ATOM   684  C  CA    . LYS A 1 89  ? 3.937   13.468  -9.379  1.00 11.73 ? 88  LYS A CA    1 
ATOM   685  C  C     . LYS A 1 89  ? 3.652   12.045  -8.812  1.00 12.66 ? 88  LYS A C     1 
ATOM   686  O  O     . LYS A 1 89  ? 3.333   11.150  -9.606  1.00 12.51 ? 88  LYS A O     1 
ATOM   687  C  CB    . LYS A 1 89  ? 5.453   13.738  -9.677  1.00 12.51 ? 88  LYS A CB    1 
ATOM   688  C  CG    . LYS A 1 89  ? 6.137   12.629  -10.508 1.00 16.55 ? 88  LYS A CG    1 
ATOM   689  C  CD    . LYS A 1 89  ? 5.917   12.730  -12.020 1.00 25.77 ? 88  LYS A CD    1 
ATOM   690  C  CE    . LYS A 1 89  ? 6.946   11.880  -12.784 1.00 28.83 ? 88  LYS A CE    1 
ATOM   691  N  NZ    . LYS A 1 89  ? 7.250   10.504  -12.242 1.00 31.49 ? 88  LYS A NZ    1 
ATOM   692  N  N     . SER A 1 90  ? 3.763   11.880  -7.486  1.00 11.94 ? 89  SER A N     1 
ATOM   693  C  CA    . SER A 1 90  ? 3.487   10.590  -6.858  1.00 12.70 ? 89  SER A CA    1 
ATOM   694  C  C     . SER A 1 90  ? 2.074   10.108  -7.126  1.00 12.49 ? 89  SER A C     1 
ATOM   695  O  O     . SER A 1 90  ? 1.851   8.894   -7.319  1.00 12.22 ? 89  SER A O     1 
ATOM   696  C  CB    . SER A 1 90  ? 3.802   10.594  -5.372  1.00 12.53 ? 89  SER A CB    1 
ATOM   697  O  OG    . SER A 1 90  ? 2.809   11.348  -4.620  1.00 13.21 ? 89  SER A OG    1 
ATOM   698  N  N     . PHE A 1 91  ? 1.136   11.071  -7.236  1.00 9.68  ? 90  PHE A N     1 
ATOM   699  C  CA    . PHE A 1 91  ? -0.267  10.762  -7.608  1.00 11.17 ? 90  PHE A CA    1 
ATOM   700  C  C     . PHE A 1 91  ? -0.391  10.343  -9.042  1.00 11.58 ? 90  PHE A C     1 
ATOM   701  O  O     . PHE A 1 91  ? -1.020  9.305   -9.331  1.00 13.14 ? 90  PHE A O     1 
ATOM   702  C  CB    . PHE A 1 91  ? -1.144  11.990  -7.289  1.00 10.47 ? 90  PHE A CB    1 
ATOM   703  C  CG    . PHE A 1 91  ? -2.587  11.768  -7.558  1.00 12.22 ? 90  PHE A CG    1 
ATOM   704  C  CD1   . PHE A 1 91  ? -3.343  10.908  -6.717  1.00 14.19 ? 90  PHE A CD1   1 
ATOM   705  C  CD2   . PHE A 1 91  ? -3.167  12.372  -8.661  1.00 16.26 ? 90  PHE A CD2   1 
ATOM   706  C  CE1   . PHE A 1 91  ? -4.726  10.660  -7.007  1.00 11.07 ? 90  PHE A CE1   1 
ATOM   707  C  CE2   . PHE A 1 91  ? -4.603  12.105  -9.016  1.00 13.71 ? 90  PHE A CE2   1 
ATOM   708  C  CZ    . PHE A 1 91  ? -5.372  11.306  -8.164  1.00 12.46 ? 90  PHE A CZ    1 
ATOM   709  N  N     . GLU A 1 92  ? 0.284   11.064  -9.944  1.00 13.53 ? 91  GLU A N     1 
ATOM   710  C  CA    . GLU A 1 92  ? 0.264   10.678  -11.348 1.00 14.49 ? 91  GLU A CA    1 
ATOM   711  C  C     . GLU A 1 92  ? 0.872   9.280   -11.575 1.00 13.64 ? 91  GLU A C     1 
ATOM   712  O  O     . GLU A 1 92  ? 0.406   8.524   -12.434 1.00 13.83 ? 91  GLU A O     1 
ATOM   713  C  CB    . GLU A 1 92  ? 0.992   11.710  -12.200 1.00 14.76 ? 91  GLU A CB    1 
ATOM   714  C  CG    . GLU A 1 92  ? 0.113   12.940  -12.478 1.00 24.91 ? 91  GLU A CG    1 
ATOM   715  C  CD    . GLU A 1 92  ? 0.898   14.217  -12.980 1.00 36.30 ? 91  GLU A CD    1 
ATOM   716  O  OE1   . GLU A 1 92  ? 2.163   14.297  -12.895 1.00 34.50 ? 91  GLU A OE1   1 
ATOM   717  O  OE2   . GLU A 1 92  ? 0.200   15.170  -13.449 1.00 41.90 ? 91  GLU A OE2   1 
ATOM   718  N  N     . ASP A 1 93  ? 1.882   8.948   -10.771 1.00 12.27 ? 92  ASP A N     1 
ATOM   719  C  CA    . ASP A 1 93  ? 2.565   7.658   -10.911 1.00 12.80 ? 92  ASP A CA    1 
ATOM   720  C  C     . ASP A 1 93  ? 1.647   6.446   -10.632 1.00 12.31 ? 92  ASP A C     1 
ATOM   721  O  O     . ASP A 1 93  ? 1.990   5.340   -10.960 1.00 13.39 ? 92  ASP A O     1 
ATOM   722  C  CB    . ASP A 1 93  ? 3.725   7.539   -9.928  1.00 12.89 ? 92  ASP A CB    1 
ATOM   723  C  CG    . ASP A 1 93  ? 4.924   8.411   -10.298 1.00 17.59 ? 92  ASP A CG    1 
ATOM   724  O  OD1   . ASP A 1 93  ? 5.052   8.917   -11.476 1.00 15.69 ? 92  ASP A OD1   1 
ATOM   725  O  OD2   . ASP A 1 93  ? 5.796   8.573   -9.381  1.00 18.89 ? 92  ASP A OD2   1 
ATOM   726  N  N     . ILE A 1 94  ? 0.549   6.692   -9.907  1.00 12.91 ? 93  ILE A N     1 
ATOM   727  C  CA    . ILE A 1 94  ? -0.384  5.673   -9.507  1.00 12.18 ? 93  ILE A CA    1 
ATOM   728  C  C     . ILE A 1 94  ? -0.930  4.925   -10.706 1.00 15.18 ? 93  ILE A C     1 
ATOM   729  O  O     . ILE A 1 94  ? -1.012  3.696   -10.658 1.00 13.62 ? 93  ILE A O     1 
ATOM   730  C  CB    . ILE A 1 94  ? -1.570  6.255   -8.655  1.00 13.00 ? 93  ILE A CB    1 
ATOM   731  C  CG1   . ILE A 1 94  ? -1.001  6.772   -7.343  1.00 11.95 ? 93  ILE A CG1   1 
ATOM   732  C  CG2   . ILE A 1 94  ? -2.654  5.175   -8.432  1.00 14.37 ? 93  ILE A CG2   1 
ATOM   733  C  CD1   . ILE A 1 94  ? -0.531  5.726   -6.327  1.00 9.69  ? 93  ILE A CD1   1 
ATOM   734  N  N     . HIS A 1 95  ? -1.203  5.646   -11.793 1.00 16.16 ? 94  HIS A N     1 
ATOM   735  C  CA    . HIS A 1 95  ? -1.631  5.005   -13.066 1.00 17.14 ? 94  HIS A CA    1 
ATOM   736  C  C     . HIS A 1 95  ? -0.644  3.855   -13.490 1.00 18.26 ? 94  HIS A C     1 
ATOM   737  O  O     . HIS A 1 95  ? -1.035  2.738   -13.920 1.00 18.98 ? 94  HIS A O     1 
ATOM   738  C  CB    . HIS A 1 95  ? -1.650  6.055   -14.142 1.00 17.91 ? 94  HIS A CB    1 
ATOM   739  C  CG    . HIS A 1 95  ? -2.566  7.209   -13.858 1.00 17.90 ? 94  HIS A CG    1 
ATOM   740  N  ND1   . HIS A 1 95  ? -3.939  7.079   -13.872 1.00 18.46 ? 94  HIS A ND1   1 
ATOM   741  C  CD2   . HIS A 1 95  ? -2.315  8.524   -13.633 1.00 21.31 ? 94  HIS A CD2   1 
ATOM   742  C  CE1   . HIS A 1 95  ? -4.501  8.256   -13.635 1.00 23.01 ? 94  HIS A CE1   1 
ATOM   743  N  NE2   . HIS A 1 95  ? -3.535  9.148   -13.464 1.00 23.66 ? 94  HIS A NE2   1 
ATOM   744  N  N     . HIS A 1 96  ? 0.635   4.121   -13.359 1.00 15.72 ? 95  HIS A N     1 
ATOM   745  C  CA    . HIS A 1 96  ? 1.662   3.204   -13.825 1.00 17.54 ? 95  HIS A CA    1 
ATOM   746  C  C     . HIS A 1 96  ? 1.716   1.945   -12.891 1.00 15.37 ? 95  HIS A C     1 
ATOM   747  O  O     . HIS A 1 96  ? 1.739   0.824   -13.425 1.00 14.20 ? 95  HIS A O     1 
ATOM   748  C  CB    . HIS A 1 96  ? 3.018   3.934   -14.010 1.00 17.55 ? 95  HIS A CB    1 
ATOM   749  C  CG    . HIS A 1 96  ? 4.247   3.077   -13.754 1.00 27.08 ? 95  HIS A CG    1 
ATOM   750  N  ND1   . HIS A 1 96  ? 4.676   2.098   -14.634 1.00 29.56 ? 95  HIS A ND1   1 
ATOM   751  C  CD2   . HIS A 1 96  ? 5.134   3.066   -12.722 1.00 29.61 ? 95  HIS A CD2   1 
ATOM   752  C  CE1   . HIS A 1 96  ? 5.750   1.509   -14.144 1.00 33.03 ? 95  HIS A CE1   1 
ATOM   753  N  NE2   . HIS A 1 96  ? 6.051   2.078   -12.984 1.00 34.53 ? 95  HIS A NE2   1 
ATOM   754  N  N     . TYR A 1 97  ? 1.632   2.163   -11.571 1.00 13.54 ? 96  TYR A N     1 
ATOM   755  C  CA    . TYR A 1 97  ? 1.613   1.061   -10.592 1.00 14.39 ? 96  TYR A CA    1 
ATOM   756  C  C     . TYR A 1 97  ? 0.371   0.211   -10.846 1.00 14.67 ? 96  TYR A C     1 
ATOM   757  O  O     . TYR A 1 97  ? 0.463   -1.025  -10.951 1.00 15.20 ? 96  TYR A O     1 
ATOM   758  C  CB    . TYR A 1 97  ? 1.623   1.597   -9.163  1.00 13.58 ? 96  TYR A CB    1 
ATOM   759  C  CG    . TYR A 1 97  ? 3.006   2.200   -8.802  1.00 14.36 ? 96  TYR A CG    1 
ATOM   760  C  CD1   . TYR A 1 97  ? 4.145   1.406   -8.715  1.00 18.39 ? 96  TYR A CD1   1 
ATOM   761  C  CD2   . TYR A 1 97  ? 3.140   3.576   -8.561  1.00 15.59 ? 96  TYR A CD2   1 
ATOM   762  C  CE1   . TYR A 1 97  ? 5.394   1.940   -8.388  1.00 22.18 ? 96  TYR A CE1   1 
ATOM   763  C  CE2   . TYR A 1 97  ? 4.422   4.147   -8.249  1.00 20.23 ? 96  TYR A CE2   1 
ATOM   764  C  CZ    . TYR A 1 97  ? 5.531   3.329   -8.183  1.00 21.57 ? 96  TYR A CZ    1 
ATOM   765  O  OH    . TYR A 1 97  ? 6.787   3.864   -7.838  1.00 19.91 ? 96  TYR A OH    1 
ATOM   766  N  N     . ARG A 1 98  ? -0.764  0.870   -10.984 1.00 15.83 ? 97  ARG A N     1 
ATOM   767  C  CA    . ARG A 1 98  ? -2.041  0.130   -11.326 1.00 15.64 ? 97  ARG A CA    1 
ATOM   768  C  C     . ARG A 1 98  ? -1.873  -0.815  -12.525 1.00 17.53 ? 97  ARG A C     1 
ATOM   769  O  O     . ARG A 1 98  ? -2.132  -2.031  -12.434 1.00 19.00 ? 97  ARG A O     1 
ATOM   770  C  CB    . ARG A 1 98  ? -3.161  1.127   -11.554 1.00 15.97 ? 97  ARG A CB    1 
ATOM   771  C  CG    . ARG A 1 98  ? -4.538  0.543   -12.058 1.00 18.36 ? 97  ARG A CG    1 
ATOM   772  C  CD    . ARG A 1 98  ? -5.332  0.105   -10.890 1.00 20.92 ? 97  ARG A CD    1 
ATOM   773  N  NE    . ARG A 1 98  ? -6.669  -0.387  -11.271 1.00 21.40 ? 97  ARG A NE    1 
ATOM   774  C  CZ    . ARG A 1 98  ? -7.430  -1.065  -10.410 1.00 24.01 ? 97  ARG A CZ    1 
ATOM   775  N  NH1   . ARG A 1 98  ? -6.971  -1.306  -9.161  1.00 22.55 ? 97  ARG A NH1   1 
ATOM   776  N  NH2   . ARG A 1 98  ? -8.657  -1.466  -10.766 1.00 24.86 ? 97  ARG A NH2   1 
ATOM   777  N  N     . GLU A 1 99  ? -1.371  -0.267  -13.622 1.00 17.52 ? 98  GLU A N     1 
ATOM   778  C  CA    . GLU A 1 99  ? -1.170  -0.942  -14.872 1.00 18.16 ? 98  GLU A CA    1 
ATOM   779  C  C     . GLU A 1 99  ? -0.202  -2.079  -14.772 1.00 16.58 ? 98  GLU A C     1 
ATOM   780  O  O     . GLU A 1 99  ? -0.448  -3.184  -15.285 1.00 16.84 ? 98  GLU A O     1 
ATOM   781  C  CB    . GLU A 1 99  ? -0.680  0.095   -15.901 1.00 19.16 ? 98  GLU A CB    1 
ATOM   782  C  CG    . GLU A 1 99  ? -0.860  -0.392  -17.304 1.00 22.03 ? 98  GLU A CG    1 
ATOM   783  C  CD    . GLU A 1 99  ? -1.043  0.728   -18.321 1.00 26.40 ? 98  GLU A CD    1 
ATOM   784  O  OE1   . GLU A 1 99  ? 0.014   1.342   -18.519 1.00 26.55 ? 98  GLU A OE1   1 
ATOM   785  O  OE2   . GLU A 1 99  ? -2.183  0.892   -18.960 1.00 23.00 ? 98  GLU A OE2   1 
ATOM   786  N  N     . GLN A 1 100 ? 0.941   -1.809  -14.158 1.00 13.75 ? 99  GLN A N     1 
ATOM   787  C  CA    . GLN A 1 100 ? 1.961   -2.794  -14.086 1.00 14.28 ? 99  GLN A CA    1 
ATOM   788  C  C     . GLN A 1 100 ? 1.534   -4.043  -13.288 1.00 10.21 ? 99  GLN A C     1 
ATOM   789  O  O     . GLN A 1 100 ? 1.909   -5.158  -13.617 1.00 11.33 ? 99  GLN A O     1 
ATOM   790  C  CB    . GLN A 1 100 ? 3.149   -2.170  -13.342 1.00 13.18 ? 99  GLN A CB    1 
ATOM   791  C  CG    . GLN A 1 100 ? 4.383   -3.007  -13.407 1.00 18.42 ? 99  GLN A CG    1 
ATOM   792  C  CD    . GLN A 1 100 ? 5.624   -2.181  -13.129 1.00 21.30 ? 99  GLN A CD    1 
ATOM   793  O  OE1   . GLN A 1 100 ? 5.805   -1.654  -12.018 1.00 18.24 ? 99  GLN A OE1   1 
ATOM   794  N  NE2   . GLN A 1 100 ? 6.502   -2.045  -14.158 1.00 19.87 ? 99  GLN A NE2   1 
ATOM   795  N  N     . ILE A 1 101 ? 0.932   -3.809  -12.123 1.00 10.67 ? 100 ILE A N     1 
ATOM   796  C  CA    . ILE A 1 101 ? 0.583   -4.890  -11.241 1.00 9.93  ? 100 ILE A CA    1 
ATOM   797  C  C     . ILE A 1 101 ? -0.459  -5.790  -12.004 1.00 10.27 ? 100 ILE A C     1 
ATOM   798  O  O     . ILE A 1 101 ? -0.351  -7.053  -11.973 1.00 11.23 ? 100 ILE A O     1 
ATOM   799  C  CB    . ILE A 1 101 ? 0.003   -4.354  -9.921  1.00 10.10 ? 100 ILE A CB    1 
ATOM   800  C  CG1   . ILE A 1 101 ? 1.134   -3.646  -9.075  1.00 10.71 ? 100 ILE A CG1   1 
ATOM   801  C  CG2   . ILE A 1 101 ? -0.691  -5.493  -9.172  1.00 14.15 ? 100 ILE A CG2   1 
ATOM   802  C  CD1   . ILE A 1 101 ? 0.546   -2.771  -7.970  1.00 10.40 ? 100 ILE A CD1   1 
ATOM   803  N  N     . LYS A 1 102 ? -1.431  -5.144  -12.625 1.00 11.44 ? 101 LYS A N     1 
ATOM   804  C  CA    . LYS A 1 102 ? -2.470  -5.905  -13.345 1.00 12.45 ? 101 LYS A CA    1 
ATOM   805  C  C     . LYS A 1 102 ? -1.816  -6.727  -14.462 1.00 12.39 ? 101 LYS A C     1 
ATOM   806  O  O     . LYS A 1 102 ? -2.229  -7.851  -14.796 1.00 14.52 ? 101 LYS A O     1 
ATOM   807  C  CB    . LYS A 1 102 ? -3.614  -5.002  -13.915 1.00 11.78 ? 101 LYS A CB    1 
ATOM   808  C  CG    . LYS A 1 102 ? -4.596  -4.409  -12.826 1.00 13.64 ? 101 LYS A CG    1 
ATOM   809  C  CD    . LYS A 1 102 ? -5.551  -3.308  -13.467 1.00 13.62 ? 101 LYS A CD    1 
ATOM   810  C  CE    . LYS A 1 102 ? -6.371  -3.955  -14.622 1.00 19.27 ? 101 LYS A CE    1 
ATOM   811  N  NZ    . LYS A 1 102 ? -7.577  -3.092  -15.066 1.00 16.32 ? 101 LYS A NZ    1 
ATOM   812  N  N     . ARG A 1 103 ? -0.846  -6.095  -15.123 1.00 13.61 ? 102 ARG A N     1 
ATOM   813  C  CA    . ARG A 1 103 ? -0.227  -6.709  -16.281 1.00 14.44 ? 102 ARG A CA    1 
ATOM   814  C  C     . ARG A 1 103 ? 0.692   -7.906  -15.848 1.00 15.44 ? 102 ARG A C     1 
ATOM   815  O  O     . ARG A 1 103 ? 0.696   -8.960  -16.496 1.00 14.48 ? 102 ARG A O     1 
ATOM   816  C  CB    . ARG A 1 103 ? 0.477   -5.553  -17.046 1.00 15.37 ? 102 ARG A CB    1 
ATOM   817  C  CG    . ARG A 1 103 ? 1.292   -5.792  -18.143 1.00 20.30 ? 102 ARG A CG    1 
ATOM   818  C  CD    . ARG A 1 103 ? 1.584   -4.365  -18.808 1.00 21.21 ? 102 ARG A CD    1 
ATOM   819  N  NE    . ARG A 1 103 ? 0.459   -3.655  -19.485 1.00 19.69 ? 102 ARG A NE    1 
ATOM   820  C  CZ    . ARG A 1 103 ? 0.577   -2.427  -20.007 1.00 16.80 ? 102 ARG A CZ    1 
ATOM   821  N  NH1   . ARG A 1 103 ? 1.738   -1.705  -19.932 1.00 17.59 ? 102 ARG A NH1   1 
ATOM   822  N  NH2   . ARG A 1 103 ? -0.453  -1.846  -20.566 1.00 21.25 ? 102 ARG A NH2   1 
ATOM   823  N  N     . VAL A 1 104 ? 1.466   -7.765  -14.757 1.00 14.46 ? 103 VAL A N     1 
ATOM   824  C  CA    . VAL A 1 104 ? 2.212   -8.930  -14.269 1.00 12.05 ? 103 VAL A CA    1 
ATOM   825  C  C     . VAL A 1 104 ? 1.270   -10.050 -13.815 1.00 13.43 ? 103 VAL A C     1 
ATOM   826  O  O     . VAL A 1 104 ? 1.552   -11.240 -14.097 1.00 14.23 ? 103 VAL A O     1 
ATOM   827  C  CB    . VAL A 1 104 ? 3.173   -8.500  -13.073 1.00 13.29 ? 103 VAL A CB    1 
ATOM   828  C  CG1   . VAL A 1 104 ? 3.786   -9.738  -12.477 1.00 14.08 ? 103 VAL A CG1   1 
ATOM   829  C  CG2   . VAL A 1 104 ? 4.150   -7.568  -13.609 1.00 11.84 ? 103 VAL A CG2   1 
ATOM   830  N  N     . LYS A 1 105 ? 0.200   -9.728  -13.096 1.00 13.57 ? 104 LYS A N     1 
ATOM   831  C  CA    . LYS A 1 105 ? -0.673  -10.735 -12.497 1.00 13.14 ? 104 LYS A CA    1 
ATOM   832  C  C     . LYS A 1 105 ? -1.618  -11.262 -13.604 1.00 17.02 ? 104 LYS A C     1 
ATOM   833  O  O     . LYS A 1 105 ? -2.323  -12.267 -13.412 1.00 18.08 ? 104 LYS A O     1 
ATOM   834  C  CB    . LYS A 1 105 ? -1.490  -10.174 -11.322 1.00 13.27 ? 104 LYS A CB    1 
ATOM   835  C  CG    . LYS A 1 105 ? -0.627  -9.776  -10.171 1.00 14.60 ? 104 LYS A CG    1 
ATOM   836  C  CD    . LYS A 1 105 ? -1.363  -9.368  -8.919  1.00 11.57 ? 104 LYS A CD    1 
ATOM   837  C  CE    . LYS A 1 105 ? -1.692  -10.484 -7.965  1.00 10.77 ? 104 LYS A CE    1 
ATOM   838  N  NZ    . LYS A 1 105 ? -0.743  -11.597 -7.639  1.00 10.05 ? 104 LYS A NZ    1 
ATOM   839  N  N     . ASP A 1 106 ? -1.616  -10.581 -14.748 1.00 18.30 ? 105 ASP A N     1 
ATOM   840  C  CA    . ASP A 1 106 ? -2.552  -10.919 -15.836 1.00 18.92 ? 105 ASP A CA    1 
ATOM   841  C  C     . ASP A 1 106 ? -3.983  -11.079 -15.308 1.00 20.31 ? 105 ASP A C     1 
ATOM   842  O  O     . ASP A 1 106 ? -4.658  -12.104 -15.561 1.00 21.14 ? 105 ASP A O     1 
ATOM   843  C  CB    . ASP A 1 106 ? -2.118  -12.192 -16.580 1.00 18.61 ? 105 ASP A CB    1 
ATOM   844  C  CG    . ASP A 1 106 ? -2.881  -12.372 -17.901 1.00 22.79 ? 105 ASP A CG    1 
ATOM   845  O  OD1   . ASP A 1 106 ? -3.443  -11.386 -18.470 1.00 23.55 ? 105 ASP A OD1   1 
ATOM   846  O  OD2   . ASP A 1 106 ? -2.952  -13.532 -18.328 1.00 22.53 ? 105 ASP A OD2   1 
ATOM   847  N  N     . SER A 1 107 ? -4.441  -10.080 -14.562 1.00 19.83 ? 106 SER A N     1 
ATOM   848  C  CA    . SER A 1 107 ? -5.725  -10.103 -13.928 1.00 20.61 ? 106 SER A CA    1 
ATOM   849  C  C     . SER A 1 107 ? -6.383  -8.705  -13.964 1.00 21.24 ? 106 SER A C     1 
ATOM   850  O  O     . SER A 1 107 ? -5.693  -7.678  -13.924 1.00 18.42 ? 106 SER A O     1 
ATOM   851  C  CB    . SER A 1 107 ? -5.569  -10.582 -12.475 1.00 21.17 ? 106 SER A CB    1 
ATOM   852  O  OG    . SER A 1 107 ? -6.772  -10.425 -11.742 1.00 20.21 ? 106 SER A OG    1 
ATOM   853  N  N     . GLU A 1 108 ? -7.714  -8.670  -14.094 1.00 21.41 ? 107 GLU A N     1 
ATOM   854  C  CA    . GLU A 1 108 ? -8.457  -7.426  -13.942 1.00 22.11 ? 107 GLU A CA    1 
ATOM   855  C  C     . GLU A 1 108 ? -8.940  -7.259  -12.513 1.00 20.73 ? 107 GLU A C     1 
ATOM   856  O  O     . GLU A 1 108 ? -9.495  -6.220  -12.171 1.00 23.22 ? 107 GLU A O     1 
ATOM   857  C  CB    . GLU A 1 108 ? -9.762  -7.401  -14.761 1.00 23.74 ? 107 GLU A CB    1 
ATOM   858  C  CG    . GLU A 1 108 ? -9.689  -7.996  -16.118 1.00 30.18 ? 107 GLU A CG    1 
ATOM   859  C  CD    . GLU A 1 108 ? -10.660 -7.292  -17.078 1.00 41.71 ? 107 GLU A CD    1 
ATOM   860  O  OE1   . GLU A 1 108 ? -11.117 -7.976  -18.024 1.00 46.81 ? 107 GLU A OE1   1 
ATOM   861  O  OE2   . GLU A 1 108 ? -10.965 -6.080  -16.867 1.00 43.12 ? 107 GLU A OE2   1 
ATOM   862  N  N     . ASP A 1 109 ? -8.794  -8.289  -11.707 1.00 17.83 ? 108 ASP A N     1 
ATOM   863  C  CA    . ASP A 1 109 ? -9.360  -8.295  -10.373 1.00 16.40 ? 108 ASP A CA    1 
ATOM   864  C  C     . ASP A 1 109 ? -8.255  -8.418  -9.335  1.00 16.56 ? 108 ASP A C     1 
ATOM   865  O  O     . ASP A 1 109 ? -8.039  -9.535  -8.798  1.00 17.83 ? 108 ASP A O     1 
ATOM   866  C  CB    . ASP A 1 109 ? -10.321 -9.459  -10.241 1.00 18.64 ? 108 ASP A CB    1 
ATOM   867  C  CG    . ASP A 1 109 ? -11.062 -9.416  -8.919  1.00 21.28 ? 108 ASP A CG    1 
ATOM   868  O  OD1   . ASP A 1 109 ? -11.244 -8.312  -8.431  1.00 24.29 ? 108 ASP A OD1   1 
ATOM   869  O  OD2   . ASP A 1 109 ? -11.454 -10.476 -8.369  1.00 29.27 ? 108 ASP A OD2   1 
ATOM   870  N  N     . VAL A 1 110 ? -7.519  -7.334  -9.120  1.00 12.86 ? 109 VAL A N     1 
ATOM   871  C  CA    . VAL A 1 110 ? -6.385  -7.391  -8.151  1.00 13.28 ? 109 VAL A CA    1 
ATOM   872  C  C     . VAL A 1 110 ? -6.709  -6.493  -6.945  1.00 13.27 ? 109 VAL A C     1 
ATOM   873  O  O     . VAL A 1 110 ? -6.897  -5.292  -7.150  1.00 14.07 ? 109 VAL A O     1 
ATOM   874  C  CB    . VAL A 1 110 ? -5.101  -6.878  -8.768  1.00 13.38 ? 109 VAL A CB    1 
ATOM   875  C  CG1   . VAL A 1 110 ? -3.962  -7.014  -7.724  1.00 12.99 ? 109 VAL A CG1   1 
ATOM   876  C  CG2   . VAL A 1 110 ? -4.737  -7.645  -9.945  1.00 12.61 ? 109 VAL A CG2   1 
ATOM   877  N  N     . PRO A 1 111 ? -6.829  -7.066  -5.726  1.00 13.34 ? 110 PRO A N     1 
ATOM   878  C  CA    . PRO A 1 111 ? -7.058  -6.240  -4.520  1.00 14.02 ? 110 PRO A CA    1 
ATOM   879  C  C     . PRO A 1 111 ? -6.007  -5.127  -4.319  1.00 12.96 ? 110 PRO A C     1 
ATOM   880  O  O     . PRO A 1 111 ? -4.773  -5.394  -4.327  1.00 10.42 ? 110 PRO A O     1 
ATOM   881  C  CB    . PRO A 1 111 ? -6.938  -7.239  -3.365  1.00 12.61 ? 110 PRO A CB    1 
ATOM   882  C  CG    . PRO A 1 111 ? -7.401  -8.574  -3.999  1.00 15.20 ? 110 PRO A CG    1 
ATOM   883  C  CD    . PRO A 1 111 ? -6.811  -8.521  -5.400  1.00 11.96 ? 110 PRO A CD    1 
ATOM   884  N  N     . MET A 1 112 ? -6.546  -3.889  -4.301  1.00 11.45 ? 111 MET A N     1 
ATOM   885  C  CA    . MET A 1 112 ? -5.688  -2.708  -4.101  1.00 10.61 ? 111 MET A CA    1 
ATOM   886  C  C     . MET A 1 112 ? -6.446  -1.696  -3.309  1.00 10.12 ? 111 MET A C     1 
ATOM   887  O  O     . MET A 1 112 ? -7.664  -1.659  -3.317  1.00 9.91  ? 111 MET A O     1 
ATOM   888  C  CB    . MET A 1 112 ? -5.292  -2.060  -5.427  1.00 10.77 ? 111 MET A CB    1 
ATOM   889  C  CG    . MET A 1 112 ? -4.448  -2.911  -6.298  1.00 12.40 ? 111 MET A CG    1 
ATOM   890  S  SD    . MET A 1 112 ? -3.924  -1.970  -7.763  1.00 15.45 ? 111 MET A SD    1 
ATOM   891  C  CE    . MET A 1 112 ? -3.530  -3.222  -9.015  1.00 14.49 ? 111 MET A CE    1 
ATOM   892  N  N     . VAL A 1 113 ? -5.698  -0.867  -2.562  1.00 6.89  ? 112 VAL A N     1 
ATOM   893  C  CA    . VAL A 1 113 ? -6.309  0.280   -1.888  1.00 8.84  ? 112 VAL A CA    1 
ATOM   894  C  C     . VAL A 1 113 ? -5.473  1.503   -2.247  1.00 11.63 ? 112 VAL A C     1 
ATOM   895  O  O     . VAL A 1 113 ? -4.218  1.447   -2.228  1.00 11.30 ? 112 VAL A O     1 
ATOM   896  C  CB    . VAL A 1 113 ? -6.269  0.058   -0.324  1.00 9.72  ? 112 VAL A CB    1 
ATOM   897  C  CG1   . VAL A 1 113 ? -6.630  1.310   0.440   1.00 10.53 ? 112 VAL A CG1   1 
ATOM   898  C  CG2   . VAL A 1 113 ? -7.187  -1.062  0.139   1.00 9.50  ? 112 VAL A CG2   1 
ATOM   899  N  N     . LEU A 1 114 ? -6.141  2.603   -2.557  1.00 10.18 ? 113 LEU A N     1 
ATOM   900  C  CA    . LEU A 1 114 ? -5.431  3.852   -2.898  1.00 10.22 ? 113 LEU A CA    1 
ATOM   901  C  C     . LEU A 1 114 ? -5.233  4.596   -1.600  1.00 10.79 ? 113 LEU A C     1 
ATOM   902  O  O     . LEU A 1 114 ? -6.162  4.817   -0.810  1.00 10.52 ? 113 LEU A O     1 
ATOM   903  C  CB    . LEU A 1 114 ? -6.238  4.631   -3.937  1.00 10.23 ? 113 LEU A CB    1 
ATOM   904  C  CG    . LEU A 1 114 ? -5.640  5.994   -4.299  1.00 9.22  ? 113 LEU A CG    1 
ATOM   905  C  CD1   . LEU A 1 114 ? -4.219  5.884   -5.017  1.00 10.29 ? 113 LEU A CD1   1 
ATOM   906  C  CD2   . LEU A 1 114 ? -6.617  6.861   -5.141  1.00 9.68  ? 113 LEU A CD2   1 
ATOM   907  N  N     . VAL A 1 115 ? -3.998  4.997   -1.354  1.00 10.40 ? 114 VAL A N     1 
ATOM   908  C  CA    . VAL A 1 115 ? -3.635  5.608   -0.065  1.00 9.36  ? 114 VAL A CA    1 
ATOM   909  C  C     . VAL A 1 115 ? -2.990  6.974   -0.325  1.00 11.48 ? 114 VAL A C     1 
ATOM   910  O  O     . VAL A 1 115 ? -2.029  7.016   -1.038  1.00 11.46 ? 114 VAL A O     1 
ATOM   911  C  CB    . VAL A 1 115 ? -2.605  4.749   0.637   1.00 10.44 ? 114 VAL A CB    1 
ATOM   912  C  CG1   . VAL A 1 115 ? -1.902  5.547   1.806   1.00 12.65 ? 114 VAL A CG1   1 
ATOM   913  C  CG2   . VAL A 1 115 ? -3.288  3.474   1.224   1.00 10.58 ? 114 VAL A CG2   1 
ATOM   914  N  N     . GLY A 1 116 ? -3.524  8.070   0.262   1.00 11.46 ? 115 GLY A N     1 
ATOM   915  C  CA    . GLY A 1 116 ? -2.902  9.417   0.148   1.00 9.36  ? 115 GLY A CA    1 
ATOM   916  C  C     . GLY A 1 116 ? -2.297  9.736   1.526   1.00 10.42 ? 115 GLY A C     1 
ATOM   917  O  O     . GLY A 1 116 ? -3.020  9.903   2.526   1.00 11.48 ? 115 GLY A O     1 
ATOM   918  N  N     . ASN A 1 117 ? -0.990  9.712   1.592   1.00 11.34 ? 116 ASN A N     1 
ATOM   919  C  CA    . ASN A 1 117 ? -0.303  9.797   2.850   1.00 11.99 ? 116 ASN A CA    1 
ATOM   920  C  C     . ASN A 1 117 ? 0.215   11.187  3.094   1.00 12.79 ? 116 ASN A C     1 
ATOM   921  O  O     . ASN A 1 117 ? 0.170   12.060  2.178   1.00 12.48 ? 116 ASN A O     1 
ATOM   922  C  CB    . ASN A 1 117 ? 0.880   8.774   2.851   1.00 11.03 ? 116 ASN A CB    1 
ATOM   923  C  CG    . ASN A 1 117 ? 1.585   8.685   4.213   1.00 13.32 ? 116 ASN A CG    1 
ATOM   924  O  OD1   . ASN A 1 117 ? 0.927   8.521   5.264   1.00 14.32 ? 116 ASN A OD1   1 
ATOM   925  N  ND2   . ASN A 1 117 ? 2.908   8.845   4.208   1.00 11.71 ? 116 ASN A ND2   1 
ATOM   926  N  N     . LYS A 1 118 ? 0.656   11.392  4.343   1.00 13.53 ? 117 LYS A N     1 
ATOM   927  C  CA    . LYS A 1 118 ? 1.185   12.692  4.869   1.00 13.52 ? 117 LYS A CA    1 
ATOM   928  C  C     . LYS A 1 118 ? 0.037   13.665  5.091   1.00 14.74 ? 117 LYS A C     1 
ATOM   929  O  O     . LYS A 1 118 ? 0.170   14.906  4.890   1.00 14.85 ? 117 LYS A O     1 
ATOM   930  C  CB    . LYS A 1 118 ? 2.228   13.277  3.928   1.00 13.55 ? 117 LYS A CB    1 
ATOM   931  C  CG    . LYS A 1 118 ? 3.430   12.394  3.779   1.00 12.62 ? 117 LYS A CG    1 
ATOM   932  C  CD    . LYS A 1 118 ? 4.577   13.110  3.046   1.00 16.72 ? 117 LYS A CD    1 
ATOM   933  C  CE    . LYS A 1 118 ? 5.746   12.131  2.788   1.00 13.08 ? 117 LYS A CE    1 
ATOM   934  N  NZ    . LYS A 1 118 ? 6.950   12.813  2.087   1.00 15.73 ? 117 LYS A NZ    1 
ATOM   935  N  N     . SER A 1 119 ? -1.136  13.124  5.461   1.00 15.84 ? 118 SER A N     1 
ATOM   936  C  CA    . SER A 1 119 ? -2.342  14.007  5.611   1.00 17.55 ? 118 SER A CA    1 
ATOM   937  C  C     . SER A 1 119 ? -2.162  15.009  6.745   1.00 18.09 ? 118 SER A C     1 
ATOM   938  O  O     . SER A 1 119 ? -2.970  15.945  6.889   1.00 18.81 ? 118 SER A O     1 
ATOM   939  C  CB    . SER A 1 119 ? -3.631  13.228  5.847   1.00 18.53 ? 118 SER A CB    1 
ATOM   940  O  OG    . SER A 1 119 ? -3.654  12.730  7.188   1.00 21.86 ? 118 SER A OG    1 
ATOM   941  N  N     . ASP A 1 120 ? -1.170  14.806  7.595   1.00 19.44 ? 119 ASP A N     1 
ATOM   942  C  CA    . ASP A 1 120 ? -0.937  15.810  8.660   1.00 19.74 ? 119 ASP A CA    1 
ATOM   943  C  C     . ASP A 1 120 ? -0.321  17.102  8.142   1.00 20.33 ? 119 ASP A C     1 
ATOM   944  O  O     . ASP A 1 120 ? -0.400  18.131  8.812   1.00 20.35 ? 119 ASP A O     1 
ATOM   945  C  CB    . ASP A 1 120 ? -0.034  15.247  9.729   1.00 18.68 ? 119 ASP A CB    1 
ATOM   946  C  CG    . ASP A 1 120 ? 1.278   14.724  9.154   1.00 21.57 ? 119 ASP A CG    1 
ATOM   947  O  OD1   . ASP A 1 120 ? 1.232   13.647  8.479   1.00 17.25 ? 119 ASP A OD1   1 
ATOM   948  O  OD2   . ASP A 1 120 ? 2.333   15.392  9.356   1.00 18.24 ? 119 ASP A OD2   1 
ATOM   949  N  N     . LEU A 1 121 ? 0.298   17.049  6.972   1.00 21.16 ? 120 LEU A N     1 
ATOM   950  C  CA    . LEU A 1 121 ? 1.070   18.203  6.481   1.00 22.33 ? 120 LEU A CA    1 
ATOM   951  C  C     . LEU A 1 121 ? 0.144   19.236  5.930   1.00 23.80 ? 120 LEU A C     1 
ATOM   952  O  O     . LEU A 1 121 ? -0.871  18.906  5.310   1.00 26.31 ? 120 LEU A O     1 
ATOM   953  C  CB    . LEU A 1 121 ? 2.228   17.833  5.555   1.00 20.66 ? 120 LEU A CB    1 
ATOM   954  C  CG    . LEU A 1 121 ? 3.424   17.206  6.257   1.00 21.92 ? 120 LEU A CG    1 
ATOM   955  C  CD1   . LEU A 1 121 ? 4.367   16.667  5.198   1.00 26.93 ? 120 LEU A CD1   1 
ATOM   956  C  CD2   . LEU A 1 121 ? 4.163   18.107  7.372   1.00 25.23 ? 120 LEU A CD2   1 
ATOM   957  N  N     . PRO A 1 122 ? 0.472   20.512  6.174   1.00 26.24 ? 121 PRO A N     1 
ATOM   958  C  CA    . PRO A 1 122 ? -0.409  21.601  5.674   1.00 26.80 ? 121 PRO A CA    1 
ATOM   959  C  C     . PRO A 1 122 ? -0.414  21.718  4.129   1.00 25.38 ? 121 PRO A C     1 
ATOM   960  O  O     . PRO A 1 122 ? -1.453  21.935  3.478   1.00 27.66 ? 121 PRO A O     1 
ATOM   961  C  CB    . PRO A 1 122 ? 0.212   22.864  6.327   1.00 27.10 ? 121 PRO A CB    1 
ATOM   962  C  CG    . PRO A 1 122 ? 1.696   22.535  6.464   1.00 26.17 ? 121 PRO A CG    1 
ATOM   963  C  CD    . PRO A 1 122 ? 1.758   21.030  6.731   1.00 26.52 ? 121 PRO A CD    1 
ATOM   964  N  N     . SER A 1 123 ? 0.775   21.646  3.573   1.00 24.65 ? 122 SER A N     1 
ATOM   965  C  CA    . SER A 1 123 ? 1.016   21.577  2.164   1.00 21.18 ? 122 SER A CA    1 
ATOM   966  C  C     . SER A 1 123 ? 0.210   20.454  1.525   1.00 21.07 ? 122 SER A C     1 
ATOM   967  O  O     . SER A 1 123 ? 0.358   19.279  1.928   1.00 21.59 ? 122 SER A O     1 
ATOM   968  C  CB    . SER A 1 123 ? 2.403   21.114  2.043   1.00 23.14 ? 122 SER A CB    1 
ATOM   969  O  OG    . SER A 1 123 ? 3.115   22.114  1.566   1.00 23.54 ? 122 SER A OG    1 
ATOM   970  N  N     . ARG A 1 124 ? -0.624  20.801  0.573   1.00 16.62 ? 123 ARG A N     1 
ATOM   971  C  CA    . ARG A 1 124 ? -1.389  19.822  -0.192  1.00 15.55 ? 123 ARG A CA    1 
ATOM   972  C  C     . ARG A 1 124 ? -1.425  20.271  -1.614  1.00 15.18 ? 123 ARG A C     1 
ATOM   973  O  O     . ARG A 1 124 ? -1.786  21.434  -1.898  1.00 16.75 ? 123 ARG A O     1 
ATOM   974  C  CB    . ARG A 1 124 ? -2.808  19.705  0.395   1.00 14.53 ? 123 ARG A CB    1 
ATOM   975  C  CG    . ARG A 1 124 ? -3.801  18.985  -0.543  1.00 12.61 ? 123 ARG A CG    1 
ATOM   976  C  CD    . ARG A 1 124 ? -5.167  18.888  0.119   1.00 17.17 ? 123 ARG A CD    1 
ATOM   977  N  NE    . ARG A 1 124 ? -5.251  18.110  1.367   1.00 16.68 ? 123 ARG A NE    1 
ATOM   978  C  CZ    . ARG A 1 124 ? -5.604  16.801  1.435   1.00 13.88 ? 123 ARG A CZ    1 
ATOM   979  N  NH1   . ARG A 1 124 ? -5.807  16.085  0.333   1.00 12.22 ? 123 ARG A NH1   1 
ATOM   980  N  NH2   . ARG A 1 124 ? -5.720  16.205  2.606   1.00 13.00 ? 123 ARG A NH2   1 
ATOM   981  N  N     . THR A 1 125 ? -1.110  19.350  -2.538  1.00 13.63 ? 124 THR A N     1 
ATOM   982  C  CA    . THR A 1 125 ? -1.308  19.623  -3.969  1.00 13.24 ? 124 THR A CA    1 
ATOM   983  C  C     . THR A 1 125 ? -2.365  18.735  -4.563  1.00 12.31 ? 124 THR A C     1 
ATOM   984  O  O     . THR A 1 125 ? -2.847  19.022  -5.628  1.00 13.00 ? 124 THR A O     1 
ATOM   985  C  CB    . THR A 1 125 ? -0.018  19.482  -4.784  1.00 15.46 ? 124 THR A CB    1 
ATOM   986  O  OG1   . THR A 1 125 ? 0.483   18.139  -4.595  1.00 15.04 ? 124 THR A OG1   1 
ATOM   987  C  CG2   . THR A 1 125 ? 1.047   20.468  -4.262  1.00 16.10 ? 124 THR A CG2   1 
ATOM   988  N  N     . VAL A 1 126 ? -2.724  17.632  -3.849  1.00 13.21 ? 125 VAL A N     1 
ATOM   989  C  CA    . VAL A 1 126 ? -3.685  16.680  -4.357  1.00 13.36 ? 125 VAL A CA    1 
ATOM   990  C  C     . VAL A 1 126 ? -4.928  16.754  -3.462  1.00 14.35 ? 125 VAL A C     1 
ATOM   991  O  O     . VAL A 1 126 ? -4.891  16.414  -2.303  1.00 15.79 ? 125 VAL A O     1 
ATOM   992  C  CB    . VAL A 1 126 ? -3.105  15.229  -4.487  1.00 14.30 ? 125 VAL A CB    1 
ATOM   993  C  CG1   . VAL A 1 126 ? -4.177  14.243  -5.078  1.00 13.07 ? 125 VAL A CG1   1 
ATOM   994  C  CG2   . VAL A 1 126 ? -1.905  15.175  -5.379  1.00 15.73 ? 125 VAL A CG2   1 
ATOM   995  N  N     . ASP A 1 127 ? -6.020  17.287  -3.980  1.00 14.56 ? 126 ASP A N     1 
ATOM   996  C  CA    . ASP A 1 127 ? -7.210  17.370  -3.159  1.00 16.61 ? 126 ASP A CA    1 
ATOM   997  C  C     . ASP A 1 127 ? -7.875  15.997  -3.066  1.00 14.37 ? 126 ASP A C     1 
ATOM   998  O  O     . ASP A 1 127 ? -7.740  15.143  -3.948  1.00 14.74 ? 126 ASP A O     1 
ATOM   999  C  CB    . ASP A 1 127 ? -8.175  18.445  -3.660  1.00 17.07 ? 126 ASP A CB    1 
ATOM   1000 C  CG    . ASP A 1 127 ? -7.718  19.837  -3.276  1.00 23.57 ? 126 ASP A CG    1 
ATOM   1001 O  OD1   . ASP A 1 127 ? -6.633  19.988  -2.649  1.00 25.70 ? 126 ASP A OD1   1 
ATOM   1002 O  OD2   . ASP A 1 127 ? -8.426  20.783  -3.594  1.00 27.22 ? 126 ASP A OD2   1 
ATOM   1003 N  N     . THR A 1 128 ? -8.554  15.813  -1.924  1.00 13.58 ? 127 THR A N     1 
ATOM   1004 C  CA    . THR A 1 128 ? -9.299  14.617  -1.603  1.00 13.95 ? 127 THR A CA    1 
ATOM   1005 C  C     . THR A 1 128 ? -10.204 14.267  -2.783  1.00 13.86 ? 127 THR A C     1 
ATOM   1006 O  O     . THR A 1 128 ? -10.268 13.104  -3.209  1.00 14.76 ? 127 THR A O     1 
ATOM   1007 C  CB    . THR A 1 128 ? -10.168 14.855  -0.312  1.00 15.40 ? 127 THR A CB    1 
ATOM   1008 O  OG1   . THR A 1 128 ? -9.271  14.998  0.798   1.00 13.81 ? 127 THR A OG1   1 
ATOM   1009 C  CG2   . THR A 1 128 ? -11.088 13.715  -0.048  1.00 15.45 ? 127 THR A CG2   1 
ATOM   1010 N  N     . LYS A 1 129 ? -10.862 15.254  -3.349  1.00 15.29 ? 128 LYS A N     1 
ATOM   1011 C  CA    . LYS A 1 129 ? -11.861 14.972  -4.358  1.00 14.91 ? 128 LYS A CA    1 
ATOM   1012 C  C     . LYS A 1 129 ? -11.169 14.302  -5.573  1.00 15.96 ? 128 LYS A C     1 
ATOM   1013 O  O     . LYS A 1 129 ? -11.727 13.366  -6.224  1.00 15.67 ? 128 LYS A O     1 
ATOM   1014 C  CB    . LYS A 1 129 ? -12.571 16.279  -4.803  1.00 16.54 ? 128 LYS A CB    1 
ATOM   1015 C  CG    . LYS A 1 129 ? -13.546 16.037  -6.000  1.00 19.55 ? 128 LYS A CG    1 
ATOM   1016 C  CD    . LYS A 1 129 ? -14.247 17.355  -6.366  1.00 27.39 ? 128 LYS A CD    1 
ATOM   1017 C  CE    . LYS A 1 129 ? -15.043 17.306  -7.664  1.00 32.82 ? 128 LYS A CE    1 
ATOM   1018 N  NZ    . LYS A 1 129 ? -15.717 18.709  -7.781  1.00 36.33 ? 128 LYS A NZ    1 
ATOM   1019 N  N     . GLN A 1 130 ? -9.959  14.771  -5.890  1.00 17.30 ? 129 GLN A N     1 
ATOM   1020 C  CA    . GLN A 1 130 ? -9.283  14.265  -7.122  1.00 16.08 ? 129 GLN A CA    1 
ATOM   1021 C  C     . GLN A 1 130 ? -8.866  12.783  -6.916  1.00 13.91 ? 129 GLN A C     1 
ATOM   1022 O  O     . GLN A 1 130 ? -8.938  11.971  -7.887  1.00 14.27 ? 129 GLN A O     1 
ATOM   1023 C  CB    . GLN A 1 130 ? -8.043  15.169  -7.413  1.00 17.84 ? 129 GLN A CB    1 
ATOM   1024 C  CG    . GLN A 1 130 ? -7.067  14.575  -8.433  1.00 20.61 ? 129 GLN A CG    1 
ATOM   1025 C  CD    . GLN A 1 130 ? -6.021  15.586  -8.940  1.00 30.08 ? 129 GLN A CD    1 
ATOM   1026 O  OE1   . GLN A 1 130 ? -5.447  16.376  -8.157  1.00 30.47 ? 129 GLN A OE1   1 
ATOM   1027 N  NE2   . GLN A 1 130 ? -5.772  15.562  -10.269 1.00 33.41 ? 129 GLN A NE2   1 
ATOM   1028 N  N     . ALA A 1 131 ? -8.464  12.448  -5.690  1.00 11.65 ? 130 ALA A N     1 
ATOM   1029 C  CA    . ALA A 1 131 ? -8.086  11.089  -5.366  1.00 13.56 ? 130 ALA A CA    1 
ATOM   1030 C  C     . ALA A 1 131 ? -9.332  10.206  -5.322  1.00 13.35 ? 130 ALA A C     1 
ATOM   1031 O  O     . ALA A 1 131 ? -9.284  9.071   -5.782  1.00 14.73 ? 130 ALA A O     1 
ATOM   1032 C  CB    . ALA A 1 131 ? -7.273  11.054  -4.042  1.00 12.32 ? 130 ALA A CB    1 
ATOM   1033 N  N     . GLN A 1 132 ? -10.446 10.755  -4.803  1.00 13.28 ? 131 GLN A N     1 
ATOM   1034 C  CA    . GLN A 1 132 ? -11.716 10.041  -4.839  1.00 13.54 ? 131 GLN A CA    1 
ATOM   1035 C  C     . GLN A 1 132 ? -12.113 9.703   -6.247  1.00 13.05 ? 131 GLN A C     1 
ATOM   1036 O  O     . GLN A 1 132 ? -12.640 8.589   -6.452  1.00 14.59 ? 131 GLN A O     1 
ATOM   1037 C  CB    . GLN A 1 132 ? -12.885 10.748  -4.131  1.00 11.84 ? 131 GLN A CB    1 
ATOM   1038 C  CG    . GLN A 1 132 ? -12.674 10.959  -2.609  1.00 14.51 ? 131 GLN A CG    1 
ATOM   1039 C  CD    . GLN A 1 132 ? -13.663 12.002  -2.011  1.00 15.27 ? 131 GLN A CD    1 
ATOM   1040 O  OE1   . GLN A 1 132 ? -14.068 12.952  -2.679  1.00 17.21 ? 131 GLN A OE1   1 
ATOM   1041 N  NE2   . GLN A 1 132 ? -14.010 11.815  -0.747  1.00 14.92 ? 131 GLN A NE2   1 
ATOM   1042 N  N     . ASP A 1 133 ? -11.890 10.634  -7.199  1.00 14.03 ? 132 ASP A N     1 
ATOM   1043 C  CA    . ASP A 1 133 ? -12.331 10.424  -8.601  1.00 13.81 ? 132 ASP A CA    1 
ATOM   1044 C  C     . ASP A 1 133 ? -11.529 9.255   -9.192  1.00 13.57 ? 132 ASP A C     1 
ATOM   1045 O  O     . ASP A 1 133 ? -12.018 8.448   -9.944  1.00 14.01 ? 132 ASP A O     1 
ATOM   1046 C  CB    . ASP A 1 133 ? -12.121 11.711  -9.486  1.00 15.54 ? 132 ASP A CB    1 
ATOM   1047 C  CG    . ASP A 1 133 ? -13.076 12.880  -9.083  1.00 16.86 ? 132 ASP A CG    1 
ATOM   1048 O  OD1   . ASP A 1 133 ? -14.038 12.637  -8.317  1.00 18.84 ? 132 ASP A OD1   1 
ATOM   1049 O  OD2   . ASP A 1 133 ? -12.809 14.093  -9.482  1.00 22.49 ? 132 ASP A OD2   1 
ATOM   1050 N  N     . LEU A 1 134 ? -10.251 9.224   -8.854  1.00 13.71 ? 133 LEU A N     1 
ATOM   1051 C  CA    . LEU A 1 134 ? -9.403  8.122   -9.294  1.00 12.53 ? 133 LEU A CA    1 
ATOM   1052 C  C     . LEU A 1 134 ? -9.851  6.790   -8.731  1.00 13.15 ? 133 LEU A C     1 
ATOM   1053 O  O     . LEU A 1 134 ? -10.056 5.836   -9.490  1.00 12.76 ? 133 LEU A O     1 
ATOM   1054 C  CB    . LEU A 1 134 ? -7.960  8.381   -8.893  1.00 11.71 ? 133 LEU A CB    1 
ATOM   1055 C  CG    . LEU A 1 134 ? -7.003  7.375   -9.554  1.00 12.94 ? 133 LEU A CG    1 
ATOM   1056 C  CD1   . LEU A 1 134 ? -7.182  7.398   -11.057 1.00 12.60 ? 133 LEU A CD1   1 
ATOM   1057 C  CD2   . LEU A 1 134 ? -5.518  7.754   -9.187  1.00 10.24 ? 133 LEU A CD2   1 
ATOM   1058 N  N     . ALA A 1 135 ? -10.025 6.724   -7.398  1.00 11.06 ? 134 ALA A N     1 
ATOM   1059 C  CA    . ALA A 1 135 ? -10.490 5.514   -6.748  1.00 10.67 ? 134 ALA A CA    1 
ATOM   1060 C  C     . ALA A 1 135 ? -11.829 5.046   -7.302  1.00 11.08 ? 134 ALA A C     1 
ATOM   1061 O  O     . ALA A 1 135 ? -12.030 3.874   -7.555  1.00 13.60 ? 134 ALA A O     1 
ATOM   1062 C  CB    . ALA A 1 135 ? -10.613 5.732   -5.297  1.00 10.09 ? 134 ALA A CB    1 
ATOM   1063 N  N     . ARG A 1 136 ? -12.707 5.996   -7.579  1.00 12.63 ? 135 ARG A N     1 
ATOM   1064 C  CA    . ARG A 1 136 ? -14.009 5.602   -8.168  1.00 13.32 ? 135 ARG A CA    1 
ATOM   1065 C  C     . ARG A 1 136 ? -13.817 4.890   -9.506  1.00 13.12 ? 135 ARG A C     1 
ATOM   1066 O  O     . ARG A 1 136 ? -14.407 3.822   -9.733  1.00 13.82 ? 135 ARG A O     1 
ATOM   1067 C  CB    . ARG A 1 136 ? -14.870 6.815   -8.231  1.00 13.59 ? 135 ARG A CB    1 
ATOM   1068 C  CG    . ARG A 1 136 ? -16.265 6.545   -8.888  1.00 15.42 ? 135 ARG A CG    1 
ATOM   1069 C  CD    . ARG A 1 136 ? -17.083 7.866   -9.113  1.00 17.57 ? 135 ARG A CD    1 
ATOM   1070 N  NE    . ARG A 1 136 ? -16.498 8.807   -10.086 1.00 20.89 ? 135 ARG A NE    1 
ATOM   1071 C  CZ    . ARG A 1 136 ? -16.007 10.032  -9.796  1.00 23.45 ? 135 ARG A CZ    1 
ATOM   1072 N  NH1   . ARG A 1 136 ? -16.044 10.503  -8.541  1.00 19.91 ? 135 ARG A NH1   1 
ATOM   1073 N  NH2   . ARG A 1 136 ? -15.427 10.773  -10.747 1.00 23.56 ? 135 ARG A NH2   1 
ATOM   1074 N  N     . SER A 1 137 ? -12.924 5.412   -10.342 1.00 12.91 ? 136 SER A N     1 
ATOM   1075 C  CA    . SER A 1 137 ? -12.612 4.856   -11.653 1.00 12.15 ? 136 SER A CA    1 
ATOM   1076 C  C     . SER A 1 137 ? -12.014 3.453   -11.593 1.00 12.43 ? 136 SER A C     1 
ATOM   1077 O  O     . SER A 1 137 ? -12.256 2.633   -12.487 1.00 12.56 ? 136 SER A O     1 
ATOM   1078 C  CB    . SER A 1 137 ? -11.709 5.776   -12.526 1.00 10.10 ? 136 SER A CB    1 
ATOM   1079 O  OG    . SER A 1 137 ? -10.352 5.681   -12.108 1.00 15.23 ? 136 SER A OG    1 
ATOM   1080 N  N     . TYR A 1 138 ? -11.271 3.189   -10.497 1.00 11.69 ? 137 TYR A N     1 
ATOM   1081 C  CA    . TYR A 1 138 ? -10.689 1.872   -10.289 1.00 11.57 ? 137 TYR A CA    1 
ATOM   1082 C  C     . TYR A 1 138 ? -11.624 0.890   -9.577  1.00 11.97 ? 137 TYR A C     1 
ATOM   1083 O  O     . TYR A 1 138 ? -11.381 -0.303  -9.621  1.00 15.12 ? 137 TYR A O     1 
ATOM   1084 C  CB    . TYR A 1 138 ? -9.426  2.082   -9.433  1.00 12.54 ? 137 TYR A CB    1 
ATOM   1085 C  CG    . TYR A 1 138 ? -8.305  2.750   -10.102 1.00 10.34 ? 137 TYR A CG    1 
ATOM   1086 C  CD1   . TYR A 1 138 ? -8.227  2.878   -11.515 1.00 16.23 ? 137 TYR A CD1   1 
ATOM   1087 C  CD2   . TYR A 1 138 ? -7.244  3.238   -9.339  1.00 12.09 ? 137 TYR A CD2   1 
ATOM   1088 C  CE1   . TYR A 1 138 ? -7.108  3.434   -12.080 1.00 12.02 ? 137 TYR A CE1   1 
ATOM   1089 C  CE2   . TYR A 1 138 ? -6.129  3.789   -9.932  1.00 12.57 ? 137 TYR A CE2   1 
ATOM   1090 C  CZ    . TYR A 1 138 ? -6.080  3.929   -11.274 1.00 14.63 ? 137 TYR A CZ    1 
ATOM   1091 O  OH    . TYR A 1 138 ? -4.918  4.485   -11.791 1.00 15.30 ? 137 TYR A OH    1 
ATOM   1092 N  N     . GLY A 1 139 ? -12.681 1.390   -8.905  1.00 11.22 ? 138 GLY A N     1 
ATOM   1093 C  CA    . GLY A 1 139 ? -13.543 0.635   -8.002  1.00 9.04  ? 138 GLY A CA    1 
ATOM   1094 C  C     . GLY A 1 139 ? -12.740 0.046   -6.869  1.00 10.37 ? 138 GLY A C     1 
ATOM   1095 O  O     . GLY A 1 139 ? -12.778 -1.150  -6.559  1.00 10.12 ? 138 GLY A O     1 
ATOM   1096 N  N     . ILE A 1 140 ? -11.915 0.900   -6.263  1.00 10.90 ? 139 ILE A N     1 
ATOM   1097 C  CA    . ILE A 1 140 ? -11.265 0.439   -5.019  1.00 11.33 ? 139 ILE A CA    1 
ATOM   1098 C  C     . ILE A 1 140 ? -11.373 1.467   -3.916  1.00 12.16 ? 139 ILE A C     1 
ATOM   1099 O  O     . ILE A 1 140 ? -11.672 2.657   -4.159  1.00 10.82 ? 139 ILE A O     1 
ATOM   1100 C  CB    . ILE A 1 140 ? -9.758  0.254   -5.225  1.00 12.81 ? 139 ILE A CB    1 
ATOM   1101 C  CG1   . ILE A 1 140 ? -9.053  1.605   -5.570  1.00 10.81 ? 139 ILE A CG1   1 
ATOM   1102 C  CG2   . ILE A 1 140 ? -9.536  -0.846  -6.284  1.00 9.21  ? 139 ILE A CG2   1 
ATOM   1103 C  CD1   . ILE A 1 140 ? -7.589  1.464   -5.971  1.00 12.49 ? 139 ILE A CD1   1 
ATOM   1104 N  N     . PRO A 1 141 ? -11.114 1.039   -2.676  1.00 11.64 ? 140 PRO A N     1 
ATOM   1105 C  CA    . PRO A 1 141 ? -11.214 2.055   -1.602  1.00 10.89 ? 140 PRO A CA    1 
ATOM   1106 C  C     . PRO A 1 141 ? -10.075 3.067   -1.627  1.00 11.04 ? 140 PRO A C     1 
ATOM   1107 O  O     . PRO A 1 141 ? -9.017  2.793   -2.171  1.00 10.49 ? 140 PRO A O     1 
ATOM   1108 C  CB    . PRO A 1 141 ? -11.160 1.181   -0.290  1.00 10.28 ? 140 PRO A CB    1 
ATOM   1109 C  CG    . PRO A 1 141 ? -11.585 -0.170  -0.726  1.00 12.13 ? 140 PRO A CG    1 
ATOM   1110 C  CD    . PRO A 1 141 ? -10.886 -0.300  -2.114  1.00 10.39 ? 140 PRO A CD    1 
ATOM   1111 N  N     . PHE A 1 142 ? -10.348 4.241   -1.069  1.00 11.26 ? 141 PHE A N     1 
ATOM   1112 C  CA    . PHE A 1 142 ? -9.345  5.274   -0.910  1.00 9.92  ? 141 PHE A CA    1 
ATOM   1113 C  C     . PHE A 1 142 ? -9.345  5.757   0.522   1.00 9.28  ? 141 PHE A C     1 
ATOM   1114 O  O     . PHE A 1 142 ? -10.405 6.141   1.039   1.00 9.73  ? 141 PHE A O     1 
ATOM   1115 C  CB    . PHE A 1 142 ? -9.564  6.429   -1.887  1.00 12.24 ? 141 PHE A CB    1 
ATOM   1116 C  CG    . PHE A 1 142 ? -8.893  7.725   -1.496  1.00 8.92  ? 141 PHE A CG    1 
ATOM   1117 C  CD1   . PHE A 1 142 ? -7.493  7.804   -1.402  1.00 12.70 ? 141 PHE A CD1   1 
ATOM   1118 C  CD2   . PHE A 1 142 ? -9.685  8.902   -1.276  1.00 14.08 ? 141 PHE A CD2   1 
ATOM   1119 C  CE1   . PHE A 1 142 ? -6.876  8.981   -1.079  1.00 11.01 ? 141 PHE A CE1   1 
ATOM   1120 C  CE2   . PHE A 1 142 ? -9.051  10.122  -0.924  1.00 12.80 ? 141 PHE A CE2   1 
ATOM   1121 C  CZ    . PHE A 1 142 ? -7.678  10.153  -0.829  1.00 8.68  ? 141 PHE A CZ    1 
ATOM   1122 N  N     . ILE A 1 143 ? -8.134  5.910   1.071   1.00 10.20 ? 142 ILE A N     1 
ATOM   1123 C  CA    . ILE A 1 143 ? -7.957  6.327   2.440   1.00 10.67 ? 142 ILE A CA    1 
ATOM   1124 C  C     . ILE A 1 143 ? -6.843  7.320   2.540   1.00 11.06 ? 142 ILE A C     1 
ATOM   1125 O  O     . ILE A 1 143 ? -5.811  7.107   1.963   1.00 12.01 ? 142 ILE A O     1 
ATOM   1126 C  CB    . ILE A 1 143 ? -7.665  5.107   3.389   1.00 10.52 ? 142 ILE A CB    1 
ATOM   1127 C  CG1   . ILE A 1 143 ? -8.876  4.196   3.488   1.00 13.29 ? 142 ILE A CG1   1 
ATOM   1128 C  CG2   . ILE A 1 143 ? -7.264  5.559   4.833   1.00 11.59 ? 142 ILE A CG2   1 
ATOM   1129 C  CD1   . ILE A 1 143 ? -8.445  2.814   3.878   1.00 10.69 ? 142 ILE A CD1   1 
ATOM   1130 N  N     . GLU A 1 144 ? -7.054  8.380   3.317   1.00 13.68 ? 143 GLU A N     1 
ATOM   1131 C  CA    . GLU A 1 144 ? -5.964  9.320   3.557   1.00 11.93 ? 143 GLU A CA    1 
ATOM   1132 C  C     . GLU A 1 144 ? -5.362  8.965   4.881   1.00 11.06 ? 143 GLU A C     1 
ATOM   1133 O  O     . GLU A 1 144 ? -6.067  8.714   5.873   1.00 13.11 ? 143 GLU A O     1 
ATOM   1134 C  CB    . GLU A 1 144 ? -6.372  10.830  3.475   1.00 11.79 ? 143 GLU A CB    1 
ATOM   1135 C  CG    . GLU A 1 144 ? -6.925  11.325  2.153   1.00 15.09 ? 143 GLU A CG    1 
ATOM   1136 C  CD    . GLU A 1 144 ? -6.912  12.876  2.013   1.00 18.85 ? 143 GLU A CD    1 
ATOM   1137 O  OE1   . GLU A 1 144 ? -6.650  13.528  3.067   1.00 19.16 ? 143 GLU A OE1   1 
ATOM   1138 O  OE2   . GLU A 1 144 ? -7.109  13.413  0.872   1.00 16.18 ? 143 GLU A OE2   1 
ATOM   1139 N  N     . THR A 1 145 ? -4.030  8.953   4.902   1.00 10.83 ? 144 THR A N     1 
ATOM   1140 C  CA    . THR A 1 145 ? -3.272  8.481   6.121   1.00 10.61 ? 144 THR A CA    1 
ATOM   1141 C  C     . THR A 1 145 ? -2.265  9.515   6.554   1.00 10.27 ? 144 THR A C     1 
ATOM   1142 O  O     . THR A 1 145 ? -1.828  10.367  5.736   1.00 9.97  ? 144 THR A O     1 
ATOM   1143 C  CB    . THR A 1 145 ? -2.436  7.172   5.862   1.00 9.88  ? 144 THR A CB    1 
ATOM   1144 O  OG1   . THR A 1 145 ? -1.643  7.332   4.663   1.00 11.23 ? 144 THR A OG1   1 
ATOM   1145 C  CG2   . THR A 1 145 ? -3.335  5.976   5.575   1.00 12.60 ? 144 THR A CG2   1 
ATOM   1146 N  N     . SER A 1 146 ? -1.847  9.377   7.786   1.00 11.74 ? 145 SER A N     1 
ATOM   1147 C  CA    . SER A 1 146 ? -0.652  10.024  8.278   1.00 12.35 ? 145 SER A CA    1 
ATOM   1148 C  C     . SER A 1 146 ? 0.159   8.921   8.999   1.00 12.24 ? 145 SER A C     1 
ATOM   1149 O  O     . SER A 1 146 ? -0.261  8.463   10.058  1.00 12.64 ? 145 SER A O     1 
ATOM   1150 C  CB    . SER A 1 146 ? -1.007  11.132  9.266   1.00 13.03 ? 145 SER A CB    1 
ATOM   1151 O  OG    . SER A 1 146 ? 0.216   11.687  9.814   1.00 14.99 ? 145 SER A OG    1 
ATOM   1152 N  N     . ALA A 1 147 ? 1.259   8.472   8.381   1.00 13.13 ? 146 ALA A N     1 
ATOM   1153 C  CA    . ALA A 1 147 ? 2.264   7.641   9.090   1.00 14.49 ? 146 ALA A CA    1 
ATOM   1154 C  C     . ALA A 1 147 ? 2.748   8.346   10.361  1.00 14.71 ? 146 ALA A C     1 
ATOM   1155 O  O     . ALA A 1 147 ? 3.206   7.698   11.315  1.00 15.24 ? 146 ALA A O     1 
ATOM   1156 C  CB    . ALA A 1 147 ? 3.484   7.325   8.194   1.00 13.27 ? 146 ALA A CB    1 
ATOM   1157 N  N     . LYS A 1 148 ? 2.634   9.660   10.383  1.00 14.65 ? 147 LYS A N     1 
ATOM   1158 C  CA    . LYS A 1 148 ? 3.219   10.424  11.531  1.00 16.88 ? 147 LYS A CA    1 
ATOM   1159 C  C     . LYS A 1 148 ? 2.293   10.378  12.717  1.00 18.32 ? 147 LYS A C     1 
ATOM   1160 O  O     . LYS A 1 148 ? 2.765   10.128  13.859  1.00 19.63 ? 147 LYS A O     1 
ATOM   1161 C  CB    . LYS A 1 148 ? 3.481   11.888  11.129  1.00 19.82 ? 147 LYS A CB    1 
ATOM   1162 C  CG    . LYS A 1 148 ? 3.961   12.745  12.338  1.00 20.37 ? 147 LYS A CG    1 
ATOM   1163 C  CD    . LYS A 1 148 ? 4.629   14.018  11.900  1.00 24.75 ? 147 LYS A CD    1 
ATOM   1164 C  CE    . LYS A 1 148 ? 5.271   14.739  13.082  1.00 22.73 ? 147 LYS A CE    1 
ATOM   1165 N  NZ    . LYS A 1 148 ? 5.215   16.174  12.658  1.00 27.57 ? 147 LYS A NZ    1 
ATOM   1166 N  N     . THR A 1 149 ? 0.978   10.596  12.490  1.00 17.16 ? 148 THR A N     1 
ATOM   1167 C  CA    . THR A 1 149 ? -0.001  10.537  13.607  1.00 17.90 ? 148 THR A CA    1 
ATOM   1168 C  C     . THR A 1 149 ? -0.679  9.167   13.753  1.00 17.28 ? 148 THR A C     1 
ATOM   1169 O  O     . THR A 1 149 ? -1.362  8.914   14.762  1.00 18.90 ? 148 THR A O     1 
ATOM   1170 C  CB    . THR A 1 149 ? -1.090  11.597  13.477  1.00 18.58 ? 148 THR A CB    1 
ATOM   1171 O  OG1   . THR A 1 149 ? -2.008  11.225  12.398  1.00 15.99 ? 148 THR A OG1   1 
ATOM   1172 C  CG2   . THR A 1 149 ? -0.504  13.058  13.340  1.00 19.16 ? 148 THR A CG2   1 
ATOM   1173 N  N     . ARG A 1 150 ? -0.402  8.286   12.802  1.00 16.03 ? 149 ARG A N     1 
ATOM   1174 C  CA    . ARG A 1 150 ? -1.038  6.956   12.676  1.00 15.45 ? 149 ARG A CA    1 
ATOM   1175 C  C     . ARG A 1 150 ? -2.452  6.998   12.165  1.00 16.27 ? 149 ARG A C     1 
ATOM   1176 O  O     . ARG A 1 150 ? -3.060  5.946   11.945  1.00 14.98 ? 149 ARG A O     1 
ATOM   1177 C  CB    . ARG A 1 150 ? -0.982  6.137   13.958  1.00 15.35 ? 149 ARG A CB    1 
ATOM   1178 C  CG    . ARG A 1 150 ? -0.763  4.662   13.681  1.00 18.15 ? 149 ARG A CG    1 
ATOM   1179 C  CD    . ARG A 1 150 ? -0.220  3.857   14.935  1.00 22.94 ? 149 ARG A CD    1 
ATOM   1180 N  NE    . ARG A 1 150 ? 0.061   2.470   14.542  1.00 23.80 ? 149 ARG A NE    1 
ATOM   1181 C  CZ    . ARG A 1 150 ? -0.892  1.574   14.311  1.00 24.45 ? 149 ARG A CZ    1 
ATOM   1182 N  NH1   . ARG A 1 150 ? -2.151  1.963   14.465  1.00 24.02 ? 149 ARG A NH1   1 
ATOM   1183 N  NH2   . ARG A 1 150 ? -0.600  0.306   13.916  1.00 22.80 ? 149 ARG A NH2   1 
ATOM   1184 N  N     . GLN A 1 151 ? -3.007  8.188   11.978  1.00 14.21 ? 150 GLN A N     1 
ATOM   1185 C  CA    . GLN A 1 151 ? -4.408  8.239   11.445  1.00 14.60 ? 150 GLN A CA    1 
ATOM   1186 C  C     . GLN A 1 151 ? -4.619  7.430   10.104  1.00 11.90 ? 150 GLN A C     1 
ATOM   1187 O  O     . GLN A 1 151 ? -3.888  7.592   9.103   1.00 12.67 ? 150 GLN A O     1 
ATOM   1188 C  CB    . GLN A 1 151 ? -4.822  9.701   11.324  1.00 15.59 ? 150 GLN A CB    1 
ATOM   1189 C  CG    . GLN A 1 151 ? -6.091  9.879   10.539  1.00 18.81 ? 150 GLN A CG    1 
ATOM   1190 C  CD    . GLN A 1 151 ? -6.620  11.287  10.783  1.00 22.91 ? 150 GLN A CD    1 
ATOM   1191 O  OE1   . GLN A 1 151 ? -7.114  11.616  11.895  1.00 26.41 ? 150 GLN A OE1   1 
ATOM   1192 N  NE2   . GLN A 1 151 ? -6.463  12.147  9.774   1.00 23.22 ? 150 GLN A NE2   1 
ATOM   1193 N  N     . GLY A 1 152 ? -5.621  6.539   10.106  1.00 12.01 ? 151 GLY A N     1 
ATOM   1194 C  CA    . GLY A 1 152 ? -5.993  5.819   8.845   1.00 11.41 ? 151 GLY A CA    1 
ATOM   1195 C  C     . GLY A 1 152 ? -5.055  4.607   8.592   1.00 10.85 ? 151 GLY A C     1 
ATOM   1196 O  O     . GLY A 1 152 ? -5.317  3.863   7.675   1.00 11.77 ? 151 GLY A O     1 
ATOM   1197 N  N     . VAL A 1 153 ? -3.947  4.435   9.359   1.00 11.22 ? 152 VAL A N     1 
ATOM   1198 C  CA    . VAL A 1 153 ? -3.026  3.337   9.061   1.00 10.41 ? 152 VAL A CA    1 
ATOM   1199 C  C     . VAL A 1 153 ? -3.605  1.912   9.142   1.00 10.52 ? 152 VAL A C     1 
ATOM   1200 O  O     . VAL A 1 153 ? -3.436  1.121   8.215   1.00 12.37 ? 152 VAL A O     1 
ATOM   1201 C  CB    . VAL A 1 153 ? -1.741  3.480   9.943   1.00 10.41 ? 152 VAL A CB    1 
ATOM   1202 C  CG1   . VAL A 1 153 ? -0.787  2.220   9.771   1.00 11.57 ? 152 VAL A CG1   1 
ATOM   1203 C  CG2   . VAL A 1 153 ? -1.068  4.682   9.489   1.00 11.92 ? 152 VAL A CG2   1 
ATOM   1204 N  N     . ASP A 1 154 ? -4.179  1.555   10.281  1.00 11.20 ? 153 ASP A N     1 
ATOM   1205 C  CA    . ASP A 1 154 ? -4.748  0.207   10.425  1.00 11.46 ? 153 ASP A CA    1 
ATOM   1206 C  C     . ASP A 1 154 ? -5.850  0.137   9.393   1.00 10.63 ? 153 ASP A C     1 
ATOM   1207 O  O     . ASP A 1 154 ? -6.001  -0.921  8.754   1.00 11.15 ? 153 ASP A O     1 
ATOM   1208 C  CB    . ASP A 1 154 ? -5.355  -0.004  11.832  1.00 13.50 ? 153 ASP A CB    1 
ATOM   1209 C  CG    . ASP A 1 154 ? -4.285  -0.150  12.910  1.00 15.82 ? 153 ASP A CG    1 
ATOM   1210 O  OD1   . ASP A 1 154 ? -3.110  -0.524  12.596  1.00 16.87 ? 153 ASP A OD1   1 
ATOM   1211 O  OD2   . ASP A 1 154 ? -4.658  0.096   14.053  1.00 19.92 ? 153 ASP A OD2   1 
ATOM   1212 N  N     . ASP A 1 155 ? -6.599  1.211   9.232   1.00 10.33 ? 154 ASP A N     1 
ATOM   1213 C  CA    . ASP A 1 155 ? -7.687  1.173   8.178   1.00 9.44  ? 154 ASP A CA    1 
ATOM   1214 C  C     . ASP A 1 155 ? -7.146  0.802   6.784   1.00 10.04 ? 154 ASP A C     1 
ATOM   1215 O  O     . ASP A 1 155 ? -7.749  -0.034  6.026   1.00 11.10 ? 154 ASP A O     1 
ATOM   1216 C  CB    . ASP A 1 155 ? -8.399  2.561   8.109   1.00 9.64  ? 154 ASP A CB    1 
ATOM   1217 C  CG    . ASP A 1 155 ? -9.661  2.584   7.272   1.00 10.13 ? 154 ASP A CG    1 
ATOM   1218 O  OD1   . ASP A 1 155 ? -10.284 1.526   7.036   1.00 14.32 ? 154 ASP A OD1   1 
ATOM   1219 O  OD2   . ASP A 1 155 ? -10.036 3.721   6.854   1.00 13.13 ? 154 ASP A OD2   1 
ATOM   1220 N  N     . ALA A 1 156 ? -6.026  1.406   6.391   1.00 10.03 ? 155 ALA A N     1 
ATOM   1221 C  CA    . ALA A 1 156 ? -5.469  1.149   5.074   1.00 9.74  ? 155 ALA A CA    1 
ATOM   1222 C  C     . ALA A 1 156 ? -5.062  -0.342  4.922   1.00 9.06  ? 155 ALA A C     1 
ATOM   1223 O  O     . ALA A 1 156 ? -5.522  -1.059  4.005   1.00 10.21 ? 155 ALA A O     1 
ATOM   1224 C  CB    . ALA A 1 156 ? -4.232  2.030   4.781   1.00 10.17 ? 155 ALA A CB    1 
ATOM   1225 N  N     . PHE A 1 157 ? -4.325  -0.833  5.902   1.00 9.80  ? 156 PHE A N     1 
ATOM   1226 C  CA    . PHE A 1 157 ? -3.866  -2.229  5.790   1.00 11.29 ? 156 PHE A CA    1 
ATOM   1227 C  C     . PHE A 1 157 ? -5.002  -3.225  6.018   1.00 11.47 ? 156 PHE A C     1 
ATOM   1228 O  O     . PHE A 1 157 ? -5.038  -4.264  5.309   1.00 10.86 ? 156 PHE A O     1 
ATOM   1229 C  CB    . PHE A 1 157 ? -2.748  -2.504  6.761   1.00 11.66 ? 156 PHE A CB    1 
ATOM   1230 C  CG    . PHE A 1 157 ? -1.473  -1.884  6.344   1.00 11.42 ? 156 PHE A CG    1 
ATOM   1231 C  CD1   . PHE A 1 157 ? -0.584  -2.573  5.489   1.00 14.25 ? 156 PHE A CD1   1 
ATOM   1232 C  CD2   . PHE A 1 157 ? -1.111  -0.612  6.833   1.00 11.11 ? 156 PHE A CD2   1 
ATOM   1233 C  CE1   . PHE A 1 157 ? 0.624   -1.986  5.129   1.00 13.90 ? 156 PHE A CE1   1 
ATOM   1234 C  CE2   . PHE A 1 157 ? 0.083   -0.021  6.459   1.00 13.34 ? 156 PHE A CE2   1 
ATOM   1235 C  CZ    . PHE A 1 157 ? 0.955   -0.727  5.592   1.00 12.55 ? 156 PHE A CZ    1 
ATOM   1236 N  N     . TYR A 1 158 ? -5.928  -2.927  6.961   1.00 8.84  ? 157 TYR A N     1 
ATOM   1237 C  CA    . TYR A 1 158 ? -7.020  -3.897  7.206   1.00 9.68  ? 157 TYR A CA    1 
ATOM   1238 C  C     . TYR A 1 158 ? -8.008  -3.872  6.089   1.00 10.53 ? 157 TYR A C     1 
ATOM   1239 O  O     . TYR A 1 158 ? -8.627  -4.898  5.782   1.00 10.78 ? 157 TYR A O     1 
ATOM   1240 C  CB    . TYR A 1 158 ? -7.751  -3.625  8.530   1.00 8.56  ? 157 TYR A CB    1 
ATOM   1241 C  CG    . TYR A 1 158 ? -6.989  -3.887  9.814   1.00 9.00  ? 157 TYR A CG    1 
ATOM   1242 C  CD1   . TYR A 1 158 ? -5.620  -4.223  9.785   1.00 12.08 ? 157 TYR A CD1   1 
ATOM   1243 C  CD2   . TYR A 1 158 ? -7.599  -3.681  11.067  1.00 14.88 ? 157 TYR A CD2   1 
ATOM   1244 C  CE1   . TYR A 1 158 ? -4.900  -4.457  10.938  1.00 17.01 ? 157 TYR A CE1   1 
ATOM   1245 C  CE2   . TYR A 1 158 ? -6.875  -3.887  12.244  1.00 17.90 ? 157 TYR A CE2   1 
ATOM   1246 C  CZ    . TYR A 1 158 ? -5.518  -4.297  12.157  1.00 20.31 ? 157 TYR A CZ    1 
ATOM   1247 O  OH    . TYR A 1 158 ? -4.745  -4.569  13.292  1.00 16.93 ? 157 TYR A OH    1 
ATOM   1248 N  N     . THR A 1 159 ? -8.213  -2.680  5.518   1.00 10.52 ? 158 THR A N     1 
ATOM   1249 C  CA    . THR A 1 159 ? -9.106  -2.597  4.353   1.00 11.22 ? 158 THR A CA    1 
ATOM   1250 C  C     . THR A 1 159 ? -8.534  -3.461  3.215   1.00 11.08 ? 158 THR A C     1 
ATOM   1251 O  O     . THR A 1 159 ? -9.322  -4.154  2.488   1.00 11.20 ? 158 THR A O     1 
ATOM   1252 C  CB    . THR A 1 159 ? -9.355  -1.129  3.915   1.00 11.36 ? 158 THR A CB    1 
ATOM   1253 O  OG1   . THR A 1 159 ? -10.099 -0.476  4.927   1.00 11.41 ? 158 THR A OG1   1 
ATOM   1254 C  CG2   . THR A 1 159 ? -10.159 -1.084  2.550   1.00 10.87 ? 158 THR A CG2   1 
ATOM   1255 N  N     . LEU A 1 160 ? -7.205  -3.450  3.039   1.00 10.77 ? 159 LEU A N     1 
ATOM   1256 C  CA    . LEU A 1 160 ? -6.586  -4.245  1.961   1.00 11.66 ? 159 LEU A CA    1 
ATOM   1257 C  C     . LEU A 1 160 ? -6.878  -5.788  2.148   1.00 11.77 ? 159 LEU A C     1 
ATOM   1258 O  O     . LEU A 1 160 ? -7.218  -6.521  1.197   1.00 11.18 ? 159 LEU A O     1 
ATOM   1259 C  CB    . LEU A 1 160 ? -5.071  -3.904  1.872   1.00 11.30 ? 159 LEU A CB    1 
ATOM   1260 C  CG    . LEU A 1 160 ? -4.402  -4.656  0.681   1.00 11.71 ? 159 LEU A CG    1 
ATOM   1261 C  CD1   . LEU A 1 160 ? -5.173  -4.386  -0.744  1.00 13.34 ? 159 LEU A CD1   1 
ATOM   1262 C  CD2   . LEU A 1 160 ? -3.037  -4.198  0.551   1.00 12.89 ? 159 LEU A CD2   1 
ATOM   1263 N  N     . VAL A 1 161 ? -6.784  -6.257  3.387   1.00 12.09 ? 160 VAL A N     1 
ATOM   1264 C  CA    . VAL A 1 161 ? -7.034  -7.681  3.730   1.00 10.44 ? 160 VAL A CA    1 
ATOM   1265 C  C     . VAL A 1 161 ? -8.503  -7.940  3.420   1.00 10.46 ? 160 VAL A C     1 
ATOM   1266 O  O     . VAL A 1 161 ? -8.832  -8.911  2.762   1.00 11.57 ? 160 VAL A O     1 
ATOM   1267 C  CB    . VAL A 1 161 ? -6.787  -7.871  5.170   1.00 10.90 ? 160 VAL A CB    1 
ATOM   1268 C  CG1   . VAL A 1 161 ? -7.389  -9.148  5.741   1.00 9.64  ? 160 VAL A CG1   1 
ATOM   1269 C  CG2   . VAL A 1 161 ? -5.255  -7.854  5.420   1.00 12.87 ? 160 VAL A CG2   1 
ATOM   1270 N  N     . ARG A 1 162 ? -9.385  -7.022  3.820   1.00 9.17  ? 161 ARG A N     1 
ATOM   1271 C  CA    . ARG A 1 162 ? -10.776 -7.175  3.486   1.00 9.05  ? 161 ARG A CA    1 
ATOM   1272 C  C     . ARG A 1 162 ? -11.038 -7.287  1.994   1.00 10.13 ? 161 ARG A C     1 
ATOM   1273 O  O     . ARG A 1 162 ? -11.956 -8.063  1.576   1.00 11.13 ? 161 ARG A O     1 
ATOM   1274 C  CB    . ARG A 1 162 ? -11.652 -6.075  4.154   1.00 9.77  ? 161 ARG A CB    1 
ATOM   1275 C  CG    . ARG A 1 162 ? -11.727 -6.195  5.701   1.00 12.38 ? 161 ARG A CG    1 
ATOM   1276 C  CD    . ARG A 1 162 ? -12.352 -4.907  6.373   1.00 18.49 ? 161 ARG A CD    1 
ATOM   1277 N  NE    . ARG A 1 162 ? -12.162 -4.999  7.832   1.00 14.77 ? 161 ARG A NE    1 
ATOM   1278 C  CZ    . ARG A 1 162 ? -11.658 -4.035  8.605   1.00 16.16 ? 161 ARG A CZ    1 
ATOM   1279 N  NH1   . ARG A 1 162 ? -11.272 -2.876  8.044   1.00 18.17 ? 161 ARG A NH1   1 
ATOM   1280 N  NH2   . ARG A 1 162 ? -11.473 -4.247  9.899   1.00 15.63 ? 161 ARG A NH2   1 
ATOM   1281 N  N     . GLU A 1 163 ? -10.319 -6.484  1.188   1.00 10.96 ? 162 GLU A N     1 
ATOM   1282 C  CA    . GLU A 1 163 ? -10.415 -6.633  -0.277  1.00 11.03 ? 162 GLU A CA    1 
ATOM   1283 C  C     . GLU A 1 163 ? -9.945  -8.010  -0.749  1.00 10.02 ? 162 GLU A C     1 
ATOM   1284 O  O     . GLU A 1 163 ? -10.510 -8.595  -1.643  1.00 10.74 ? 162 GLU A O     1 
ATOM   1285 C  CB    . GLU A 1 163 ? -9.695  -5.494  -1.014  1.00 10.41 ? 162 GLU A CB    1 
ATOM   1286 C  CG    . GLU A 1 163 ? -10.342 -4.108  -0.761  1.00 9.42  ? 162 GLU A CG    1 
ATOM   1287 C  CD    . GLU A 1 163 ? -11.685 -4.049  -1.484  1.00 13.32 ? 162 GLU A CD    1 
ATOM   1288 O  OE1   . GLU A 1 163 ? -11.625 -3.896  -2.720  1.00 11.09 ? 162 GLU A OE1   1 
ATOM   1289 O  OE2   . GLU A 1 163 ? -12.706 -4.083  -0.789  1.00 16.60 ? 162 GLU A OE2   1 
ATOM   1290 N  N     . ILE A 1 164 ? -8.857  -8.490  -0.190  1.00 9.80  ? 163 ILE A N     1 
ATOM   1291 C  CA    . ILE A 1 164 ? -8.366  -9.825  -0.492  1.00 9.75  ? 163 ILE A CA    1 
ATOM   1292 C  C     . ILE A 1 164 ? -9.410  -10.890 -0.165  1.00 11.03 ? 163 ILE A C     1 
ATOM   1293 O  O     . ILE A 1 164 ? -9.623  -11.788 -0.935  1.00 11.33 ? 163 ILE A O     1 
ATOM   1294 C  CB    . ILE A 1 164 ? -7.004  -10.156 0.255   1.00 10.69 ? 163 ILE A CB    1 
ATOM   1295 C  CG1   . ILE A 1 164 ? -5.928  -9.178  -0.280  1.00 11.61 ? 163 ILE A CG1   1 
ATOM   1296 C  CG2   . ILE A 1 164 ? -6.645  -11.644 0.036   1.00 8.85  ? 163 ILE A CG2   1 
ATOM   1297 C  CD1   . ILE A 1 164 ? -4.647  -9.042  0.587   1.00 11.22 ? 163 ILE A CD1   1 
ATOM   1298 N  N     . ARG A 1 165 ? -10.049 -10.778 0.970   1.00 10.11 ? 164 ARG A N     1 
ATOM   1299 C  CA    . ARG A 1 165 ? -11.037 -11.780 1.366   1.00 12.31 ? 164 ARG A CA    1 
ATOM   1300 C  C     . ARG A 1 165 ? -12.213 -11.795 0.349   1.00 12.57 ? 164 ARG A C     1 
ATOM   1301 O  O     . ARG A 1 165 ? -12.724 -12.877 0.002   1.00 14.35 ? 164 ARG A O     1 
ATOM   1302 C  CB    . ARG A 1 165 ? -11.576 -11.463 2.761   1.00 12.66 ? 164 ARG A CB    1 
ATOM   1303 C  CG    . ARG A 1 165 ? -10.592 -11.562 3.856   1.00 13.36 ? 164 ARG A CG    1 
ATOM   1304 C  CD    . ARG A 1 165 ? -11.363 -11.272 5.182   1.00 12.92 ? 164 ARG A CD    1 
ATOM   1305 N  NE    . ARG A 1 165 ? -10.455 -11.353 6.346   1.00 12.87 ? 164 ARG A NE    1 
ATOM   1306 C  CZ    . ARG A 1 165 ? -10.650 -10.647 7.482   1.00 16.04 ? 164 ARG A CZ    1 
ATOM   1307 N  NH1   . ARG A 1 165 ? -11.650 -9.714  7.575   1.00 12.08 ? 164 ARG A NH1   1 
ATOM   1308 N  NH2   . ARG A 1 165 ? -9.803  -10.822 8.536   1.00 16.63 ? 164 ARG A NH2   1 
ATOM   1309 N  N     . LYS A 1 166 ? -12.619 -10.620 -0.129  1.00 12.68 ? 165 LYS A N     1 
ATOM   1310 C  CA    . LYS A 1 166 ? -13.699 -10.521 -1.151  1.00 14.56 ? 165 LYS A CA    1 
ATOM   1311 C  C     . LYS A 1 166 ? -13.233 -11.202 -2.408  1.00 14.29 ? 165 LYS A C     1 
ATOM   1312 O  O     . LYS A 1 166 ? -14.030 -11.767 -3.109  1.00 14.64 ? 165 LYS A O     1 
ATOM   1313 C  CB    . LYS A 1 166 ? -14.132 -9.049  -1.461  1.00 13.19 ? 165 LYS A CB    1 
ATOM   1314 C  CG    . LYS A 1 166 ? -14.915 -8.548  -0.273  1.00 19.83 ? 165 LYS A CG    1 
ATOM   1315 C  CD    . LYS A 1 166 ? -15.526 -7.156  -0.474  1.00 24.01 ? 165 LYS A CD    1 
ATOM   1316 C  CE    . LYS A 1 166 ? -16.263 -6.662  0.803   1.00 26.48 ? 165 LYS A CE    1 
ATOM   1317 N  NZ    . LYS A 1 166 ? -15.495 -6.287  2.091   1.00 28.06 ? 165 LYS A NZ    1 
ATOM   1318 N  N     . HIS A 1 167 ? -11.940 -11.111 -2.698  1.00 13.74 ? 166 HIS A N     1 
ATOM   1319 C  CA    . HIS A 1 167 ? -11.447 -11.682 -3.904  1.00 13.95 ? 166 HIS A CA    1 
ATOM   1320 C  C     . HIS A 1 167 ? -11.473 -13.233 -3.810  1.00 14.02 ? 166 HIS A C     1 
ATOM   1321 O  O     . HIS A 1 167 ? -11.864 -13.916 -4.763  1.00 14.63 ? 166 HIS A O     1 
ATOM   1322 C  CB    . HIS A 1 167 ? -10.040 -11.122 -4.273  1.00 14.26 ? 166 HIS A CB    1 
ATOM   1323 C  CG    . HIS A 1 167 ? -9.429  -11.779 -5.484  1.00 18.79 ? 166 HIS A CG    1 
ATOM   1324 N  ND1   . HIS A 1 167 ? -9.929  -11.600 -6.765  1.00 21.46 ? 166 HIS A ND1   1 
ATOM   1325 C  CD2   . HIS A 1 167 ? -8.364  -12.628 -5.612  1.00 17.47 ? 166 HIS A CD2   1 
ATOM   1326 C  CE1   . HIS A 1 167 ? -9.202  -12.298 -7.628  1.00 21.17 ? 166 HIS A CE1   1 
ATOM   1327 N  NE2   . HIS A 1 167 ? -8.244  -12.924 -6.958  1.00 23.66 ? 166 HIS A NE2   1 
ATOM   1328 N  N     . LYS A 1 168 ? -11.104 -13.740 -2.631  1.00 13.08 ? 167 LYS A N     1 
ATOM   1329 C  CA    . LYS A 1 168 ? -10.938 -15.206 -2.381  1.00 11.95 ? 167 LYS A CA    1 
ATOM   1330 C  C     . LYS A 1 168 ? -12.279 -15.910 -2.547  1.00 11.41 ? 167 LYS A C     1 
ATOM   1331 O  O     . LYS A 1 168 ? -12.296 -17.074 -2.822  1.00 13.55 ? 167 LYS A O     1 
ATOM   1332 C  CB    . LYS A 1 168 ? -10.386 -15.457 -0.968  1.00 13.00 ? 167 LYS A CB    1 
ATOM   1333 C  CG    . LYS A 1 168 ? -8.905  -15.241 -0.908  1.00 15.95 ? 167 LYS A CG    1 
ATOM   1334 C  CD    . LYS A 1 168 ? -8.397  -15.171 0.509   1.00 19.34 ? 167 LYS A CD    1 
ATOM   1335 C  CE    . LYS A 1 168 ? -7.119  -15.928 0.691   1.00 20.43 ? 167 LYS A CE    1 
ATOM   1336 N  NZ    . LYS A 1 168 ? -6.860  -16.233 2.145   1.00 14.32 ? 167 LYS A NZ    1 
ATOM   1337 N  N     . GLU A 1 169 ? -13.381 -15.217 -2.214  1.00 11.38 ? 168 GLU A N     1 
ATOM   1338 C  CA    . GLU A 1 169 ? -14.591 -15.920 -1.880  1.00 14.80 ? 168 GLU A CA    1 
ATOM   1339 C  C     . GLU A 1 169 ? -15.342 -16.171 -3.191  1.00 15.26 ? 168 GLU A C     1 
ATOM   1340 O  O     . GLU A 1 169 ? -16.369 -16.823 -3.194  1.00 16.10 ? 168 GLU A O     1 
ATOM   1341 C  CB    . GLU A 1 169 ? -15.385 -15.116 -0.833  1.00 14.90 ? 168 GLU A CB    1 
ATOM   1342 C  CG    . GLU A 1 169 ? -16.199 -14.046 -1.469  1.00 21.00 ? 168 GLU A CG    1 
ATOM   1343 C  CD    . GLU A 1 169 ? -17.015 -13.274 -0.441  1.00 27.48 ? 168 GLU A CD    1 
ATOM   1344 O  OE1   . GLU A 1 169 ? -17.610 -13.922 0.447   1.00 27.48 ? 168 GLU A OE1   1 
ATOM   1345 O  OE2   . GLU A 1 169 ? -17.009 -12.029 -0.510  1.00 31.45 ? 168 GLU A OE2   1 
ATOM   1346 N  N     . LYS A 1 170 ? -14.800 -15.663 -4.301  1.00 17.31 ? 169 LYS A N     1 
ATOM   1347 C  CA    . LYS A 1 170 ? -15.482 -15.807 -5.610  1.00 20.94 ? 169 LYS A CA    1 
ATOM   1348 C  C     . LYS A 1 170 ? -15.394 -17.194 -6.127  1.00 22.79 ? 169 LYS A C     1 
ATOM   1349 O  O     . LYS A 1 170 ? -16.373 -17.669 -6.782  1.00 26.49 ? 169 LYS A O     1 
ATOM   1350 C  CB    . LYS A 1 170 ? -14.854 -14.874 -6.636  1.00 21.47 ? 169 LYS A CB    1 
ATOM   1351 C  CG    . LYS A 1 170 ? -15.305 -13.450 -6.423  1.00 25.42 ? 169 LYS A CG    1 
ATOM   1352 C  CD    . LYS A 1 170 ? -14.455 -12.431 -7.211  1.00 31.16 ? 169 LYS A CD    1 
ATOM   1353 C  CE    . LYS A 1 170 ? -15.390 -11.264 -7.547  1.00 34.75 ? 169 LYS A CE    1 
ATOM   1354 N  NZ    . LYS A 1 170 ? -14.701 -10.024 -7.988  1.00 36.34 ? 169 LYS A NZ    1 
ATOM   1355 O  OXT   . LYS A 1 170 ? -14.367 -17.863 -5.951  1.00 23.81 ? 169 LYS A OXT   1 
HETATM 1356 P  PB    . GDP B 2 .   ? 9.339   5.917   1.125   1.00 16.85 ? 201 GDP A PB    1 
HETATM 1357 O  O1B   . GDP B 2 .   ? 10.417  6.286   0.146   1.00 17.15 ? 201 GDP A O1B   1 
HETATM 1358 O  O2B   . GDP B 2 .   ? 9.706   4.643   1.875   1.00 12.93 ? 201 GDP A O2B   1 
HETATM 1359 O  O3B   . GDP B 2 .   ? 8.056   5.813   0.326   1.00 15.51 ? 201 GDP A O3B   1 
HETATM 1360 O  O3A   . GDP B 2 .   ? 9.227   7.113   2.157   1.00 14.83 ? 201 GDP A O3A   1 
HETATM 1361 P  PA    . GDP B 2 .   ? 9.651   7.160   3.688   1.00 15.97 ? 201 GDP A PA    1 
HETATM 1362 O  O1A   . GDP B 2 .   ? 11.185  7.061   3.679   1.00 19.45 ? 201 GDP A O1A   1 
HETATM 1363 O  O2A   . GDP B 2 .   ? 8.881   6.331   4.701   1.00 13.18 ? 201 GDP A O2A   1 
HETATM 1364 O  "O5'" . GDP B 2 .   ? 9.265   8.665   4.092   1.00 15.81 ? 201 GDP A "O5'" 1 
HETATM 1365 C  "C5'" . GDP B 2 .   ? 9.819   9.747   3.307   1.00 18.67 ? 201 GDP A "C5'" 1 
HETATM 1366 C  "C4'" . GDP B 2 .   ? 9.916   11.009  4.195   1.00 19.72 ? 201 GDP A "C4'" 1 
HETATM 1367 O  "O4'" . GDP B 2 .   ? 8.584   11.493  4.528   1.00 18.49 ? 201 GDP A "O4'" 1 
HETATM 1368 C  "C3'" . GDP B 2 .   ? 10.520  10.666  5.556   1.00 23.51 ? 201 GDP A "C3'" 1 
HETATM 1369 O  "O3'" . GDP B 2 .   ? 11.236  11.816  6.012   1.00 23.60 ? 201 GDP A "O3'" 1 
HETATM 1370 C  "C2'" . GDP B 2 .   ? 9.353   10.443  6.542   1.00 21.98 ? 201 GDP A "C2'" 1 
HETATM 1371 O  "O2'" . GDP B 2 .   ? 9.583   10.793  7.931   1.00 25.07 ? 201 GDP A "O2'" 1 
HETATM 1372 C  "C1'" . GDP B 2 .   ? 8.333   11.380  5.943   1.00 20.65 ? 201 GDP A "C1'" 1 
HETATM 1373 N  N9    . GDP B 2 .   ? 6.972   10.924  6.128   1.00 20.04 ? 201 GDP A N9    1 
HETATM 1374 C  C8    . GDP B 2 .   ? 6.494   9.716   5.745   1.00 16.23 ? 201 GDP A C8    1 
HETATM 1375 N  N7    . GDP B 2 .   ? 5.204   9.634   6.036   1.00 17.97 ? 201 GDP A N7    1 
HETATM 1376 C  C5    . GDP B 2 .   ? 4.829   10.819  6.607   1.00 18.12 ? 201 GDP A C5    1 
HETATM 1377 C  C6    . GDP B 2 .   ? 3.622   11.384  7.162   1.00 15.79 ? 201 GDP A C6    1 
HETATM 1378 O  O6    . GDP B 2 .   ? 2.520   10.725  7.126   1.00 13.81 ? 201 GDP A O6    1 
HETATM 1379 N  N1    . GDP B 2 .   ? 3.669   12.629  7.628   1.00 16.34 ? 201 GDP A N1    1 
HETATM 1380 C  C2    . GDP B 2 .   ? 4.827   13.392  7.682   1.00 18.58 ? 201 GDP A C2    1 
HETATM 1381 N  N2    . GDP B 2 .   ? 4.840   14.666  8.151   1.00 22.36 ? 201 GDP A N2    1 
HETATM 1382 N  N3    . GDP B 2 .   ? 5.976   12.933  7.187   1.00 17.50 ? 201 GDP A N3    1 
HETATM 1383 C  C4    . GDP B 2 .   ? 6.035   11.655  6.691   1.00 17.68 ? 201 GDP A C4    1 
HETATM 1384 MG MG    . MG  C 3 .   ? 11.243  3.341   1.870   1.00 14.62 ? 202 MG  A MG    1 
HETATM 1385 C  CAJ   . 0QV D 4 .   ? 11.030  -10.117 -1.885  1.00 14.42 ? 203 0QV A CAJ   1 
HETATM 1386 C  CAH   . 0QV D 4 .   ? 11.133  -8.937  -2.916  1.00 15.48 ? 203 0QV A CAH   1 
HETATM 1387 C  CAQ   . 0QV D 4 .   ? 11.756  -9.403  -4.241  1.00 17.41 ? 203 0QV A CAQ   1 
HETATM 1388 O  OAA   . 0QV D 4 .   ? 13.107  -9.825  -3.928  1.00 17.15 ? 203 0QV A OAA   1 
HETATM 1389 C  CAI   . 0QV D 4 .   ? 11.008  -10.594 -4.955  1.00 14.63 ? 203 0QV A CAI   1 
HETATM 1390 C  CAK   . 0QV D 4 .   ? 10.742  -11.638 -3.898  1.00 15.53 ? 203 0QV A CAK   1 
HETATM 1391 N  NAR   . 0QV D 4 .   ? 10.147  -11.068 -2.643  1.00 15.72 ? 203 0QV A NAR   1 
HETATM 1392 C  CAM   . 0QV D 4 .   ? 8.902   -11.468 -2.173  1.00 13.28 ? 203 0QV A CAM   1 
HETATM 1393 S  SAB   . 0QV D 4 .   ? 7.980   -12.498 -3.272  1.00 16.91 ? 203 0QV A SAB   1 
HETATM 1394 C  CAN   . 0QV D 4 .   ? 8.326   -11.094 -0.914  1.00 15.65 ? 203 0QV A CAN   1 
HETATM 1395 C  CAP   . 0QV D 4 .   ? 6.965   -10.697 -0.701  1.00 12.53 ? 203 0QV A CAP   1 
HETATM 1396 C  CAF   . 0QV D 4 .   ? 5.840   -10.551 -1.527  1.00 17.21 ? 203 0QV A CAF   1 
HETATM 1397 C  CAD   . 0QV D 4 .   ? 4.634   -10.122 -1.022  1.00 14.70 ? 203 0QV A CAD   1 
HETATM 1398 C  CAC   . 0QV D 4 .   ? 4.503   -9.870  0.334   1.00 13.67 ? 203 0QV A CAC   1 
HETATM 1399 C  CAE   . 0QV D 4 .   ? 5.589   -10.071 1.198   1.00 14.97 ? 203 0QV A CAE   1 
HETATM 1400 C  CAO   . 0QV D 4 .   ? 6.828   -10.481 0.691   1.00 14.81 ? 203 0QV A CAO   1 
HETATM 1401 N  NAL   . 0QV D 4 .   ? 8.035   -10.779 1.251   1.00 15.87 ? 203 0QV A NAL   1 
HETATM 1402 C  CAG   . 0QV D 4 .   ? 8.918   -11.101 0.287   1.00 14.01 ? 203 0QV A CAG   1 
HETATM 1403 O  O     . HOH E 5 .   ? 3.151   6.945   -5.896  1.00 12.27 ? 301 HOH A O     1 
HETATM 1404 O  O     . HOH E 5 .   ? -11.578 -7.546  -3.989  1.00 16.11 ? 302 HOH A O     1 
HETATM 1405 O  O     . HOH E 5 .   ? -13.895 -19.357 -3.105  1.00 10.76 ? 303 HOH A O     1 
HETATM 1406 O  O     . HOH E 5 .   ? -4.463  3.494   12.732  1.00 15.10 ? 304 HOH A O     1 
HETATM 1407 O  O     . HOH E 5 .   ? -9.531  -3.505  -4.219  1.00 15.12 ? 305 HOH A O     1 
HETATM 1408 O  O     . HOH E 5 .   ? 2.711   17.316  10.998  1.00 30.55 ? 306 HOH A O     1 
HETATM 1409 O  O     . HOH E 5 .   ? 7.125   4.827   10.872  1.00 15.54 ? 307 HOH A O     1 
HETATM 1410 O  O     . HOH E 5 .   ? -2.584  -13.156 -6.049  1.00 19.65 ? 308 HOH A O     1 
HETATM 1411 O  O     . HOH E 5 .   ? -6.566  -17.376 10.265  1.00 16.58 ? 309 HOH A O     1 
HETATM 1412 O  O     . HOH E 5 .   ? -12.632 9.883   0.897   1.00 18.13 ? 310 HOH A O     1 
HETATM 1413 O  O     . HOH E 5 .   ? 7.067   0.720   -5.478  1.00 11.95 ? 311 HOH A O     1 
HETATM 1414 O  O     . HOH E 5 .   ? 3.550   18.413  -6.038  1.00 18.31 ? 312 HOH A O     1 
HETATM 1415 O  O     . HOH E 5 .   ? 13.073  2.287   1.973   1.00 12.19 ? 313 HOH A O     1 
HETATM 1416 O  O     . HOH E 5 .   ? -4.031  -15.416 2.093   1.00 18.96 ? 314 HOH A O     1 
HETATM 1417 O  O     . HOH E 5 .   ? 10.188  1.857   1.031   1.00 13.43 ? 315 HOH A O     1 
HETATM 1418 O  O     . HOH E 5 .   ? -9.176  -16.782 14.091  1.00 18.29 ? 316 HOH A O     1 
HETATM 1419 O  O     . HOH E 5 .   ? -6.320  -17.865 13.724  1.00 24.58 ? 317 HOH A O     1 
HETATM 1420 O  O     . HOH E 5 .   ? -8.664  -18.183 7.965   1.00 19.97 ? 318 HOH A O     1 
HETATM 1421 O  O     . HOH E 5 .   ? 7.484   14.500  4.663   1.00 26.59 ? 319 HOH A O     1 
HETATM 1422 O  O     . HOH E 5 .   ? 10.761  4.031   -3.284  1.00 20.66 ? 320 HOH A O     1 
HETATM 1423 O  O     . HOH E 5 .   ? -5.594  -10.951 -8.172  1.00 19.57 ? 321 HOH A O     1 
HETATM 1424 O  O     . HOH E 5 .   ? -8.618  -0.105  -13.319 1.00 22.83 ? 322 HOH A O     1 
HETATM 1425 O  O     . HOH E 5 .   ? -9.063  -11.151 -14.406 1.00 26.19 ? 323 HOH A O     1 
HETATM 1426 O  O     . HOH E 5 .   ? -13.429 4.422   -3.475  1.00 17.46 ? 324 HOH A O     1 
HETATM 1427 O  O     . HOH E 5 .   ? 3.940   10.137  -13.521 1.00 34.52 ? 325 HOH A O     1 
HETATM 1428 O  O     . HOH E 5 .   ? 12.389  4.835   3.022   1.00 15.08 ? 326 HOH A O     1 
HETATM 1429 O  O     . HOH E 5 .   ? -11.081 -14.456 6.326   1.00 16.38 ? 327 HOH A O     1 
HETATM 1430 O  O     . HOH E 5 .   ? 17.095  -3.849  -0.044  1.00 26.35 ? 328 HOH A O     1 
HETATM 1431 O  O     . HOH E 5 .   ? 6.756   -15.804 -10.383 1.00 15.19 ? 329 HOH A O     1 
HETATM 1432 O  O     . HOH E 5 .   ? 13.551  3.015   -7.971  1.00 18.26 ? 330 HOH A O     1 
HETATM 1433 O  O     . HOH E 5 .   ? -0.159  -20.367 12.810  1.00 20.61 ? 331 HOH A O     1 
HETATM 1434 O  O     . HOH E 5 .   ? 11.791  4.025   -0.030  1.00 14.27 ? 332 HOH A O     1 
HETATM 1435 O  O     . HOH E 5 .   ? -9.690  8.904   4.339   1.00 14.52 ? 333 HOH A O     1 
HETATM 1436 O  O     . HOH E 5 .   ? 10.317  -2.647  -5.587  1.00 18.68 ? 334 HOH A O     1 
HETATM 1437 O  O     . HOH E 5 .   ? 12.761  -3.675  -11.223 1.00 33.10 ? 335 HOH A O     1 
HETATM 1438 O  O     . HOH E 5 .   ? 6.623   -1.261  -7.429  1.00 16.01 ? 336 HOH A O     1 
HETATM 1439 O  O     . HOH E 5 .   ? -16.617 -11.204 -3.780  1.00 25.14 ? 337 HOH A O     1 
HETATM 1440 O  O     . HOH E 5 .   ? -5.081  -13.787 18.324  1.00 21.23 ? 338 HOH A O     1 
HETATM 1441 O  O     . HOH E 5 .   ? 5.193   16.776  -7.947  1.00 24.74 ? 339 HOH A O     1 
HETATM 1442 O  O     . HOH E 5 .   ? -11.418 6.714   3.695   1.00 17.25 ? 340 HOH A O     1 
HETATM 1443 O  O     . HOH E 5 .   ? -10.766 -5.423  13.213  1.00 23.76 ? 341 HOH A O     1 
HETATM 1444 O  O     . HOH E 5 .   ? -13.050 -14.671 1.830   1.00 18.15 ? 342 HOH A O     1 
HETATM 1445 O  O     . HOH E 5 .   ? -2.249  -18.549 4.508   1.00 27.33 ? 343 HOH A O     1 
HETATM 1446 O  O     . HOH E 5 .   ? -10.991 -0.298  8.977   1.00 21.36 ? 344 HOH A O     1 
HETATM 1447 O  O     . HOH E 5 .   ? 12.394  -1.484  3.500   1.00 19.73 ? 345 HOH A O     1 
HETATM 1448 O  O     . HOH E 5 .   ? -12.594 -9.338  -5.843  1.00 21.16 ? 346 HOH A O     1 
HETATM 1449 O  O     . HOH E 5 .   ? -13.729 -17.248 0.967   1.00 17.78 ? 347 HOH A O     1 
HETATM 1450 O  O     . HOH E 5 .   ? -4.881  -7.041  16.424  1.00 24.64 ? 348 HOH A O     1 
HETATM 1451 O  O     . HOH E 5 .   ? -9.341  0.409   11.156  1.00 22.59 ? 349 HOH A O     1 
HETATM 1452 O  O     . HOH E 5 .   ? -12.891 -14.261 17.205  1.00 20.80 ? 350 HOH A O     1 
HETATM 1453 O  O     . HOH E 5 .   ? 13.286  -7.994  4.898   1.00 36.43 ? 351 HOH A O     1 
HETATM 1454 O  O     . HOH E 5 .   ? 9.143   3.000   -5.841  1.00 19.10 ? 352 HOH A O     1 
HETATM 1455 O  O     . HOH E 5 .   ? 7.517   -0.871  -10.029 1.00 24.83 ? 353 HOH A O     1 
HETATM 1456 O  O     . HOH E 5 .   ? 9.187   -9.183  10.541  1.00 25.87 ? 354 HOH A O     1 
HETATM 1457 O  O     . HOH E 5 .   ? -1.121  -20.641 6.630   1.00 18.36 ? 355 HOH A O     1 
HETATM 1458 O  O     . HOH E 5 .   ? -14.025 -9.267  5.797   1.00 20.93 ? 356 HOH A O     1 
HETATM 1459 O  O     . HOH E 5 .   ? -5.699  11.141  7.460   1.00 19.85 ? 357 HOH A O     1 
HETATM 1460 O  O     . HOH E 5 .   ? -8.561  12.147  -10.408 1.00 21.99 ? 358 HOH A O     1 
HETATM 1461 O  O     . HOH E 5 .   ? -11.322 -7.960  15.556  1.00 26.74 ? 359 HOH A O     1 
HETATM 1462 O  O     . HOH E 5 .   ? 14.440  -7.405  -2.977  1.00 27.38 ? 360 HOH A O     1 
HETATM 1463 O  O     . HOH E 5 .   ? 3.112   -10.097 15.976  1.00 32.63 ? 361 HOH A O     1 
HETATM 1464 O  O     . HOH E 5 .   ? -10.099 -6.777  -6.090  1.00 21.90 ? 362 HOH A O     1 
HETATM 1465 O  O     . HOH E 5 .   ? -14.015 -5.771  -3.280  1.00 22.00 ? 363 HOH A O     1 
HETATM 1466 O  O     . HOH E 5 .   ? -7.193  13.544  5.851   1.00 19.24 ? 364 HOH A O     1 
HETATM 1467 O  O     . HOH E 5 .   ? -14.741 -13.456 3.412   1.00 19.45 ? 365 HOH A O     1 
HETATM 1468 O  O     . HOH E 5 .   ? -5.595  13.347  -1.622  1.00 19.45 ? 366 HOH A O     1 
HETATM 1469 O  O     . HOH E 5 .   ? 7.858   9.893   -9.079  1.00 24.12 ? 367 HOH A O     1 
HETATM 1470 O  O     . HOH E 5 .   ? -13.162 -1.144  10.271  1.00 27.45 ? 368 HOH A O     1 
HETATM 1471 O  O     . HOH E 5 .   ? -10.750 -2.714  12.074  1.00 33.02 ? 369 HOH A O     1 
HETATM 1472 O  O     . HOH E 5 .   ? 0.746   -18.413 9.129   1.00 23.93 ? 370 HOH A O     1 
HETATM 1473 O  O     . HOH E 5 .   ? -14.860 -11.565 9.916   1.00 27.07 ? 371 HOH A O     1 
HETATM 1474 O  O     . HOH E 5 .   ? -9.422  -3.762  -12.959 1.00 24.16 ? 372 HOH A O     1 
HETATM 1475 O  O     . HOH E 5 .   ? -3.821  12.899  11.979  1.00 36.54 ? 373 HOH A O     1 
HETATM 1476 O  O     . HOH E 5 .   ? 17.689  3.634   7.668   1.00 28.43 ? 374 HOH A O     1 
HETATM 1477 O  O     . HOH E 5 .   ? -8.264  8.244   7.370   1.00 23.82 ? 375 HOH A O     1 
HETATM 1478 O  O     . HOH E 5 .   ? 9.157   -15.451 -3.838  1.00 24.34 ? 376 HOH A O     1 
HETATM 1479 O  O     . HOH E 5 .   ? 6.058   14.172  -0.156  1.00 22.19 ? 377 HOH A O     1 
HETATM 1480 O  O     . HOH E 5 .   ? -11.408 -17.114 9.383   1.00 14.87 ? 378 HOH A O     1 
HETATM 1481 O  O     . HOH E 5 .   ? -12.145 1.390   4.550   1.00 25.87 ? 379 HOH A O     1 
HETATM 1482 O  O     . HOH E 5 .   ? 12.165  8.181   1.135   1.00 25.38 ? 380 HOH A O     1 
HETATM 1483 O  O     . HOH E 5 .   ? 15.157  -3.878  -13.309 1.00 36.63 ? 381 HOH A O     1 
HETATM 1484 O  O     . HOH E 5 .   ? -3.162  -1.146  16.007  1.00 30.87 ? 382 HOH A O     1 
HETATM 1485 O  O     . HOH E 5 .   ? -8.796  -15.326 3.902   1.00 21.16 ? 383 HOH A O     1 
HETATM 1486 O  O     . HOH E 5 .   ? -8.978  -0.871  13.387  1.00 27.49 ? 384 HOH A O     1 
HETATM 1487 O  O     . HOH E 5 .   ? 13.546  8.691   4.329   1.00 43.24 ? 385 HOH A O     1 
HETATM 1488 O  O     . HOH E 5 .   ? -15.416 -7.304  6.997   1.00 25.98 ? 386 HOH A O     1 
HETATM 1489 O  O     . HOH E 5 .   ? -0.432  -15.845 1.367   1.00 30.97 ? 387 HOH A O     1 
HETATM 1490 O  O     . HOH E 5 .   ? -14.027 -8.730  3.368   1.00 22.43 ? 388 HOH A O     1 
HETATM 1491 O  O     . HOH E 5 .   ? -6.534  17.921  -6.715  1.00 34.96 ? 389 HOH A O     1 
HETATM 1492 O  O     . HOH E 5 .   ? 13.638  -7.999  -0.124  1.00 31.80 ? 390 HOH A O     1 
HETATM 1493 O  O     . HOH E 5 .   ? 4.925   -16.699 -6.274  1.00 27.60 ? 391 HOH A O     1 
HETATM 1494 O  O     . HOH E 5 .   ? 11.903  -9.477  2.037   1.00 26.15 ? 392 HOH A O     1 
HETATM 1495 O  O     . HOH E 5 .   ? 22.662  -13.830 -10.306 1.00 33.10 ? 393 HOH A O     1 
HETATM 1496 O  O     . HOH E 5 .   ? 15.058  -10.036 -15.108 1.00 24.63 ? 394 HOH A O     1 
HETATM 1497 O  O     . HOH E 5 .   ? 6.781   -7.994  13.806  1.00 30.41 ? 395 HOH A O     1 
HETATM 1498 O  O     . HOH E 5 .   ? 0.782   -15.396 -2.448  1.00 26.71 ? 396 HOH A O     1 
HETATM 1499 O  O     . HOH E 5 .   ? -7.592  -4.901  -10.607 1.00 28.82 ? 397 HOH A O     1 
HETATM 1500 O  O     . HOH E 5 .   ? 1.961   7.092   -14.342 1.00 26.89 ? 398 HOH A O     1 
HETATM 1501 O  O     . HOH E 5 .   ? -11.459 0.038   -13.882 1.00 34.77 ? 399 HOH A O     1 
HETATM 1502 O  O     . HOH E 5 .   ? 10.121  -2.346  -9.738  1.00 32.31 ? 400 HOH A O     1 
HETATM 1503 O  O     . HOH E 5 .   ? -4.749  19.418  3.858   1.00 22.88 ? 401 HOH A O     1 
HETATM 1504 O  O     . HOH E 5 .   ? -6.259  -4.225  15.546  1.00 37.51 ? 402 HOH A O     1 
HETATM 1505 O  O     . HOH E 5 .   ? -8.368  -3.444  -8.253  1.00 25.97 ? 403 HOH A O     1 
HETATM 1506 O  O     . HOH E 5 .   ? -16.389 -6.208  -3.606  1.00 22.36 ? 404 HOH A O     1 
HETATM 1507 O  O     . HOH E 5 .   ? 5.838   -15.765 5.503   1.00 28.11 ? 405 HOH A O     1 
HETATM 1508 O  O     . HOH E 5 .   ? -2.560  -3.457  13.180  1.00 33.76 ? 406 HOH A O     1 
HETATM 1509 O  O     . HOH E 5 .   ? -11.217 -2.998  -8.751  1.00 30.67 ? 407 HOH A O     1 
HETATM 1510 O  O     . HOH E 5 .   ? -9.099  -14.019 16.878  1.00 27.05 ? 408 HOH A O     1 
HETATM 1511 O  O     . HOH E 5 .   ? -11.710 -12.546 -10.258 1.00 35.96 ? 409 HOH A O     1 
HETATM 1512 O  O     . HOH E 5 .   ? 12.945  -5.554  -17.682 1.00 31.25 ? 410 HOH A O     1 
HETATM 1513 O  O     . HOH E 5 .   ? -14.855 -12.388 6.115   1.00 23.21 ? 411 HOH A O     1 
HETATM 1514 O  O     . HOH E 5 .   ? -11.007 15.128  3.350   1.00 25.60 ? 412 HOH A O     1 
HETATM 1515 O  O     . HOH E 5 .   ? -14.976 -4.386  10.048  1.00 32.15 ? 413 HOH A O     1 
HETATM 1516 O  O     . HOH E 5 .   ? 6.851   16.295  2.604   1.00 28.15 ? 414 HOH A O     1 
HETATM 1517 O  O     . HOH E 5 .   ? -13.104 7.158   -2.955  1.00 16.83 ? 415 HOH A O     1 
HETATM 1518 O  O     . HOH E 5 .   ? 4.789   -16.844 -8.882  1.00 23.27 ? 416 HOH A O     1 
HETATM 1519 O  O     . HOH E 5 .   ? -11.071 -16.281 3.006   1.00 21.50 ? 417 HOH A O     1 
HETATM 1520 O  O     . HOH E 5 .   ? -15.359 -11.096 2.242   1.00 22.72 ? 418 HOH A O     1 
HETATM 1521 O  O     . HOH E 5 .   ? -15.958 -0.241  10.570  1.00 19.86 ? 419 HOH A O     1 
HETATM 1522 O  O     . HOH E 5 .   ? -15.598 -4.219  7.014   1.00 29.93 ? 420 HOH A O     1 
HETATM 1523 O  O     . HOH E 5 .   ? -10.822 -15.530 -9.109  1.00 28.05 ? 421 HOH A O     1 
HETATM 1524 O  O     . HOH E 5 .   ? -10.696 -4.195  -6.438  1.00 23.90 ? 422 HOH A O     1 
HETATM 1525 O  O     . HOH E 5 .   ? -4.779  -11.524 -5.393  1.00 23.66 ? 423 HOH A O     1 
HETATM 1526 O  O     . HOH E 5 .   ? -0.554  -13.431 -9.898  1.00 19.68 ? 424 HOH A O     1 
HETATM 1527 O  O     . HOH E 5 .   ? -0.087  -16.231 -9.096  1.00 36.00 ? 425 HOH A O     1 
HETATM 1528 O  O     . HOH E 5 .   ? 1.357   -13.870 -14.185 1.00 23.82 ? 426 HOH A O     1 
HETATM 1529 O  O     . HOH E 5 .   ? 6.269   -10.187 -16.222 1.00 32.40 ? 427 HOH A O     1 
HETATM 1530 O  O     . HOH E 5 .   ? 10.743  -8.667  -15.809 1.00 19.85 ? 428 HOH A O     1 
HETATM 1531 O  O     . HOH E 5 .   ? -14.761 15.339  -1.759  1.00 26.07 ? 429 HOH A O     1 
HETATM 1532 O  O     . HOH E 5 .   ? 6.428   18.050  -5.786  1.00 30.66 ? 430 HOH A O     1 
HETATM 1533 O  O     . HOH E 5 .   ? 6.428   12.316  -1.831  1.00 19.59 ? 431 HOH A O     1 
HETATM 1534 O  O     . HOH E 5 .   ? 9.291   12.982  -2.396  1.00 37.00 ? 432 HOH A O     1 
HETATM 1535 O  O     . HOH E 5 .   ? 2.159   20.202  -7.750  1.00 22.43 ? 433 HOH A O     1 
HETATM 1536 O  O     . HOH E 5 .   ? 1.066   22.307  -7.672  1.00 30.72 ? 434 HOH A O     1 
HETATM 1537 O  O     . HOH E 5 .   ? 3.470   12.597  -14.244 1.00 34.12 ? 435 HOH A O     1 
HETATM 1538 O  O     . HOH E 5 .   ? -3.805  -15.790 19.758  1.00 28.85 ? 436 HOH A O     1 
HETATM 1539 O  O     . HOH E 5 .   ? -12.417 -1.396  5.716   1.00 24.36 ? 437 HOH A O     1 
HETATM 1540 O  O     . HOH E 5 .   ? 19.638  -8.528  -5.024  1.00 21.26 ? 438 HOH A O     1 
HETATM 1541 O  O     . HOH E 5 .   ? 0.787   -24.990 10.705  1.00 27.76 ? 439 HOH A O     1 
HETATM 1542 O  O     . HOH E 5 .   ? 6.942   -14.164 -0.412  1.00 20.46 ? 440 HOH A O     1 
HETATM 1543 O  O     . HOH E 5 .   ? 16.742  -6.588  -15.217 1.00 31.50 ? 441 HOH A O     1 
HETATM 1544 O  O     . HOH E 5 .   ? -6.478  1.121   15.124  1.00 33.49 ? 442 HOH A O     1 
HETATM 1545 O  O     . HOH E 5 .   ? -3.160  -13.405 -11.072 1.00 27.52 ? 443 HOH A O     1 
HETATM 1546 O  O     . HOH E 5 .   ? 7.086   1.715   19.416  1.00 35.22 ? 444 HOH A O     1 
HETATM 1547 O  O     . HOH E 5 .   ? 20.483  -0.345  0.619   1.00 23.08 ? 445 HOH A O     1 
HETATM 1548 O  O     . HOH E 5 .   ? 19.744  -0.357  -1.996  1.00 28.15 ? 446 HOH A O     1 
HETATM 1549 O  O     . HOH E 5 .   ? -16.691 16.534  -3.047  1.00 34.48 ? 447 HOH A O     1 
HETATM 1550 O  O     . HOH E 5 .   ? -16.725 7.418   -12.676 1.00 35.70 ? 448 HOH A O     1 
HETATM 1551 O  O     . HOH E 5 .   ? -8.971  -12.677 19.357  1.00 32.49 ? 449 HOH A O     1 
HETATM 1552 O  O     . HOH E 5 .   ? -12.867 -13.329 7.669   1.00 29.50 ? 450 HOH A O     1 
HETATM 1553 O  O     . HOH E 5 .   ? -10.304 10.856  2.709   1.00 32.43 ? 451 HOH A O     1 
HETATM 1554 O  O     . HOH E 5 .   ? 10.188  -0.582  6.462   1.00 29.90 ? 452 HOH A O     1 
HETATM 1555 O  O     . HOH E 5 .   ? -10.303 14.331  -10.925 1.00 30.66 ? 453 HOH A O     1 
HETATM 1556 O  O     . HOH E 5 .   ? -9.834  10.164  7.535   1.00 34.02 ? 454 HOH A O     1 
HETATM 1557 O  O     . HOH E 5 .   ? -9.495  12.608  6.878   1.00 27.79 ? 455 HOH A O     1 
HETATM 1558 O  O     . HOH E 5 .   ? 7.971   -13.442 2.704   1.00 31.75 ? 456 HOH A O     1 
HETATM 1559 O  O     . HOH E 5 .   ? 11.477  -8.771  8.994   1.00 31.90 ? 457 HOH A O     1 
HETATM 1560 O  O     . HOH E 5 .   ? -12.327 3.471   3.067   1.00 30.98 ? 458 HOH A O     1 
HETATM 1561 O  O     . HOH E 5 .   ? 1.112   7.125   -16.895 1.00 31.72 ? 459 HOH A O     1 
HETATM 1562 O  O     . HOH E 5 .   ? -16.163 2.886   -7.776  1.00 28.52 ? 460 HOH A O     1 
HETATM 1563 O  O     . HOH E 5 .   ? 4.330   21.006  4.345   1.00 29.10 ? 461 HOH A O     1 
HETATM 1564 O  O     . HOH E 5 .   ? -19.155 -16.512 -5.149  1.00 31.08 ? 462 HOH A O     1 
# 
loop_
_pdbx_poly_seq_scheme.asym_id 
_pdbx_poly_seq_scheme.entity_id 
_pdbx_poly_seq_scheme.seq_id 
_pdbx_poly_seq_scheme.mon_id 
_pdbx_poly_seq_scheme.ndb_seq_num 
_pdbx_poly_seq_scheme.pdb_seq_num 
_pdbx_poly_seq_scheme.auth_seq_num 
_pdbx_poly_seq_scheme.pdb_mon_id 
_pdbx_poly_seq_scheme.auth_mon_id 
_pdbx_poly_seq_scheme.pdb_strand_id 
_pdbx_poly_seq_scheme.pdb_ins_code 
_pdbx_poly_seq_scheme.hetero 
A 1 1   GLY 1   0   0   GLY GLY A . n 
A 1 2   MET 2   1   1   MET MET A . n 
A 1 3   THR 3   2   2   THR THR A . n 
A 1 4   GLU 4   3   3   GLU GLU A . n 
A 1 5   TYR 5   4   4   TYR TYR A . n 
A 1 6   LYS 6   5   5   LYS LYS A . n 
A 1 7   LEU 7   6   6   LEU LEU A . n 
A 1 8   VAL 8   7   7   VAL VAL A . n 
A 1 9   VAL 9   8   8   VAL VAL A . n 
A 1 10  VAL 10  9   9   VAL VAL A . n 
A 1 11  GLY 11  10  10  GLY GLY A . n 
A 1 12  ALA 12  11  11  ALA ALA A . n 
A 1 13  GLY 13  12  12  GLY GLY A . n 
A 1 14  GLY 14  13  13  GLY GLY A . n 
A 1 15  VAL 15  14  14  VAL VAL A . n 
A 1 16  GLY 16  15  15  GLY GLY A . n 
A 1 17  LYS 17  16  16  LYS LYS A . n 
A 1 18  SER 18  17  17  SER SER A . n 
A 1 19  ALA 19  18  18  ALA ALA A . n 
A 1 20  LEU 20  19  19  LEU LEU A . n 
A 1 21  THR 21  20  20  THR THR A . n 
A 1 22  ILE 22  21  21  ILE ILE A . n 
A 1 23  GLN 23  22  22  GLN GLN A . n 
A 1 24  LEU 24  23  23  LEU LEU A . n 
A 1 25  ILE 25  24  24  ILE ILE A . n 
A 1 26  GLN 26  25  25  GLN GLN A . n 
A 1 27  ASN 27  26  26  ASN ASN A . n 
A 1 28  HIS 28  27  27  HIS HIS A . n 
A 1 29  PHE 29  28  28  PHE PHE A . n 
A 1 30  VAL 30  29  29  VAL VAL A . n 
A 1 31  ASP 31  30  30  ASP ASP A . n 
A 1 32  GLU 32  31  31  GLU GLU A . n 
A 1 33  TYR 33  32  32  TYR TYR A . n 
A 1 34  ASP 34  33  33  ASP ASP A . n 
A 1 35  PRO 35  34  34  PRO PRO A . n 
A 1 36  THR 36  35  35  THR THR A . n 
A 1 37  ILE 37  36  36  ILE ILE A . n 
A 1 38  GLU 38  37  37  GLU GLU A . n 
A 1 39  ASP 39  38  38  ASP ASP A . n 
A 1 40  SER 40  39  39  SER SER A . n 
A 1 41  TYR 41  40  40  TYR TYR A . n 
A 1 42  ARG 42  41  41  ARG ARG A . n 
A 1 43  LYS 43  42  42  LYS LYS A . n 
A 1 44  GLN 44  43  43  GLN GLN A . n 
A 1 45  VAL 45  44  44  VAL VAL A . n 
A 1 46  VAL 46  45  45  VAL VAL A . n 
A 1 47  ILE 47  46  46  ILE ILE A . n 
A 1 48  ASP 48  47  47  ASP ASP A . n 
A 1 49  GLY 49  48  48  GLY GLY A . n 
A 1 50  GLU 50  49  49  GLU GLU A . n 
A 1 51  THR 51  50  50  THR THR A . n 
A 1 52  CYS 52  51  51  CYS CYS A . n 
A 1 53  LEU 53  52  52  LEU LEU A . n 
A 1 54  LEU 54  53  53  LEU LEU A . n 
A 1 55  ASP 55  54  54  ASP ASP A . n 
A 1 56  ILE 56  55  55  ILE ILE A . n 
A 1 57  LEU 57  56  56  LEU LEU A . n 
A 1 58  ASP 58  57  57  ASP ASP A . n 
A 1 59  THR 59  58  58  THR THR A . n 
A 1 60  ALA 60  59  59  ALA ALA A . n 
A 1 61  GLY 61  60  60  GLY GLY A . n 
A 1 62  GLN 62  61  61  GLN GLN A . n 
A 1 63  GLU 63  62  62  GLU GLU A . n 
A 1 64  GLU 64  63  63  GLU GLU A . n 
A 1 65  TYR 65  64  64  TYR TYR A . n 
A 1 66  SER 66  65  65  SER SER A . n 
A 1 67  ALA 67  66  66  ALA ALA A . n 
A 1 68  MET 68  67  67  MET MET A . n 
A 1 69  ARG 69  68  68  ARG ARG A . n 
A 1 70  ASP 70  69  69  ASP ASP A . n 
A 1 71  GLN 71  70  70  GLN GLN A . n 
A 1 72  TYR 72  71  71  TYR TYR A . n 
A 1 73  MET 73  72  72  MET MET A . n 
A 1 74  ARG 74  73  73  ARG ARG A . n 
A 1 75  THR 75  74  74  THR THR A . n 
A 1 76  GLY 76  75  75  GLY GLY A . n 
A 1 77  GLU 77  76  76  GLU GLU A . n 
A 1 78  GLY 78  77  77  GLY GLY A . n 
A 1 79  PHE 79  78  78  PHE PHE A . n 
A 1 80  LEU 80  79  79  LEU LEU A . n 
A 1 81  CYS 81  80  80  CYS CYS A . n 
A 1 82  VAL 82  81  81  VAL VAL A . n 
A 1 83  PHE 83  82  82  PHE PHE A . n 
A 1 84  ALA 84  83  83  ALA ALA A . n 
A 1 85  ILE 85  84  84  ILE ILE A . n 
A 1 86  ASN 86  85  85  ASN ASN A . n 
A 1 87  ASN 87  86  86  ASN ASN A . n 
A 1 88  THR 88  87  87  THR THR A . n 
A 1 89  LYS 89  88  88  LYS LYS A . n 
A 1 90  SER 90  89  89  SER SER A . n 
A 1 91  PHE 91  90  90  PHE PHE A . n 
A 1 92  GLU 92  91  91  GLU GLU A . n 
A 1 93  ASP 93  92  92  ASP ASP A . n 
A 1 94  ILE 94  93  93  ILE ILE A . n 
A 1 95  HIS 95  94  94  HIS HIS A . n 
A 1 96  HIS 96  95  95  HIS HIS A . n 
A 1 97  TYR 97  96  96  TYR TYR A . n 
A 1 98  ARG 98  97  97  ARG ARG A . n 
A 1 99  GLU 99  98  98  GLU GLU A . n 
A 1 100 GLN 100 99  99  GLN GLN A . n 
A 1 101 ILE 101 100 100 ILE ILE A . n 
A 1 102 LYS 102 101 101 LYS LYS A . n 
A 1 103 ARG 103 102 102 ARG ARG A . n 
A 1 104 VAL 104 103 103 VAL VAL A . n 
A 1 105 LYS 105 104 104 LYS LYS A . n 
A 1 106 ASP 106 105 105 ASP ASP A . n 
A 1 107 SER 107 106 106 SER SER A . n 
A 1 108 GLU 108 107 107 GLU GLU A . n 
A 1 109 ASP 109 108 108 ASP ASP A . n 
A 1 110 VAL 110 109 109 VAL VAL A . n 
A 1 111 PRO 111 110 110 PRO PRO A . n 
A 1 112 MET 112 111 111 MET MET A . n 
A 1 113 VAL 113 112 112 VAL VAL A . n 
A 1 114 LEU 114 113 113 LEU LEU A . n 
A 1 115 VAL 115 114 114 VAL VAL A . n 
A 1 116 GLY 116 115 115 GLY GLY A . n 
A 1 117 ASN 117 116 116 ASN ASN A . n 
A 1 118 LYS 118 117 117 LYS LYS A . n 
A 1 119 SER 119 118 118 SER SER A . n 
A 1 120 ASP 120 119 119 ASP ASP A . n 
A 1 121 LEU 121 120 120 LEU LEU A . n 
A 1 122 PRO 122 121 121 PRO PRO A . n 
A 1 123 SER 123 122 122 SER SER A . n 
A 1 124 ARG 124 123 123 ARG ARG A . n 
A 1 125 THR 125 124 124 THR THR A . n 
A 1 126 VAL 126 125 125 VAL VAL A . n 
A 1 127 ASP 127 126 126 ASP ASP A . n 
A 1 128 THR 128 127 127 THR THR A . n 
A 1 129 LYS 129 128 128 LYS LYS A . n 
A 1 130 GLN 130 129 129 GLN GLN A . n 
A 1 131 ALA 131 130 130 ALA ALA A . n 
A 1 132 GLN 132 131 131 GLN GLN A . n 
A 1 133 ASP 133 132 132 ASP ASP A . n 
A 1 134 LEU 134 133 133 LEU LEU A . n 
A 1 135 ALA 135 134 134 ALA ALA A . n 
A 1 136 ARG 136 135 135 ARG ARG A . n 
A 1 137 SER 137 136 136 SER SER A . n 
A 1 138 TYR 138 137 137 TYR TYR A . n 
A 1 139 GLY 139 138 138 GLY GLY A . n 
A 1 140 ILE 140 139 139 ILE ILE A . n 
A 1 141 PRO 141 140 140 PRO PRO A . n 
A 1 142 PHE 142 141 141 PHE PHE A . n 
A 1 143 ILE 143 142 142 ILE ILE A . n 
A 1 144 GLU 144 143 143 GLU GLU A . n 
A 1 145 THR 145 144 144 THR THR A . n 
A 1 146 SER 146 145 145 SER SER A . n 
A 1 147 ALA 147 146 146 ALA ALA A . n 
A 1 148 LYS 148 147 147 LYS LYS A . n 
A 1 149 THR 149 148 148 THR THR A . n 
A 1 150 ARG 150 149 149 ARG ARG A . n 
A 1 151 GLN 151 150 150 GLN GLN A . n 
A 1 152 GLY 152 151 151 GLY GLY A . n 
A 1 153 VAL 153 152 152 VAL VAL A . n 
A 1 154 ASP 154 153 153 ASP ASP A . n 
A 1 155 ASP 155 154 154 ASP ASP A . n 
A 1 156 ALA 156 155 155 ALA ALA A . n 
A 1 157 PHE 157 156 156 PHE PHE A . n 
A 1 158 TYR 158 157 157 TYR TYR A . n 
A 1 159 THR 159 158 158 THR THR A . n 
A 1 160 LEU 160 159 159 LEU LEU A . n 
A 1 161 VAL 161 160 160 VAL VAL A . n 
A 1 162 ARG 162 161 161 ARG ARG A . n 
A 1 163 GLU 163 162 162 GLU GLU A . n 
A 1 164 ILE 164 163 163 ILE ILE A . n 
A 1 165 ARG 165 164 164 ARG ARG A . n 
A 1 166 LYS 166 165 165 LYS LYS A . n 
A 1 167 HIS 167 166 166 HIS HIS A . n 
A 1 168 LYS 168 167 167 LYS LYS A . n 
A 1 169 GLU 169 168 168 GLU GLU A . n 
A 1 170 LYS 170 169 169 LYS LYS A . n 
# 
loop_
_pdbx_nonpoly_scheme.asym_id 
_pdbx_nonpoly_scheme.entity_id 
_pdbx_nonpoly_scheme.mon_id 
_pdbx_nonpoly_scheme.ndb_seq_num 
_pdbx_nonpoly_scheme.pdb_seq_num 
_pdbx_nonpoly_scheme.auth_seq_num 
_pdbx_nonpoly_scheme.pdb_mon_id 
_pdbx_nonpoly_scheme.auth_mon_id 
_pdbx_nonpoly_scheme.pdb_strand_id 
_pdbx_nonpoly_scheme.pdb_ins_code 
B 2 GDP 1   201 201 GDP GDP A . 
C 3 MG  1   202 301 MG  MG  A . 
D 4 0QV 1   203 401 0QV JPB A . 
E 5 HOH 1   301 1   HOH HOH A . 
E 5 HOH 2   302 2   HOH HOH A . 
E 5 HOH 3   303 3   HOH HOH A . 
E 5 HOH 4   304 4   HOH HOH A . 
E 5 HOH 5   305 5   HOH HOH A . 
E 5 HOH 6   306 6   HOH HOH A . 
E 5 HOH 7   307 7   HOH HOH A . 
E 5 HOH 8   308 8   HOH HOH A . 
E 5 HOH 9   309 9   HOH HOH A . 
E 5 HOH 10  310 10  HOH HOH A . 
E 5 HOH 11  311 11  HOH HOH A . 
E 5 HOH 12  312 12  HOH HOH A . 
E 5 HOH 13  313 13  HOH HOH A . 
E 5 HOH 14  314 14  HOH HOH A . 
E 5 HOH 15  315 15  HOH HOH A . 
E 5 HOH 16  316 16  HOH HOH A . 
E 5 HOH 17  317 17  HOH HOH A . 
E 5 HOH 18  318 18  HOH HOH A . 
E 5 HOH 19  319 19  HOH HOH A . 
E 5 HOH 20  320 20  HOH HOH A . 
E 5 HOH 21  321 21  HOH HOH A . 
E 5 HOH 22  322 22  HOH HOH A . 
E 5 HOH 23  323 23  HOH HOH A . 
E 5 HOH 24  324 24  HOH HOH A . 
E 5 HOH 25  325 25  HOH HOH A . 
E 5 HOH 26  326 26  HOH HOH A . 
E 5 HOH 27  327 27  HOH HOH A . 
E 5 HOH 28  328 28  HOH HOH A . 
E 5 HOH 29  329 29  HOH HOH A . 
E 5 HOH 30  330 30  HOH HOH A . 
E 5 HOH 31  331 31  HOH HOH A . 
E 5 HOH 32  332 32  HOH HOH A . 
E 5 HOH 33  333 33  HOH HOH A . 
E 5 HOH 34  334 34  HOH HOH A . 
E 5 HOH 35  335 35  HOH HOH A . 
E 5 HOH 36  336 36  HOH HOH A . 
E 5 HOH 37  337 37  HOH HOH A . 
E 5 HOH 38  338 38  HOH HOH A . 
E 5 HOH 39  339 39  HOH HOH A . 
E 5 HOH 40  340 40  HOH HOH A . 
E 5 HOH 41  341 41  HOH HOH A . 
E 5 HOH 42  342 42  HOH HOH A . 
E 5 HOH 43  343 43  HOH HOH A . 
E 5 HOH 44  344 44  HOH HOH A . 
E 5 HOH 45  345 45  HOH HOH A . 
E 5 HOH 46  346 46  HOH HOH A . 
E 5 HOH 47  347 47  HOH HOH A . 
E 5 HOH 48  348 48  HOH HOH A . 
E 5 HOH 49  349 49  HOH HOH A . 
E 5 HOH 50  350 50  HOH HOH A . 
E 5 HOH 51  351 51  HOH HOH A . 
E 5 HOH 52  352 52  HOH HOH A . 
E 5 HOH 53  353 53  HOH HOH A . 
E 5 HOH 54  354 54  HOH HOH A . 
E 5 HOH 55  355 55  HOH HOH A . 
E 5 HOH 56  356 56  HOH HOH A . 
E 5 HOH 57  357 57  HOH HOH A . 
E 5 HOH 58  358 58  HOH HOH A . 
E 5 HOH 59  359 59  HOH HOH A . 
E 5 HOH 60  360 60  HOH HOH A . 
E 5 HOH 61  361 61  HOH HOH A . 
E 5 HOH 62  362 62  HOH HOH A . 
E 5 HOH 63  363 63  HOH HOH A . 
E 5 HOH 64  364 64  HOH HOH A . 
E 5 HOH 65  365 65  HOH HOH A . 
E 5 HOH 66  366 66  HOH HOH A . 
E 5 HOH 67  367 67  HOH HOH A . 
E 5 HOH 68  368 68  HOH HOH A . 
E 5 HOH 69  369 69  HOH HOH A . 
E 5 HOH 70  370 70  HOH HOH A . 
E 5 HOH 71  371 71  HOH HOH A . 
E 5 HOH 72  372 72  HOH HOH A . 
E 5 HOH 73  373 73  HOH HOH A . 
E 5 HOH 74  374 74  HOH HOH A . 
E 5 HOH 75  375 75  HOH HOH A . 
E 5 HOH 76  376 76  HOH HOH A . 
E 5 HOH 77  377 77  HOH HOH A . 
E 5 HOH 78  378 78  HOH HOH A . 
E 5 HOH 79  379 79  HOH HOH A . 
E 5 HOH 80  380 80  HOH HOH A . 
E 5 HOH 81  381 81  HOH HOH A . 
E 5 HOH 82  382 82  HOH HOH A . 
E 5 HOH 83  383 83  HOH HOH A . 
E 5 HOH 84  384 84  HOH HOH A . 
E 5 HOH 85  385 85  HOH HOH A . 
E 5 HOH 86  386 86  HOH HOH A . 
E 5 HOH 87  387 87  HOH HOH A . 
E 5 HOH 88  388 88  HOH HOH A . 
E 5 HOH 89  389 89  HOH HOH A . 
E 5 HOH 90  390 90  HOH HOH A . 
E 5 HOH 91  391 91  HOH HOH A . 
E 5 HOH 92  392 92  HOH HOH A . 
E 5 HOH 93  393 93  HOH HOH A . 
E 5 HOH 94  394 94  HOH HOH A . 
E 5 HOH 95  395 95  HOH HOH A . 
E 5 HOH 96  396 96  HOH HOH A . 
E 5 HOH 97  397 97  HOH HOH A . 
E 5 HOH 98  398 98  HOH HOH A . 
E 5 HOH 99  399 99  HOH HOH A . 
E 5 HOH 100 400 100 HOH HOH A . 
E 5 HOH 101 401 101 HOH HOH A . 
E 5 HOH 102 402 102 HOH HOH A . 
E 5 HOH 103 403 103 HOH HOH A . 
E 5 HOH 104 404 104 HOH HOH A . 
E 5 HOH 105 405 105 HOH HOH A . 
E 5 HOH 106 406 106 HOH HOH A . 
E 5 HOH 107 407 107 HOH HOH A . 
E 5 HOH 108 408 108 HOH HOH A . 
E 5 HOH 109 409 109 HOH HOH A . 
E 5 HOH 110 410 110 HOH HOH A . 
E 5 HOH 111 411 111 HOH HOH A . 
E 5 HOH 112 412 112 HOH HOH A . 
E 5 HOH 113 413 113 HOH HOH A . 
E 5 HOH 114 414 114 HOH HOH A . 
E 5 HOH 115 415 115 HOH HOH A . 
E 5 HOH 116 416 116 HOH HOH A . 
E 5 HOH 117 417 117 HOH HOH A . 
E 5 HOH 118 418 118 HOH HOH A . 
E 5 HOH 119 419 119 HOH HOH A . 
E 5 HOH 120 420 120 HOH HOH A . 
E 5 HOH 121 421 121 HOH HOH A . 
E 5 HOH 122 422 122 HOH HOH A . 
E 5 HOH 123 423 123 HOH HOH A . 
E 5 HOH 124 424 124 HOH HOH A . 
E 5 HOH 125 425 125 HOH HOH A . 
E 5 HOH 126 426 126 HOH HOH A . 
E 5 HOH 127 427 127 HOH HOH A . 
E 5 HOH 128 428 128 HOH HOH A . 
E 5 HOH 129 429 129 HOH HOH A . 
E 5 HOH 130 430 130 HOH HOH A . 
E 5 HOH 131 431 131 HOH HOH A . 
E 5 HOH 132 432 132 HOH HOH A . 
E 5 HOH 133 433 133 HOH HOH A . 
E 5 HOH 134 434 134 HOH HOH A . 
E 5 HOH 135 435 135 HOH HOH A . 
E 5 HOH 136 436 136 HOH HOH A . 
E 5 HOH 137 437 137 HOH HOH A . 
E 5 HOH 138 438 138 HOH HOH A . 
E 5 HOH 139 439 139 HOH HOH A . 
E 5 HOH 140 440 140 HOH HOH A . 
E 5 HOH 141 441 141 HOH HOH A . 
E 5 HOH 142 442 142 HOH HOH A . 
E 5 HOH 143 443 143 HOH HOH A . 
E 5 HOH 144 444 144 HOH HOH A . 
E 5 HOH 145 445 145 HOH HOH A . 
E 5 HOH 146 446 146 HOH HOH A . 
E 5 HOH 147 447 147 HOH HOH A . 
E 5 HOH 148 448 148 HOH HOH A . 
E 5 HOH 149 449 149 HOH HOH A . 
E 5 HOH 150 450 150 HOH HOH A . 
E 5 HOH 151 451 151 HOH HOH A . 
E 5 HOH 152 452 152 HOH HOH A . 
E 5 HOH 153 453 153 HOH HOH A . 
E 5 HOH 154 454 154 HOH HOH A . 
E 5 HOH 155 455 155 HOH HOH A . 
E 5 HOH 156 456 156 HOH HOH A . 
E 5 HOH 157 457 157 HOH HOH A . 
E 5 HOH 158 458 158 HOH HOH A . 
E 5 HOH 159 459 159 HOH HOH A . 
E 5 HOH 160 460 160 HOH HOH A . 
E 5 HOH 161 461 161 HOH HOH A . 
E 5 HOH 162 462 162 HOH HOH A . 
# 
_pdbx_struct_assembly.id                   1 
_pdbx_struct_assembly.details              author_and_software_defined_assembly 
_pdbx_struct_assembly.method_details       PISA 
_pdbx_struct_assembly.oligomeric_details   monomeric 
_pdbx_struct_assembly.oligomeric_count     1 
# 
_pdbx_struct_assembly_gen.assembly_id       1 
_pdbx_struct_assembly_gen.oper_expression   1 
_pdbx_struct_assembly_gen.asym_id_list      A,B,C,D,E 
# 
_pdbx_struct_oper_list.id                   1 
_pdbx_struct_oper_list.type                 'identity operation' 
_pdbx_struct_oper_list.name                 1_555 
_pdbx_struct_oper_list.symmetry_operation   x,y,z 
_pdbx_struct_oper_list.matrix[1][1]         1.0000000000 
_pdbx_struct_oper_list.matrix[1][2]         0.0000000000 
_pdbx_struct_oper_list.matrix[1][3]         0.0000000000 
_pdbx_struct_oper_list.vector[1]            0.0000000000 
_pdbx_struct_oper_list.matrix[2][1]         0.0000000000 
_pdbx_struct_oper_list.matrix[2][2]         1.0000000000 
_pdbx_struct_oper_list.matrix[2][3]         0.0000000000 
_pdbx_struct_oper_list.vector[2]            0.0000000000 
_pdbx_struct_oper_list.matrix[3][1]         0.0000000000 
_pdbx_struct_oper_list.matrix[3][2]         0.0000000000 
_pdbx_struct_oper_list.matrix[3][3]         1.0000000000 
_pdbx_struct_oper_list.vector[3]            0.0000000000 
# 
loop_
_pdbx_struct_conn_angle.id 
_pdbx_struct_conn_angle.ptnr1_label_atom_id 
_pdbx_struct_conn_angle.ptnr1_label_alt_id 
_pdbx_struct_conn_angle.ptnr1_label_asym_id 
_pdbx_struct_conn_angle.ptnr1_label_comp_id 
_pdbx_struct_conn_angle.ptnr1_label_seq_id 
_pdbx_struct_conn_angle.ptnr1_auth_atom_id 
_pdbx_struct_conn_angle.ptnr1_auth_asym_id 
_pdbx_struct_conn_angle.ptnr1_auth_comp_id 
_pdbx_struct_conn_angle.ptnr1_auth_seq_id 
_pdbx_struct_conn_angle.ptnr1_PDB_ins_code 
_pdbx_struct_conn_angle.ptnr1_symmetry 
_pdbx_struct_conn_angle.ptnr2_label_atom_id 
_pdbx_struct_conn_angle.ptnr2_label_alt_id 
_pdbx_struct_conn_angle.ptnr2_label_asym_id 
_pdbx_struct_conn_angle.ptnr2_label_comp_id 
_pdbx_struct_conn_angle.ptnr2_label_seq_id 
_pdbx_struct_conn_angle.ptnr2_auth_atom_id 
_pdbx_struct_conn_angle.ptnr2_auth_asym_id 
_pdbx_struct_conn_angle.ptnr2_auth_comp_id 
_pdbx_struct_conn_angle.ptnr2_auth_seq_id 
_pdbx_struct_conn_angle.ptnr2_PDB_ins_code 
_pdbx_struct_conn_angle.ptnr2_symmetry 
_pdbx_struct_conn_angle.ptnr3_label_atom_id 
_pdbx_struct_conn_angle.ptnr3_label_alt_id 
_pdbx_struct_conn_angle.ptnr3_label_asym_id 
_pdbx_struct_conn_angle.ptnr3_label_comp_id 
_pdbx_struct_conn_angle.ptnr3_label_seq_id 
_pdbx_struct_conn_angle.ptnr3_auth_atom_id 
_pdbx_struct_conn_angle.ptnr3_auth_asym_id 
_pdbx_struct_conn_angle.ptnr3_auth_comp_id 
_pdbx_struct_conn_angle.ptnr3_auth_seq_id 
_pdbx_struct_conn_angle.ptnr3_PDB_ins_code 
_pdbx_struct_conn_angle.ptnr3_symmetry 
_pdbx_struct_conn_angle.value 
_pdbx_struct_conn_angle.value_esd 
1  OG  ? A SER 18 ? A SER 17  ? 1_555 MG ? C MG . ? A MG 202 ? 1_555 O2B ? B GDP . ? A GDP 201 ? 1_555 91.9  ? 
2  OG  ? A SER 18 ? A SER 17  ? 1_555 MG ? C MG . ? A MG 202 ? 1_555 O   ? E HOH . ? A HOH 313 ? 1_555 90.4  ? 
3  O2B ? B GDP .  ? A GDP 201 ? 1_555 MG ? C MG . ? A MG 202 ? 1_555 O   ? E HOH . ? A HOH 313 ? 1_555 169.3 ? 
4  OG  ? A SER 18 ? A SER 17  ? 1_555 MG ? C MG . ? A MG 202 ? 1_555 O   ? E HOH . ? A HOH 315 ? 1_555 86.7  ? 
5  O2B ? B GDP .  ? A GDP 201 ? 1_555 MG ? C MG . ? A MG 202 ? 1_555 O   ? E HOH . ? A HOH 315 ? 1_555 94.5  ? 
6  O   ? E HOH .  ? A HOH 313 ? 1_555 MG ? C MG . ? A MG 202 ? 1_555 O   ? E HOH . ? A HOH 315 ? 1_555 96.1  ? 
7  OG  ? A SER 18 ? A SER 17  ? 1_555 MG ? C MG . ? A MG 202 ? 1_555 O   ? E HOH . ? A HOH 326 ? 1_555 86.6  ? 
8  O2B ? B GDP .  ? A GDP 201 ? 1_555 MG ? C MG . ? A MG 202 ? 1_555 O   ? E HOH . ? A HOH 326 ? 1_555 87.5  ? 
9  O   ? E HOH .  ? A HOH 313 ? 1_555 MG ? C MG . ? A MG 202 ? 1_555 O   ? E HOH . ? A HOH 326 ? 1_555 82.1  ? 
10 O   ? E HOH .  ? A HOH 315 ? 1_555 MG ? C MG . ? A MG 202 ? 1_555 O   ? E HOH . ? A HOH 326 ? 1_555 173.1 ? 
11 OG  ? A SER 18 ? A SER 17  ? 1_555 MG ? C MG . ? A MG 202 ? 1_555 O   ? E HOH . ? A HOH 332 ? 1_555 176.5 ? 
12 O2B ? B GDP .  ? A GDP 201 ? 1_555 MG ? C MG . ? A MG 202 ? 1_555 O   ? E HOH . ? A HOH 332 ? 1_555 89.5  ? 
13 O   ? E HOH .  ? A HOH 313 ? 1_555 MG ? C MG . ? A MG 202 ? 1_555 O   ? E HOH . ? A HOH 332 ? 1_555 88.9  ? 
14 O   ? E HOH .  ? A HOH 315 ? 1_555 MG ? C MG . ? A MG 202 ? 1_555 O   ? E HOH . ? A HOH 332 ? 1_555 90.0  ? 
15 O   ? E HOH .  ? A HOH 326 ? 1_555 MG ? C MG . ? A MG 202 ? 1_555 O   ? E HOH . ? A HOH 332 ? 1_555 96.7  ? 
# 
loop_
_pdbx_audit_revision_history.ordinal 
_pdbx_audit_revision_history.data_content_type 
_pdbx_audit_revision_history.major_revision 
_pdbx_audit_revision_history.minor_revision 
_pdbx_audit_revision_history.revision_date 
1 'Structure model' 1 0 2012-05-23 
2 'Structure model' 1 1 2012-07-25 
3 'Structure model' 1 2 2023-09-13 
# 
_pdbx_audit_revision_details.ordinal             1 
_pdbx_audit_revision_details.revision_ordinal    1 
_pdbx_audit_revision_details.data_content_type   'Structure model' 
_pdbx_audit_revision_details.provider            repository 
_pdbx_audit_revision_details.type                'Initial release' 
_pdbx_audit_revision_details.description         ? 
_pdbx_audit_revision_details.details             ? 
# 
loop_
_pdbx_audit_revision_group.ordinal 
_pdbx_audit_revision_group.revision_ordinal 
_pdbx_audit_revision_group.data_content_type 
_pdbx_audit_revision_group.group 
1 2 'Structure model' 'Database references'    
2 3 'Structure model' 'Data collection'        
3 3 'Structure model' 'Database references'    
4 3 'Structure model' 'Derived calculations'   
5 3 'Structure model' 'Refinement description' 
# 
loop_
_pdbx_audit_revision_category.ordinal 
_pdbx_audit_revision_category.revision_ordinal 
_pdbx_audit_revision_category.data_content_type 
_pdbx_audit_revision_category.category 
1 3 'Structure model' chem_comp_atom                
2 3 'Structure model' chem_comp_bond                
3 3 'Structure model' database_2                    
4 3 'Structure model' pdbx_initial_refinement_model 
5 3 'Structure model' pdbx_struct_conn_angle        
6 3 'Structure model' struct_conn                   
7 3 'Structure model' struct_ref_seq_dif            
8 3 'Structure model' struct_site                   
# 
loop_
_pdbx_audit_revision_item.ordinal 
_pdbx_audit_revision_item.revision_ordinal 
_pdbx_audit_revision_item.data_content_type 
_pdbx_audit_revision_item.item 
1  3 'Structure model' '_database_2.pdbx_DOI'                        
2  3 'Structure model' '_database_2.pdbx_database_accession'         
3  3 'Structure model' '_pdbx_struct_conn_angle.ptnr1_auth_comp_id'  
4  3 'Structure model' '_pdbx_struct_conn_angle.ptnr1_auth_seq_id'   
5  3 'Structure model' '_pdbx_struct_conn_angle.ptnr1_label_asym_id' 
6  3 'Structure model' '_pdbx_struct_conn_angle.ptnr1_label_atom_id' 
7  3 'Structure model' '_pdbx_struct_conn_angle.ptnr1_label_comp_id' 
8  3 'Structure model' '_pdbx_struct_conn_angle.ptnr1_label_seq_id'  
9  3 'Structure model' '_pdbx_struct_conn_angle.ptnr3_auth_comp_id'  
10 3 'Structure model' '_pdbx_struct_conn_angle.ptnr3_auth_seq_id'   
11 3 'Structure model' '_pdbx_struct_conn_angle.ptnr3_label_asym_id' 
12 3 'Structure model' '_pdbx_struct_conn_angle.ptnr3_label_atom_id' 
13 3 'Structure model' '_pdbx_struct_conn_angle.ptnr3_label_comp_id' 
14 3 'Structure model' '_pdbx_struct_conn_angle.ptnr3_label_seq_id'  
15 3 'Structure model' '_pdbx_struct_conn_angle.value'               
16 3 'Structure model' '_struct_conn.pdbx_dist_value'                
17 3 'Structure model' '_struct_conn.ptnr1_auth_comp_id'             
18 3 'Structure model' '_struct_conn.ptnr1_auth_seq_id'              
19 3 'Structure model' '_struct_conn.ptnr1_label_asym_id'            
20 3 'Structure model' '_struct_conn.ptnr1_label_atom_id'            
21 3 'Structure model' '_struct_conn.ptnr1_label_comp_id'            
22 3 'Structure model' '_struct_conn.ptnr1_label_seq_id'             
23 3 'Structure model' '_struct_conn.ptnr2_auth_comp_id'             
24 3 'Structure model' '_struct_conn.ptnr2_auth_seq_id'              
25 3 'Structure model' '_struct_conn.ptnr2_label_asym_id'            
26 3 'Structure model' '_struct_conn.ptnr2_label_atom_id'            
27 3 'Structure model' '_struct_conn.ptnr2_label_comp_id'            
28 3 'Structure model' '_struct_ref_seq_dif.details'                 
29 3 'Structure model' '_struct_site.pdbx_auth_asym_id'              
30 3 'Structure model' '_struct_site.pdbx_auth_comp_id'              
31 3 'Structure model' '_struct_site.pdbx_auth_seq_id'               
# 
loop_
_software.name 
_software.classification 
_software.version 
_software.citation_id 
_software.pdbx_ordinal 
'PROTEUM PLUS' 'data collection' PLUS     ? 1 
MOLREP         phasing           .        ? 2 
REFMAC         refinement        5.6.0119 ? 3 
HKL-2000       'data reduction'  .        ? 4 
HKL-2000       'data scaling'    .        ? 5 
# 
_pdbx_entry_details.entry_id                 4EPW 
_pdbx_entry_details.nonpolymer_details       ? 
_pdbx_entry_details.sequence_details         'THE CRYSTALLIZED SEQUENCE CORRESPONDS TO UNP P01116-2 OF ISOFORM 2B OF GTPASE KRAS' 
_pdbx_entry_details.compound_details         ? 
_pdbx_entry_details.source_details           ? 
_pdbx_entry_details.has_ligand_of_interest   ? 
# 
_pdbx_validate_rmsd_bond.id                        1 
_pdbx_validate_rmsd_bond.PDB_model_num             1 
_pdbx_validate_rmsd_bond.auth_atom_id_1            CB 
_pdbx_validate_rmsd_bond.auth_asym_id_1            A 
_pdbx_validate_rmsd_bond.auth_comp_id_1            SER 
_pdbx_validate_rmsd_bond.auth_seq_id_1             122 
_pdbx_validate_rmsd_bond.PDB_ins_code_1            ? 
_pdbx_validate_rmsd_bond.label_alt_id_1            ? 
_pdbx_validate_rmsd_bond.auth_atom_id_2            OG 
_pdbx_validate_rmsd_bond.auth_asym_id_2            A 
_pdbx_validate_rmsd_bond.auth_comp_id_2            SER 
_pdbx_validate_rmsd_bond.auth_seq_id_2             122 
_pdbx_validate_rmsd_bond.PDB_ins_code_2            ? 
_pdbx_validate_rmsd_bond.label_alt_id_2            ? 
_pdbx_validate_rmsd_bond.bond_value                1.316 
_pdbx_validate_rmsd_bond.bond_target_value         1.418 
_pdbx_validate_rmsd_bond.bond_deviation            -0.102 
_pdbx_validate_rmsd_bond.bond_standard_deviation   0.013 
_pdbx_validate_rmsd_bond.linker_flag               N 
# 
loop_
_pdbx_validate_rmsd_angle.id 
_pdbx_validate_rmsd_angle.PDB_model_num 
_pdbx_validate_rmsd_angle.auth_atom_id_1 
_pdbx_validate_rmsd_angle.auth_asym_id_1 
_pdbx_validate_rmsd_angle.auth_comp_id_1 
_pdbx_validate_rmsd_angle.auth_seq_id_1 
_pdbx_validate_rmsd_angle.PDB_ins_code_1 
_pdbx_validate_rmsd_angle.label_alt_id_1 
_pdbx_validate_rmsd_angle.auth_atom_id_2 
_pdbx_validate_rmsd_angle.auth_asym_id_2 
_pdbx_validate_rmsd_angle.auth_comp_id_2 
_pdbx_validate_rmsd_angle.auth_seq_id_2 
_pdbx_validate_rmsd_angle.PDB_ins_code_2 
_pdbx_validate_rmsd_angle.label_alt_id_2 
_pdbx_validate_rmsd_angle.auth_atom_id_3 
_pdbx_validate_rmsd_angle.auth_asym_id_3 
_pdbx_validate_rmsd_angle.auth_comp_id_3 
_pdbx_validate_rmsd_angle.auth_seq_id_3 
_pdbx_validate_rmsd_angle.PDB_ins_code_3 
_pdbx_validate_rmsd_angle.label_alt_id_3 
_pdbx_validate_rmsd_angle.angle_value 
_pdbx_validate_rmsd_angle.angle_target_value 
_pdbx_validate_rmsd_angle.angle_deviation 
_pdbx_validate_rmsd_angle.angle_standard_deviation 
_pdbx_validate_rmsd_angle.linker_flag 
1 1 NE A ARG 41 ? ? CZ A ARG 41 ? ? NH1 A ARG 41 ? ? 124.21 120.30 3.91  0.50 N 
2 1 NE A ARG 41 ? ? CZ A ARG 41 ? ? NH2 A ARG 41 ? ? 114.72 120.30 -5.58 0.50 N 
# 
loop_
_pdbx_validate_torsion.id 
_pdbx_validate_torsion.PDB_model_num 
_pdbx_validate_torsion.auth_comp_id 
_pdbx_validate_torsion.auth_asym_id 
_pdbx_validate_torsion.auth_seq_id 
_pdbx_validate_torsion.PDB_ins_code 
_pdbx_validate_torsion.label_alt_id 
_pdbx_validate_torsion.phi 
_pdbx_validate_torsion.psi 
1 1 ASP A 33  ? ? -38.73  119.30 
2 1 ASP A 108 ? ? -118.50 74.52  
3 1 LYS A 117 ? ? 74.12   32.68  
4 1 ARG A 149 ? ? 74.28   -4.75  
# 
loop_
_chem_comp_atom.comp_id 
_chem_comp_atom.atom_id 
_chem_comp_atom.type_symbol 
_chem_comp_atom.pdbx_aromatic_flag 
_chem_comp_atom.pdbx_stereo_config 
_chem_comp_atom.pdbx_ordinal 
0QV CAJ    C  N N 1   
0QV CAH    C  N N 2   
0QV CAQ    C  N N 3   
0QV OAA    O  N N 4   
0QV CAI    C  N N 5   
0QV CAK    C  N N 6   
0QV NAR    N  N N 7   
0QV CAM    C  N N 8   
0QV SAB    S  N N 9   
0QV CAN    C  Y N 10  
0QV CAP    C  Y N 11  
0QV CAF    C  Y N 12  
0QV CAD    C  Y N 13  
0QV CAC    C  Y N 14  
0QV CAE    C  Y N 15  
0QV CAO    C  Y N 16  
0QV NAL    N  Y N 17  
0QV CAG    C  Y N 18  
0QV H1     H  N N 19  
0QV H2     H  N N 20  
0QV H3     H  N N 21  
0QV H4     H  N N 22  
0QV H5     H  N N 23  
0QV H6     H  N N 24  
0QV H7     H  N N 25  
0QV H8     H  N N 26  
0QV H9     H  N N 27  
0QV H10    H  N N 28  
0QV H11    H  N N 29  
0QV H12    H  N N 30  
0QV H13    H  N N 31  
0QV H14    H  N N 32  
0QV H15    H  N N 33  
0QV H16    H  N N 34  
ALA N      N  N N 35  
ALA CA     C  N S 36  
ALA C      C  N N 37  
ALA O      O  N N 38  
ALA CB     C  N N 39  
ALA OXT    O  N N 40  
ALA H      H  N N 41  
ALA H2     H  N N 42  
ALA HA     H  N N 43  
ALA HB1    H  N N 44  
ALA HB2    H  N N 45  
ALA HB3    H  N N 46  
ALA HXT    H  N N 47  
ARG N      N  N N 48  
ARG CA     C  N S 49  
ARG C      C  N N 50  
ARG O      O  N N 51  
ARG CB     C  N N 52  
ARG CG     C  N N 53  
ARG CD     C  N N 54  
ARG NE     N  N N 55  
ARG CZ     C  N N 56  
ARG NH1    N  N N 57  
ARG NH2    N  N N 58  
ARG OXT    O  N N 59  
ARG H      H  N N 60  
ARG H2     H  N N 61  
ARG HA     H  N N 62  
ARG HB2    H  N N 63  
ARG HB3    H  N N 64  
ARG HG2    H  N N 65  
ARG HG3    H  N N 66  
ARG HD2    H  N N 67  
ARG HD3    H  N N 68  
ARG HE     H  N N 69  
ARG HH11   H  N N 70  
ARG HH12   H  N N 71  
ARG HH21   H  N N 72  
ARG HH22   H  N N 73  
ARG HXT    H  N N 74  
ASN N      N  N N 75  
ASN CA     C  N S 76  
ASN C      C  N N 77  
ASN O      O  N N 78  
ASN CB     C  N N 79  
ASN CG     C  N N 80  
ASN OD1    O  N N 81  
ASN ND2    N  N N 82  
ASN OXT    O  N N 83  
ASN H      H  N N 84  
ASN H2     H  N N 85  
ASN HA     H  N N 86  
ASN HB2    H  N N 87  
ASN HB3    H  N N 88  
ASN HD21   H  N N 89  
ASN HD22   H  N N 90  
ASN HXT    H  N N 91  
ASP N      N  N N 92  
ASP CA     C  N S 93  
ASP C      C  N N 94  
ASP O      O  N N 95  
ASP CB     C  N N 96  
ASP CG     C  N N 97  
ASP OD1    O  N N 98  
ASP OD2    O  N N 99  
ASP OXT    O  N N 100 
ASP H      H  N N 101 
ASP H2     H  N N 102 
ASP HA     H  N N 103 
ASP HB2    H  N N 104 
ASP HB3    H  N N 105 
ASP HD2    H  N N 106 
ASP HXT    H  N N 107 
CYS N      N  N N 108 
CYS CA     C  N R 109 
CYS C      C  N N 110 
CYS O      O  N N 111 
CYS CB     C  N N 112 
CYS SG     S  N N 113 
CYS OXT    O  N N 114 
CYS H      H  N N 115 
CYS H2     H  N N 116 
CYS HA     H  N N 117 
CYS HB2    H  N N 118 
CYS HB3    H  N N 119 
CYS HG     H  N N 120 
CYS HXT    H  N N 121 
GDP PB     P  N N 122 
GDP O1B    O  N N 123 
GDP O2B    O  N N 124 
GDP O3B    O  N N 125 
GDP O3A    O  N N 126 
GDP PA     P  N N 127 
GDP O1A    O  N N 128 
GDP O2A    O  N N 129 
GDP "O5'"  O  N N 130 
GDP "C5'"  C  N N 131 
GDP "C4'"  C  N R 132 
GDP "O4'"  O  N N 133 
GDP "C3'"  C  N S 134 
GDP "O3'"  O  N N 135 
GDP "C2'"  C  N R 136 
GDP "O2'"  O  N N 137 
GDP "C1'"  C  N R 138 
GDP N9     N  Y N 139 
GDP C8     C  Y N 140 
GDP N7     N  Y N 141 
GDP C5     C  Y N 142 
GDP C6     C  N N 143 
GDP O6     O  N N 144 
GDP N1     N  N N 145 
GDP C2     C  N N 146 
GDP N2     N  N N 147 
GDP N3     N  N N 148 
GDP C4     C  Y N 149 
GDP HOB2   H  N N 150 
GDP HOB3   H  N N 151 
GDP HOA2   H  N N 152 
GDP "H5'"  H  N N 153 
GDP "H5''" H  N N 154 
GDP "H4'"  H  N N 155 
GDP "H3'"  H  N N 156 
GDP "HO3'" H  N N 157 
GDP "H2'"  H  N N 158 
GDP "HO2'" H  N N 159 
GDP "H1'"  H  N N 160 
GDP H8     H  N N 161 
GDP HN1    H  N N 162 
GDP HN21   H  N N 163 
GDP HN22   H  N N 164 
GLN N      N  N N 165 
GLN CA     C  N S 166 
GLN C      C  N N 167 
GLN O      O  N N 168 
GLN CB     C  N N 169 
GLN CG     C  N N 170 
GLN CD     C  N N 171 
GLN OE1    O  N N 172 
GLN NE2    N  N N 173 
GLN OXT    O  N N 174 
GLN H      H  N N 175 
GLN H2     H  N N 176 
GLN HA     H  N N 177 
GLN HB2    H  N N 178 
GLN HB3    H  N N 179 
GLN HG2    H  N N 180 
GLN HG3    H  N N 181 
GLN HE21   H  N N 182 
GLN HE22   H  N N 183 
GLN HXT    H  N N 184 
GLU N      N  N N 185 
GLU CA     C  N S 186 
GLU C      C  N N 187 
GLU O      O  N N 188 
GLU CB     C  N N 189 
GLU CG     C  N N 190 
GLU CD     C  N N 191 
GLU OE1    O  N N 192 
GLU OE2    O  N N 193 
GLU OXT    O  N N 194 
GLU H      H  N N 195 
GLU H2     H  N N 196 
GLU HA     H  N N 197 
GLU HB2    H  N N 198 
GLU HB3    H  N N 199 
GLU HG2    H  N N 200 
GLU HG3    H  N N 201 
GLU HE2    H  N N 202 
GLU HXT    H  N N 203 
GLY N      N  N N 204 
GLY CA     C  N N 205 
GLY C      C  N N 206 
GLY O      O  N N 207 
GLY OXT    O  N N 208 
GLY H      H  N N 209 
GLY H2     H  N N 210 
GLY HA2    H  N N 211 
GLY HA3    H  N N 212 
GLY HXT    H  N N 213 
HIS N      N  N N 214 
HIS CA     C  N S 215 
HIS C      C  N N 216 
HIS O      O  N N 217 
HIS CB     C  N N 218 
HIS CG     C  Y N 219 
HIS ND1    N  Y N 220 
HIS CD2    C  Y N 221 
HIS CE1    C  Y N 222 
HIS NE2    N  Y N 223 
HIS OXT    O  N N 224 
HIS H      H  N N 225 
HIS H2     H  N N 226 
HIS HA     H  N N 227 
HIS HB2    H  N N 228 
HIS HB3    H  N N 229 
HIS HD1    H  N N 230 
HIS HD2    H  N N 231 
HIS HE1    H  N N 232 
HIS HE2    H  N N 233 
HIS HXT    H  N N 234 
HOH O      O  N N 235 
HOH H1     H  N N 236 
HOH H2     H  N N 237 
ILE N      N  N N 238 
ILE CA     C  N S 239 
ILE C      C  N N 240 
ILE O      O  N N 241 
ILE CB     C  N S 242 
ILE CG1    C  N N 243 
ILE CG2    C  N N 244 
ILE CD1    C  N N 245 
ILE OXT    O  N N 246 
ILE H      H  N N 247 
ILE H2     H  N N 248 
ILE HA     H  N N 249 
ILE HB     H  N N 250 
ILE HG12   H  N N 251 
ILE HG13   H  N N 252 
ILE HG21   H  N N 253 
ILE HG22   H  N N 254 
ILE HG23   H  N N 255 
ILE HD11   H  N N 256 
ILE HD12   H  N N 257 
ILE HD13   H  N N 258 
ILE HXT    H  N N 259 
LEU N      N  N N 260 
LEU CA     C  N S 261 
LEU C      C  N N 262 
LEU O      O  N N 263 
LEU CB     C  N N 264 
LEU CG     C  N N 265 
LEU CD1    C  N N 266 
LEU CD2    C  N N 267 
LEU OXT    O  N N 268 
LEU H      H  N N 269 
LEU H2     H  N N 270 
LEU HA     H  N N 271 
LEU HB2    H  N N 272 
LEU HB3    H  N N 273 
LEU HG     H  N N 274 
LEU HD11   H  N N 275 
LEU HD12   H  N N 276 
LEU HD13   H  N N 277 
LEU HD21   H  N N 278 
LEU HD22   H  N N 279 
LEU HD23   H  N N 280 
LEU HXT    H  N N 281 
LYS N      N  N N 282 
LYS CA     C  N S 283 
LYS C      C  N N 284 
LYS O      O  N N 285 
LYS CB     C  N N 286 
LYS CG     C  N N 287 
LYS CD     C  N N 288 
LYS CE     C  N N 289 
LYS NZ     N  N N 290 
LYS OXT    O  N N 291 
LYS H      H  N N 292 
LYS H2     H  N N 293 
LYS HA     H  N N 294 
LYS HB2    H  N N 295 
LYS HB3    H  N N 296 
LYS HG2    H  N N 297 
LYS HG3    H  N N 298 
LYS HD2    H  N N 299 
LYS HD3    H  N N 300 
LYS HE2    H  N N 301 
LYS HE3    H  N N 302 
LYS HZ1    H  N N 303 
LYS HZ2    H  N N 304 
LYS HZ3    H  N N 305 
LYS HXT    H  N N 306 
MET N      N  N N 307 
MET CA     C  N S 308 
MET C      C  N N 309 
MET O      O  N N 310 
MET CB     C  N N 311 
MET CG     C  N N 312 
MET SD     S  N N 313 
MET CE     C  N N 314 
MET OXT    O  N N 315 
MET H      H  N N 316 
MET H2     H  N N 317 
MET HA     H  N N 318 
MET HB2    H  N N 319 
MET HB3    H  N N 320 
MET HG2    H  N N 321 
MET HG3    H  N N 322 
MET HE1    H  N N 323 
MET HE2    H  N N 324 
MET HE3    H  N N 325 
MET HXT    H  N N 326 
MG  MG     MG N N 327 
PHE N      N  N N 328 
PHE CA     C  N S 329 
PHE C      C  N N 330 
PHE O      O  N N 331 
PHE CB     C  N N 332 
PHE CG     C  Y N 333 
PHE CD1    C  Y N 334 
PHE CD2    C  Y N 335 
PHE CE1    C  Y N 336 
PHE CE2    C  Y N 337 
PHE CZ     C  Y N 338 
PHE OXT    O  N N 339 
PHE H      H  N N 340 
PHE H2     H  N N 341 
PHE HA     H  N N 342 
PHE HB2    H  N N 343 
PHE HB3    H  N N 344 
PHE HD1    H  N N 345 
PHE HD2    H  N N 346 
PHE HE1    H  N N 347 
PHE HE2    H  N N 348 
PHE HZ     H  N N 349 
PHE HXT    H  N N 350 
PRO N      N  N N 351 
PRO CA     C  N S 352 
PRO C      C  N N 353 
PRO O      O  N N 354 
PRO CB     C  N N 355 
PRO CG     C  N N 356 
PRO CD     C  N N 357 
PRO OXT    O  N N 358 
PRO H      H  N N 359 
PRO HA     H  N N 360 
PRO HB2    H  N N 361 
PRO HB3    H  N N 362 
PRO HG2    H  N N 363 
PRO HG3    H  N N 364 
PRO HD2    H  N N 365 
PRO HD3    H  N N 366 
PRO HXT    H  N N 367 
SER N      N  N N 368 
SER CA     C  N S 369 
SER C      C  N N 370 
SER O      O  N N 371 
SER CB     C  N N 372 
SER OG     O  N N 373 
SER OXT    O  N N 374 
SER H      H  N N 375 
SER H2     H  N N 376 
SER HA     H  N N 377 
SER HB2    H  N N 378 
SER HB3    H  N N 379 
SER HG     H  N N 380 
SER HXT    H  N N 381 
THR N      N  N N 382 
THR CA     C  N S 383 
THR C      C  N N 384 
THR O      O  N N 385 
THR CB     C  N R 386 
THR OG1    O  N N 387 
THR CG2    C  N N 388 
THR OXT    O  N N 389 
THR H      H  N N 390 
THR H2     H  N N 391 
THR HA     H  N N 392 
THR HB     H  N N 393 
THR HG1    H  N N 394 
THR HG21   H  N N 395 
THR HG22   H  N N 396 
THR HG23   H  N N 397 
THR HXT    H  N N 398 
TYR N      N  N N 399 
TYR CA     C  N S 400 
TYR C      C  N N 401 
TYR O      O  N N 402 
TYR CB     C  N N 403 
TYR CG     C  Y N 404 
TYR CD1    C  Y N 405 
TYR CD2    C  Y N 406 
TYR CE1    C  Y N 407 
TYR CE2    C  Y N 408 
TYR CZ     C  Y N 409 
TYR OH     O  N N 410 
TYR OXT    O  N N 411 
TYR H      H  N N 412 
TYR H2     H  N N 413 
TYR HA     H  N N 414 
TYR HB2    H  N N 415 
TYR HB3    H  N N 416 
TYR HD1    H  N N 417 
TYR HD2    H  N N 418 
TYR HE1    H  N N 419 
TYR HE2    H  N N 420 
TYR HH     H  N N 421 
TYR HXT    H  N N 422 
VAL N      N  N N 423 
VAL CA     C  N S 424 
VAL C      C  N N 425 
VAL O      O  N N 426 
VAL CB     C  N N 427 
VAL CG1    C  N N 428 
VAL CG2    C  N N 429 
VAL OXT    O  N N 430 
VAL H      H  N N 431 
VAL H2     H  N N 432 
VAL HA     H  N N 433 
VAL HB     H  N N 434 
VAL HG11   H  N N 435 
VAL HG12   H  N N 436 
VAL HG13   H  N N 437 
VAL HG21   H  N N 438 
VAL HG22   H  N N 439 
VAL HG23   H  N N 440 
VAL HXT    H  N N 441 
# 
loop_
_chem_comp_bond.comp_id 
_chem_comp_bond.atom_id_1 
_chem_comp_bond.atom_id_2 
_chem_comp_bond.value_order 
_chem_comp_bond.pdbx_aromatic_flag 
_chem_comp_bond.pdbx_stereo_config 
_chem_comp_bond.pdbx_ordinal 
0QV OAA   CAQ    sing N N 1   
0QV CAQ   CAI    sing N N 2   
0QV CAQ   CAH    sing N N 3   
0QV CAI   CAK    sing N N 4   
0QV CAH   CAJ    sing N N 5   
0QV CAK   NAR    sing N N 6   
0QV CAJ   NAR    sing N N 7   
0QV NAR   CAM    sing N N 8   
0QV SAB   CAM    doub N N 9   
0QV CAM   CAN    sing N N 10  
0QV CAN   CAP    sing Y N 11  
0QV CAN   CAG    doub Y N 12  
0QV CAF   CAP    doub Y N 13  
0QV CAF   CAD    sing Y N 14  
0QV CAP   CAO    sing Y N 15  
0QV CAG   NAL    sing Y N 16  
0QV CAD   CAC    doub Y N 17  
0QV CAO   NAL    sing Y N 18  
0QV CAO   CAE    doub Y N 19  
0QV CAC   CAE    sing Y N 20  
0QV CAJ   H1     sing N N 21  
0QV CAJ   H2     sing N N 22  
0QV CAH   H3     sing N N 23  
0QV CAH   H4     sing N N 24  
0QV CAQ   H5     sing N N 25  
0QV OAA   H6     sing N N 26  
0QV CAI   H7     sing N N 27  
0QV CAI   H8     sing N N 28  
0QV CAK   H9     sing N N 29  
0QV CAK   H10    sing N N 30  
0QV CAF   H11    sing N N 31  
0QV CAD   H12    sing N N 32  
0QV CAC   H13    sing N N 33  
0QV CAE   H14    sing N N 34  
0QV NAL   H15    sing N N 35  
0QV CAG   H16    sing N N 36  
ALA N     CA     sing N N 37  
ALA N     H      sing N N 38  
ALA N     H2     sing N N 39  
ALA CA    C      sing N N 40  
ALA CA    CB     sing N N 41  
ALA CA    HA     sing N N 42  
ALA C     O      doub N N 43  
ALA C     OXT    sing N N 44  
ALA CB    HB1    sing N N 45  
ALA CB    HB2    sing N N 46  
ALA CB    HB3    sing N N 47  
ALA OXT   HXT    sing N N 48  
ARG N     CA     sing N N 49  
ARG N     H      sing N N 50  
ARG N     H2     sing N N 51  
ARG CA    C      sing N N 52  
ARG CA    CB     sing N N 53  
ARG CA    HA     sing N N 54  
ARG C     O      doub N N 55  
ARG C     OXT    sing N N 56  
ARG CB    CG     sing N N 57  
ARG CB    HB2    sing N N 58  
ARG CB    HB3    sing N N 59  
ARG CG    CD     sing N N 60  
ARG CG    HG2    sing N N 61  
ARG CG    HG3    sing N N 62  
ARG CD    NE     sing N N 63  
ARG CD    HD2    sing N N 64  
ARG CD    HD3    sing N N 65  
ARG NE    CZ     sing N N 66  
ARG NE    HE     sing N N 67  
ARG CZ    NH1    sing N N 68  
ARG CZ    NH2    doub N N 69  
ARG NH1   HH11   sing N N 70  
ARG NH1   HH12   sing N N 71  
ARG NH2   HH21   sing N N 72  
ARG NH2   HH22   sing N N 73  
ARG OXT   HXT    sing N N 74  
ASN N     CA     sing N N 75  
ASN N     H      sing N N 76  
ASN N     H2     sing N N 77  
ASN CA    C      sing N N 78  
ASN CA    CB     sing N N 79  
ASN CA    HA     sing N N 80  
ASN C     O      doub N N 81  
ASN C     OXT    sing N N 82  
ASN CB    CG     sing N N 83  
ASN CB    HB2    sing N N 84  
ASN CB    HB3    sing N N 85  
ASN CG    OD1    doub N N 86  
ASN CG    ND2    sing N N 87  
ASN ND2   HD21   sing N N 88  
ASN ND2   HD22   sing N N 89  
ASN OXT   HXT    sing N N 90  
ASP N     CA     sing N N 91  
ASP N     H      sing N N 92  
ASP N     H2     sing N N 93  
ASP CA    C      sing N N 94  
ASP CA    CB     sing N N 95  
ASP CA    HA     sing N N 96  
ASP C     O      doub N N 97  
ASP C     OXT    sing N N 98  
ASP CB    CG     sing N N 99  
ASP CB    HB2    sing N N 100 
ASP CB    HB3    sing N N 101 
ASP CG    OD1    doub N N 102 
ASP CG    OD2    sing N N 103 
ASP OD2   HD2    sing N N 104 
ASP OXT   HXT    sing N N 105 
CYS N     CA     sing N N 106 
CYS N     H      sing N N 107 
CYS N     H2     sing N N 108 
CYS CA    C      sing N N 109 
CYS CA    CB     sing N N 110 
CYS CA    HA     sing N N 111 
CYS C     O      doub N N 112 
CYS C     OXT    sing N N 113 
CYS CB    SG     sing N N 114 
CYS CB    HB2    sing N N 115 
CYS CB    HB3    sing N N 116 
CYS SG    HG     sing N N 117 
CYS OXT   HXT    sing N N 118 
GDP PB    O1B    doub N N 119 
GDP PB    O2B    sing N N 120 
GDP PB    O3B    sing N N 121 
GDP PB    O3A    sing N N 122 
GDP O2B   HOB2   sing N N 123 
GDP O3B   HOB3   sing N N 124 
GDP O3A   PA     sing N N 125 
GDP PA    O1A    doub N N 126 
GDP PA    O2A    sing N N 127 
GDP PA    "O5'"  sing N N 128 
GDP O2A   HOA2   sing N N 129 
GDP "O5'" "C5'"  sing N N 130 
GDP "C5'" "C4'"  sing N N 131 
GDP "C5'" "H5'"  sing N N 132 
GDP "C5'" "H5''" sing N N 133 
GDP "C4'" "O4'"  sing N N 134 
GDP "C4'" "C3'"  sing N N 135 
GDP "C4'" "H4'"  sing N N 136 
GDP "O4'" "C1'"  sing N N 137 
GDP "C3'" "O3'"  sing N N 138 
GDP "C3'" "C2'"  sing N N 139 
GDP "C3'" "H3'"  sing N N 140 
GDP "O3'" "HO3'" sing N N 141 
GDP "C2'" "O2'"  sing N N 142 
GDP "C2'" "C1'"  sing N N 143 
GDP "C2'" "H2'"  sing N N 144 
GDP "O2'" "HO2'" sing N N 145 
GDP "C1'" N9     sing N N 146 
GDP "C1'" "H1'"  sing N N 147 
GDP N9    C8     sing Y N 148 
GDP N9    C4     sing Y N 149 
GDP C8    N7     doub Y N 150 
GDP C8    H8     sing N N 151 
GDP N7    C5     sing Y N 152 
GDP C5    C6     sing N N 153 
GDP C5    C4     doub Y N 154 
GDP C6    O6     doub N N 155 
GDP C6    N1     sing N N 156 
GDP N1    C2     sing N N 157 
GDP N1    HN1    sing N N 158 
GDP C2    N2     sing N N 159 
GDP C2    N3     doub N N 160 
GDP N2    HN21   sing N N 161 
GDP N2    HN22   sing N N 162 
GDP N3    C4     sing N N 163 
GLN N     CA     sing N N 164 
GLN N     H      sing N N 165 
GLN N     H2     sing N N 166 
GLN CA    C      sing N N 167 
GLN CA    CB     sing N N 168 
GLN CA    HA     sing N N 169 
GLN C     O      doub N N 170 
GLN C     OXT    sing N N 171 
GLN CB    CG     sing N N 172 
GLN CB    HB2    sing N N 173 
GLN CB    HB3    sing N N 174 
GLN CG    CD     sing N N 175 
GLN CG    HG2    sing N N 176 
GLN CG    HG3    sing N N 177 
GLN CD    OE1    doub N N 178 
GLN CD    NE2    sing N N 179 
GLN NE2   HE21   sing N N 180 
GLN NE2   HE22   sing N N 181 
GLN OXT   HXT    sing N N 182 
GLU N     CA     sing N N 183 
GLU N     H      sing N N 184 
GLU N     H2     sing N N 185 
GLU CA    C      sing N N 186 
GLU CA    CB     sing N N 187 
GLU CA    HA     sing N N 188 
GLU C     O      doub N N 189 
GLU C     OXT    sing N N 190 
GLU CB    CG     sing N N 191 
GLU CB    HB2    sing N N 192 
GLU CB    HB3    sing N N 193 
GLU CG    CD     sing N N 194 
GLU CG    HG2    sing N N 195 
GLU CG    HG3    sing N N 196 
GLU CD    OE1    doub N N 197 
GLU CD    OE2    sing N N 198 
GLU OE2   HE2    sing N N 199 
GLU OXT   HXT    sing N N 200 
GLY N     CA     sing N N 201 
GLY N     H      sing N N 202 
GLY N     H2     sing N N 203 
GLY CA    C      sing N N 204 
GLY CA    HA2    sing N N 205 
GLY CA    HA3    sing N N 206 
GLY C     O      doub N N 207 
GLY C     OXT    sing N N 208 
GLY OXT   HXT    sing N N 209 
HIS N     CA     sing N N 210 
HIS N     H      sing N N 211 
HIS N     H2     sing N N 212 
HIS CA    C      sing N N 213 
HIS CA    CB     sing N N 214 
HIS CA    HA     sing N N 215 
HIS C     O      doub N N 216 
HIS C     OXT    sing N N 217 
HIS CB    CG     sing N N 218 
HIS CB    HB2    sing N N 219 
HIS CB    HB3    sing N N 220 
HIS CG    ND1    sing Y N 221 
HIS CG    CD2    doub Y N 222 
HIS ND1   CE1    doub Y N 223 
HIS ND1   HD1    sing N N 224 
HIS CD2   NE2    sing Y N 225 
HIS CD2   HD2    sing N N 226 
HIS CE1   NE2    sing Y N 227 
HIS CE1   HE1    sing N N 228 
HIS NE2   HE2    sing N N 229 
HIS OXT   HXT    sing N N 230 
HOH O     H1     sing N N 231 
HOH O     H2     sing N N 232 
ILE N     CA     sing N N 233 
ILE N     H      sing N N 234 
ILE N     H2     sing N N 235 
ILE CA    C      sing N N 236 
ILE CA    CB     sing N N 237 
ILE CA    HA     sing N N 238 
ILE C     O      doub N N 239 
ILE C     OXT    sing N N 240 
ILE CB    CG1    sing N N 241 
ILE CB    CG2    sing N N 242 
ILE CB    HB     sing N N 243 
ILE CG1   CD1    sing N N 244 
ILE CG1   HG12   sing N N 245 
ILE CG1   HG13   sing N N 246 
ILE CG2   HG21   sing N N 247 
ILE CG2   HG22   sing N N 248 
ILE CG2   HG23   sing N N 249 
ILE CD1   HD11   sing N N 250 
ILE CD1   HD12   sing N N 251 
ILE CD1   HD13   sing N N 252 
ILE OXT   HXT    sing N N 253 
LEU N     CA     sing N N 254 
LEU N     H      sing N N 255 
LEU N     H2     sing N N 256 
LEU CA    C      sing N N 257 
LEU CA    CB     sing N N 258 
LEU CA    HA     sing N N 259 
LEU C     O      doub N N 260 
LEU C     OXT    sing N N 261 
LEU CB    CG     sing N N 262 
LEU CB    HB2    sing N N 263 
LEU CB    HB3    sing N N 264 
LEU CG    CD1    sing N N 265 
LEU CG    CD2    sing N N 266 
LEU CG    HG     sing N N 267 
LEU CD1   HD11   sing N N 268 
LEU CD1   HD12   sing N N 269 
LEU CD1   HD13   sing N N 270 
LEU CD2   HD21   sing N N 271 
LEU CD2   HD22   sing N N 272 
LEU CD2   HD23   sing N N 273 
LEU OXT   HXT    sing N N 274 
LYS N     CA     sing N N 275 
LYS N     H      sing N N 276 
LYS N     H2     sing N N 277 
LYS CA    C      sing N N 278 
LYS CA    CB     sing N N 279 
LYS CA    HA     sing N N 280 
LYS C     O      doub N N 281 
LYS C     OXT    sing N N 282 
LYS CB    CG     sing N N 283 
LYS CB    HB2    sing N N 284 
LYS CB    HB3    sing N N 285 
LYS CG    CD     sing N N 286 
LYS CG    HG2    sing N N 287 
LYS CG    HG3    sing N N 288 
LYS CD    CE     sing N N 289 
LYS CD    HD2    sing N N 290 
LYS CD    HD3    sing N N 291 
LYS CE    NZ     sing N N 292 
LYS CE    HE2    sing N N 293 
LYS CE    HE3    sing N N 294 
LYS NZ    HZ1    sing N N 295 
LYS NZ    HZ2    sing N N 296 
LYS NZ    HZ3    sing N N 297 
LYS OXT   HXT    sing N N 298 
MET N     CA     sing N N 299 
MET N     H      sing N N 300 
MET N     H2     sing N N 301 
MET CA    C      sing N N 302 
MET CA    CB     sing N N 303 
MET CA    HA     sing N N 304 
MET C     O      doub N N 305 
MET C     OXT    sing N N 306 
MET CB    CG     sing N N 307 
MET CB    HB2    sing N N 308 
MET CB    HB3    sing N N 309 
MET CG    SD     sing N N 310 
MET CG    HG2    sing N N 311 
MET CG    HG3    sing N N 312 
MET SD    CE     sing N N 313 
MET CE    HE1    sing N N 314 
MET CE    HE2    sing N N 315 
MET CE    HE3    sing N N 316 
MET OXT   HXT    sing N N 317 
PHE N     CA     sing N N 318 
PHE N     H      sing N N 319 
PHE N     H2     sing N N 320 
PHE CA    C      sing N N 321 
PHE CA    CB     sing N N 322 
PHE CA    HA     sing N N 323 
PHE C     O      doub N N 324 
PHE C     OXT    sing N N 325 
PHE CB    CG     sing N N 326 
PHE CB    HB2    sing N N 327 
PHE CB    HB3    sing N N 328 
PHE CG    CD1    doub Y N 329 
PHE CG    CD2    sing Y N 330 
PHE CD1   CE1    sing Y N 331 
PHE CD1   HD1    sing N N 332 
PHE CD2   CE2    doub Y N 333 
PHE CD2   HD2    sing N N 334 
PHE CE1   CZ     doub Y N 335 
PHE CE1   HE1    sing N N 336 
PHE CE2   CZ     sing Y N 337 
PHE CE2   HE2    sing N N 338 
PHE CZ    HZ     sing N N 339 
PHE OXT   HXT    sing N N 340 
PRO N     CA     sing N N 341 
PRO N     CD     sing N N 342 
PRO N     H      sing N N 343 
PRO CA    C      sing N N 344 
PRO CA    CB     sing N N 345 
PRO CA    HA     sing N N 346 
PRO C     O      doub N N 347 
PRO C     OXT    sing N N 348 
PRO CB    CG     sing N N 349 
PRO CB    HB2    sing N N 350 
PRO CB    HB3    sing N N 351 
PRO CG    CD     sing N N 352 
PRO CG    HG2    sing N N 353 
PRO CG    HG3    sing N N 354 
PRO CD    HD2    sing N N 355 
PRO CD    HD3    sing N N 356 
PRO OXT   HXT    sing N N 357 
SER N     CA     sing N N 358 
SER N     H      sing N N 359 
SER N     H2     sing N N 360 
SER CA    C      sing N N 361 
SER CA    CB     sing N N 362 
SER CA    HA     sing N N 363 
SER C     O      doub N N 364 
SER C     OXT    sing N N 365 
SER CB    OG     sing N N 366 
SER CB    HB2    sing N N 367 
SER CB    HB3    sing N N 368 
SER OG    HG     sing N N 369 
SER OXT   HXT    sing N N 370 
THR N     CA     sing N N 371 
THR N     H      sing N N 372 
THR N     H2     sing N N 373 
THR CA    C      sing N N 374 
THR CA    CB     sing N N 375 
THR CA    HA     sing N N 376 
THR C     O      doub N N 377 
THR C     OXT    sing N N 378 
THR CB    OG1    sing N N 379 
THR CB    CG2    sing N N 380 
THR CB    HB     sing N N 381 
THR OG1   HG1    sing N N 382 
THR CG2   HG21   sing N N 383 
THR CG2   HG22   sing N N 384 
THR CG2   HG23   sing N N 385 
THR OXT   HXT    sing N N 386 
TYR N     CA     sing N N 387 
TYR N     H      sing N N 388 
TYR N     H2     sing N N 389 
TYR CA    C      sing N N 390 
TYR CA    CB     sing N N 391 
TYR CA    HA     sing N N 392 
TYR C     O      doub N N 393 
TYR C     OXT    sing N N 394 
TYR CB    CG     sing N N 395 
TYR CB    HB2    sing N N 396 
TYR CB    HB3    sing N N 397 
TYR CG    CD1    doub Y N 398 
TYR CG    CD2    sing Y N 399 
TYR CD1   CE1    sing Y N 400 
TYR CD1   HD1    sing N N 401 
TYR CD2   CE2    doub Y N 402 
TYR CD2   HD2    sing N N 403 
TYR CE1   CZ     doub Y N 404 
TYR CE1   HE1    sing N N 405 
TYR CE2   CZ     sing Y N 406 
TYR CE2   HE2    sing N N 407 
TYR CZ    OH     sing N N 408 
TYR OH    HH     sing N N 409 
TYR OXT   HXT    sing N N 410 
VAL N     CA     sing N N 411 
VAL N     H      sing N N 412 
VAL N     H2     sing N N 413 
VAL CA    C      sing N N 414 
VAL CA    CB     sing N N 415 
VAL CA    HA     sing N N 416 
VAL C     O      doub N N 417 
VAL C     OXT    sing N N 418 
VAL CB    CG1    sing N N 419 
VAL CB    CG2    sing N N 420 
VAL CB    HB     sing N N 421 
VAL CG1   HG11   sing N N 422 
VAL CG1   HG12   sing N N 423 
VAL CG1   HG13   sing N N 424 
VAL CG2   HG21   sing N N 425 
VAL CG2   HG22   sing N N 426 
VAL CG2   HG23   sing N N 427 
VAL OXT   HXT    sing N N 428 
# 
loop_
_pdbx_entity_nonpoly.entity_id 
_pdbx_entity_nonpoly.name 
_pdbx_entity_nonpoly.comp_id 
2 "GUANOSINE-5'-DIPHOSPHATE"                              GDP 
3 'MAGNESIUM ION'                                         MG  
4 '(4-hydroxypiperidin-1-yl)(1H-indol-3-yl)methanethione' 0QV 
5 water                                                   HOH 
# 
_pdbx_initial_refinement_model.id               1 
_pdbx_initial_refinement_model.entity_id_list   ? 
_pdbx_initial_refinement_model.type             'experimental model' 
_pdbx_initial_refinement_model.source_name      PDB 
_pdbx_initial_refinement_model.accession_code   4EPV 
_pdbx_initial_refinement_model.details          ? 
# 
